data_5QHC
# 
_entry.id   5QHC 
# 
_audit_conform.dict_name       mmcif_pdbx.dic 
_audit_conform.dict_version    5.381 
_audit_conform.dict_location   http://mmcif.pdb.org/dictionaries/ascii/mmcif_pdbx.dic 
# 
loop_
_database_2.database_id 
_database_2.database_code 
_database_2.pdbx_database_accession 
_database_2.pdbx_DOI 
PDB   5QHC         pdb_00005qhc 10.2210/pdb5qhc/pdb 
WWPDB D_1001401949 ?            ?                   
# 
_pdbx_database_status.entry_id                        5QHC 
_pdbx_database_status.status_code                     REL 
_pdbx_database_status.status_code_sf                  REL 
_pdbx_database_status.status_code_mr                  ? 
_pdbx_database_status.status_code_cs                  ? 
_pdbx_database_status.recvd_initial_deposition_date   2018-05-15 
_pdbx_database_status.deposit_site                    RCSB 
_pdbx_database_status.process_site                    RCSB 
_pdbx_database_status.SG_entry                        ? 
_pdbx_database_status.pdb_format_compatible           Y 
_pdbx_database_status.methods_development_category    ? 
_pdbx_database_status.status_code_nmr_data            ? 
# 
loop_
_audit_author.name 
_audit_author.pdbx_ordinal 
_audit_author.identifier_ORCID 
'Krojer, T.'         1  ? 
'Talon, R.'          2  ? 
'Fairhead, M.'       3  ? 
'Diaz Saez, L.'      4  ? 
'Bradley, A.R.'      5  ? 
'Aimon, A.'          6  ? 
'Collins, P.'        7  ? 
'Brandao-Neto, J.'   8  ? 
'Douangamath, A.'    9  ? 
'Ruda, G.F.'         10 ? 
'Szommer, T.'        11 ? 
'Srikannathasan, V.' 12 ? 
'Elkins, J.'         13 ? 
'Spencer, J.'        14 ? 
'London, N.'         15 ? 
'Nelson, A.'         16 ? 
'Brennan, P.E.'      17 ? 
'Huber, K.'          18 ? 
'Bountra, C.'        19 ? 
'Arrowsmith, C.H.'   20 ? 
'Edwards, A.'        21 ? 
'von Delft, F.'      22 ? 
# 
_citation.id                        primary 
_citation.title                     'PanDDA analysis group deposition of models with modelled events (e.g. bound ligands)' 
_citation.journal_abbrev            'To Be Published' 
_citation.journal_volume            ? 
_citation.page_first                ? 
_citation.page_last                 ? 
_citation.year                      ? 
_citation.journal_id_ASTM           ? 
_citation.country                   ? 
_citation.journal_id_ISSN           ? 
_citation.journal_id_CSD            0353 
_citation.book_publisher            ? 
_citation.pdbx_database_id_PubMed   ? 
_citation.pdbx_database_id_DOI      ? 
# 
loop_
_citation_author.citation_id 
_citation_author.name 
_citation_author.identifier_ORCID 
_citation_author.ordinal 
primary 'Krojer, T.'         ? 1  
primary 'Talon, R.'          ? 2  
primary 'Fairhead, M.'       ? 3  
primary 'Diaz Saez, L.'      ? 4  
primary 'Bradley, A.R.'      ? 5  
primary 'Aimon, A.'          ? 6  
primary 'Collins, P.'        ? 7  
primary 'Brandao-Neto, J.'   ? 8  
primary 'Douangamath, A.'    ? 9  
primary 'Ruda, G.F.'         ? 10 
primary 'Szommer, T.'        ? 11 
primary 'Srikannathasan, V.' ? 12 
primary 'Elkins, J.'         ? 13 
primary 'Spencer, J.'        ? 14 
primary 'London, N.'         ? 15 
primary 'Nelson, A.'         ? 16 
primary 'Brennan, P.E.'      ? 17 
primary 'Huber, K.'          ? 18 
primary 'Bountra, C.'        ? 19 
primary 'Arrowsmith, C.H.'   ? 20 
primary 'Edwards, A.'        ? 21 
primary 'von Delft, F.'      ? 22 
# 
_cell.entry_id           5QHC 
_cell.length_a           124.649 
_cell.length_b           124.649 
_cell.length_c           41.069 
_cell.angle_alpha        90.000 
_cell.angle_beta         90.000 
_cell.angle_gamma        120.000 
_cell.Z_PDB              6 
_cell.pdbx_unique_axis   ? 
# 
_symmetry.entry_id                         5QHC 
_symmetry.Int_Tables_number                150 
_symmetry.space_group_name_H-M             'P 3 2 1' 
_symmetry.pdbx_full_space_group_name_H-M   ? 
_symmetry.cell_setting                     ? 
# 
loop_
_entity.id 
_entity.type 
_entity.src_method 
_entity.pdbx_description 
_entity.formula_weight 
_entity.pdbx_number_of_molecules 
_entity.pdbx_ec 
_entity.pdbx_mutation 
_entity.pdbx_fragment 
_entity.details 
1 polymer     man 'Peroxisomal coenzyme A diphosphatase NUDT7'                               22197.600 1   3.6.1.- ? ? ? 
2 non-polymer syn 'ACETATE ION'                                                              59.044    2   ?       ? ? ? 
3 non-polymer syn 'DIMETHYL SULFOXIDE'                                                       78.133    2   ?       ? ? ? 
4 non-polymer syn "1-[3'-(trifluoromethyl)[1,1'-biphenyl]-2-yl]-1,3-dihydro-2H-pyrrol-2-one" 303.278   1   ?       ? ? ? 
5 water       nat water                                                                      18.015    152 ?       ? ? ? 
# 
_entity_name_com.entity_id   1 
_entity_name_com.name        'Nucleoside diphosphate-linked moiety X motif 7,Nudix motif 7' 
# 
_entity_poly.entity_id                      1 
_entity_poly.type                           'polypeptide(L)' 
_entity_poly.nstd_linkage                   no 
_entity_poly.nstd_monomer                   yes 
_entity_poly.pdbx_seq_one_letter_code       
;SMLDDAKARLRKYDIGGKYSHLPYNKYSVLLPLVAKEGKLHLLFTVRSEKLRRAPGEVCFPGGKRDPTDMDDAATALREA
QEEVGLR(HYP)HQVEVV(CSO)CLVPCLIDTDTLITPFVGLIDHNFQAQPNPAEVKDVFLVPLAYFLHPQVHDQHYVTR
LGHRFINHIFEYTNPEDGVTYQIKGMTANLAVLVAFIILEKKPT
;
_entity_poly.pdbx_seq_one_letter_code_can   
;SMLDDAKARLRKYDIGGKYSHLPYNKYSVLLPLVAKEGKLHLLFTVRSEKLRRAPGEVCFPGGKRDPTDMDDAATALREA
QEEVGLRPHQVEVVCCLVPCLIDTDTLITPFVGLIDHNFQAQPNPAEVKDVFLVPLAYFLHPQVHDQHYVTRLGHRFINH
IFEYTNPEDGVTYQIKGMTANLAVLVAFIILEKKPT
;
_entity_poly.pdbx_strand_id                 A 
_entity_poly.pdbx_target_identifier         ? 
# 
loop_
_entity_poly_seq.entity_id 
_entity_poly_seq.num 
_entity_poly_seq.mon_id 
_entity_poly_seq.hetero 
1 1   SER n 
1 2   MET n 
1 3   LEU n 
1 4   ASP n 
1 5   ASP n 
1 6   ALA n 
1 7   LYS n 
1 8   ALA n 
1 9   ARG n 
1 10  LEU n 
1 11  ARG n 
1 12  LYS n 
1 13  TYR n 
1 14  ASP n 
1 15  ILE n 
1 16  GLY n 
1 17  GLY n 
1 18  LYS n 
1 19  TYR n 
1 20  SER n 
1 21  HIS n 
1 22  LEU n 
1 23  PRO n 
1 24  TYR n 
1 25  ASN n 
1 26  LYS n 
1 27  TYR n 
1 28  SER n 
1 29  VAL n 
1 30  LEU n 
1 31  LEU n 
1 32  PRO n 
1 33  LEU n 
1 34  VAL n 
1 35  ALA n 
1 36  LYS n 
1 37  GLU n 
1 38  GLY n 
1 39  LYS n 
1 40  LEU n 
1 41  HIS n 
1 42  LEU n 
1 43  LEU n 
1 44  PHE n 
1 45  THR n 
1 46  VAL n 
1 47  ARG n 
1 48  SER n 
1 49  GLU n 
1 50  LYS n 
1 51  LEU n 
1 52  ARG n 
1 53  ARG n 
1 54  ALA n 
1 55  PRO n 
1 56  GLY n 
1 57  GLU n 
1 58  VAL n 
1 59  CYS n 
1 60  PHE n 
1 61  PRO n 
1 62  GLY n 
1 63  GLY n 
1 64  LYS n 
1 65  ARG n 
1 66  ASP n 
1 67  PRO n 
1 68  THR n 
1 69  ASP n 
1 70  MET n 
1 71  ASP n 
1 72  ASP n 
1 73  ALA n 
1 74  ALA n 
1 75  THR n 
1 76  ALA n 
1 77  LEU n 
1 78  ARG n 
1 79  GLU n 
1 80  ALA n 
1 81  GLN n 
1 82  GLU n 
1 83  GLU n 
1 84  VAL n 
1 85  GLY n 
1 86  LEU n 
1 87  ARG n 
1 88  HYP n 
1 89  HIS n 
1 90  GLN n 
1 91  VAL n 
1 92  GLU n 
1 93  VAL n 
1 94  VAL n 
1 95  CSO n 
1 96  CYS n 
1 97  LEU n 
1 98  VAL n 
1 99  PRO n 
1 100 CYS n 
1 101 LEU n 
1 102 ILE n 
1 103 ASP n 
1 104 THR n 
1 105 ASP n 
1 106 THR n 
1 107 LEU n 
1 108 ILE n 
1 109 THR n 
1 110 PRO n 
1 111 PHE n 
1 112 VAL n 
1 113 GLY n 
1 114 LEU n 
1 115 ILE n 
1 116 ASP n 
1 117 HIS n 
1 118 ASN n 
1 119 PHE n 
1 120 GLN n 
1 121 ALA n 
1 122 GLN n 
1 123 PRO n 
1 124 ASN n 
1 125 PRO n 
1 126 ALA n 
1 127 GLU n 
1 128 VAL n 
1 129 LYS n 
1 130 ASP n 
1 131 VAL n 
1 132 PHE n 
1 133 LEU n 
1 134 VAL n 
1 135 PRO n 
1 136 LEU n 
1 137 ALA n 
1 138 TYR n 
1 139 PHE n 
1 140 LEU n 
1 141 HIS n 
1 142 PRO n 
1 143 GLN n 
1 144 VAL n 
1 145 HIS n 
1 146 ASP n 
1 147 GLN n 
1 148 HIS n 
1 149 TYR n 
1 150 VAL n 
1 151 THR n 
1 152 ARG n 
1 153 LEU n 
1 154 GLY n 
1 155 HIS n 
1 156 ARG n 
1 157 PHE n 
1 158 ILE n 
1 159 ASN n 
1 160 HIS n 
1 161 ILE n 
1 162 PHE n 
1 163 GLU n 
1 164 TYR n 
1 165 THR n 
1 166 ASN n 
1 167 PRO n 
1 168 GLU n 
1 169 ASP n 
1 170 GLY n 
1 171 VAL n 
1 172 THR n 
1 173 TYR n 
1 174 GLN n 
1 175 ILE n 
1 176 LYS n 
1 177 GLY n 
1 178 MET n 
1 179 THR n 
1 180 ALA n 
1 181 ASN n 
1 182 LEU n 
1 183 ALA n 
1 184 VAL n 
1 185 LEU n 
1 186 VAL n 
1 187 ALA n 
1 188 PHE n 
1 189 ILE n 
1 190 ILE n 
1 191 LEU n 
1 192 GLU n 
1 193 LYS n 
1 194 LYS n 
1 195 PRO n 
1 196 THR n 
# 
_entity_src_gen.entity_id                          1 
_entity_src_gen.pdbx_src_id                        1 
_entity_src_gen.pdbx_alt_source_flag               sample 
_entity_src_gen.pdbx_seq_type                      'Biological sequence' 
_entity_src_gen.pdbx_beg_seq_num                   1 
_entity_src_gen.pdbx_end_seq_num                   196 
_entity_src_gen.gene_src_common_name               Human 
_entity_src_gen.gene_src_genus                     ? 
_entity_src_gen.pdbx_gene_src_gene                 NUDT7 
_entity_src_gen.gene_src_species                   ? 
_entity_src_gen.gene_src_strain                    ? 
_entity_src_gen.gene_src_tissue                    ? 
_entity_src_gen.gene_src_tissue_fraction           ? 
_entity_src_gen.gene_src_details                   ? 
_entity_src_gen.pdbx_gene_src_fragment             ? 
_entity_src_gen.pdbx_gene_src_scientific_name      'Homo sapiens' 
_entity_src_gen.pdbx_gene_src_ncbi_taxonomy_id     9606 
_entity_src_gen.pdbx_gene_src_variant              ? 
_entity_src_gen.pdbx_gene_src_cell_line            ? 
_entity_src_gen.pdbx_gene_src_atcc                 ? 
_entity_src_gen.pdbx_gene_src_organ                ? 
_entity_src_gen.pdbx_gene_src_organelle            ? 
_entity_src_gen.pdbx_gene_src_cell                 ? 
_entity_src_gen.pdbx_gene_src_cellular_location    ? 
_entity_src_gen.host_org_common_name               ? 
_entity_src_gen.pdbx_host_org_scientific_name      'Escherichia coli' 
_entity_src_gen.pdbx_host_org_ncbi_taxonomy_id     562 
_entity_src_gen.host_org_genus                     ? 
_entity_src_gen.pdbx_host_org_gene                 ? 
_entity_src_gen.pdbx_host_org_organ                ? 
_entity_src_gen.host_org_species                   ? 
_entity_src_gen.pdbx_host_org_tissue               ? 
_entity_src_gen.pdbx_host_org_tissue_fraction      ? 
_entity_src_gen.pdbx_host_org_strain               ? 
_entity_src_gen.pdbx_host_org_variant              ? 
_entity_src_gen.pdbx_host_org_cell_line            ? 
_entity_src_gen.pdbx_host_org_atcc                 ? 
_entity_src_gen.pdbx_host_org_culture_collection   ? 
_entity_src_gen.pdbx_host_org_cell                 ? 
_entity_src_gen.pdbx_host_org_organelle            ? 
_entity_src_gen.pdbx_host_org_cellular_location    ? 
_entity_src_gen.pdbx_host_org_vector_type          ? 
_entity_src_gen.pdbx_host_org_vector               ? 
_entity_src_gen.host_org_details                   ? 
_entity_src_gen.expression_system_id               ? 
_entity_src_gen.plasmid_name                       ? 
_entity_src_gen.plasmid_details                    ? 
_entity_src_gen.pdbx_description                   ? 
# 
_struct_ref.id                         1 
_struct_ref.db_name                    UNP 
_struct_ref.db_code                    NUDT7_HUMAN 
_struct_ref.pdbx_db_accession          P0C024 
_struct_ref.pdbx_db_isoform            ? 
_struct_ref.entity_id                  1 
_struct_ref.pdbx_seq_one_letter_code   
;SLLDDAKARLRKYDIGGKYSHLPYNKYSVLLPLVAKEGKLHLLFTVRSEKLRRAPGEVCFPGGKRDPTDMDDAATALREA
QEEVGLRPHQVEVVCCLVPCLIDTDTLITPFVGLIDHNFQAQPNPAEVKDVFLVPLAYFLHPQVHDQHYVTRLGHRFINH
IFEYTNPEDGVTYQIKGMTANLAVLVAFIILEKKPT
;
_struct_ref.pdbx_align_begin           14 
# 
_struct_ref_seq.align_id                      1 
_struct_ref_seq.ref_id                        1 
_struct_ref_seq.pdbx_PDB_id_code              5QHC 
_struct_ref_seq.pdbx_strand_id                A 
_struct_ref_seq.seq_align_beg                 1 
_struct_ref_seq.pdbx_seq_align_beg_ins_code   ? 
_struct_ref_seq.seq_align_end                 196 
_struct_ref_seq.pdbx_seq_align_end_ins_code   ? 
_struct_ref_seq.pdbx_db_accession             P0C024 
_struct_ref_seq.db_align_beg                  14 
_struct_ref_seq.pdbx_db_align_beg_ins_code    ? 
_struct_ref_seq.db_align_end                  209 
_struct_ref_seq.pdbx_db_align_end_ins_code    ? 
_struct_ref_seq.pdbx_auth_seq_align_beg       15 
_struct_ref_seq.pdbx_auth_seq_align_end       210 
# 
_struct_ref_seq_dif.align_id                     1 
_struct_ref_seq_dif.pdbx_pdb_id_code             5QHC 
_struct_ref_seq_dif.mon_id                       MET 
_struct_ref_seq_dif.pdbx_pdb_strand_id           A 
_struct_ref_seq_dif.seq_num                      2 
_struct_ref_seq_dif.pdbx_pdb_ins_code            ? 
_struct_ref_seq_dif.pdbx_seq_db_name             UNP 
_struct_ref_seq_dif.pdbx_seq_db_accession_code   P0C024 
_struct_ref_seq_dif.db_mon_id                    LEU 
_struct_ref_seq_dif.pdbx_seq_db_seq_num          15 
_struct_ref_seq_dif.details                      conflict 
_struct_ref_seq_dif.pdbx_auth_seq_num            16 
_struct_ref_seq_dif.pdbx_ordinal                 1 
# 
loop_
_chem_comp.id 
_chem_comp.type 
_chem_comp.mon_nstd_flag 
_chem_comp.name 
_chem_comp.pdbx_synonyms 
_chem_comp.formula 
_chem_comp.formula_weight 
ACT non-polymer         . 'ACETATE ION'                                                              ?              'C2 H3 O2 -1' 
59.044  
ALA 'L-peptide linking' y ALANINE                                                                    ?              'C3 H7 N O2' 
89.093  
ARG 'L-peptide linking' y ARGININE                                                                   ?              
'C6 H15 N4 O2 1' 175.209 
ASN 'L-peptide linking' y ASPARAGINE                                                                 ?              'C4 H8 N2 O3' 
132.118 
ASP 'L-peptide linking' y 'ASPARTIC ACID'                                                            ?              'C4 H7 N O4' 
133.103 
CSO 'L-peptide linking' n S-HYDROXYCYSTEINE                                                          ?              'C3 H7 N O3 S' 
137.158 
CYS 'L-peptide linking' y CYSTEINE                                                                   ?              'C3 H7 N O2 S' 
121.158 
DMS non-polymer         . 'DIMETHYL SULFOXIDE'                                                       ?              'C2 H6 O S' 
78.133  
GLN 'L-peptide linking' y GLUTAMINE                                                                  ?              'C5 H10 N2 O3' 
146.144 
GLU 'L-peptide linking' y 'GLUTAMIC ACID'                                                            ?              'C5 H9 N O4' 
147.129 
GLY 'peptide linking'   y GLYCINE                                                                    ?              'C2 H5 N O2' 
75.067  
H2M non-polymer         . "1-[3'-(trifluoromethyl)[1,1'-biphenyl]-2-yl]-1,3-dihydro-2H-pyrrol-2-one" ?              
'C17 H12 F3 N O' 303.278 
HIS 'L-peptide linking' y HISTIDINE                                                                  ?              
'C6 H10 N3 O2 1' 156.162 
HOH non-polymer         . WATER                                                                      ?              'H2 O' 18.015  
HYP 'L-peptide linking' n 4-HYDROXYPROLINE                                                           HYDROXYPROLINE 'C5 H9 N O3' 
131.130 
ILE 'L-peptide linking' y ISOLEUCINE                                                                 ?              'C6 H13 N O2' 
131.173 
LEU 'L-peptide linking' y LEUCINE                                                                    ?              'C6 H13 N O2' 
131.173 
LYS 'L-peptide linking' y LYSINE                                                                     ?              
'C6 H15 N2 O2 1' 147.195 
MET 'L-peptide linking' y METHIONINE                                                                 ?              
'C5 H11 N O2 S'  149.211 
PHE 'L-peptide linking' y PHENYLALANINE                                                              ?              'C9 H11 N O2' 
165.189 
PRO 'L-peptide linking' y PROLINE                                                                    ?              'C5 H9 N O2' 
115.130 
SER 'L-peptide linking' y SERINE                                                                     ?              'C3 H7 N O3' 
105.093 
THR 'L-peptide linking' y THREONINE                                                                  ?              'C4 H9 N O3' 
119.119 
TYR 'L-peptide linking' y TYROSINE                                                                   ?              'C9 H11 N O3' 
181.189 
VAL 'L-peptide linking' y VALINE                                                                     ?              'C5 H11 N O2' 
117.146 
# 
_exptl.crystals_number   1 
_exptl.entry_id          5QHC 
_exptl.method            'X-RAY DIFFRACTION' 
# 
_exptl_crystal.id                    1 
_exptl_crystal.pdbx_mosaicity        0.180 
_exptl_crystal.pdbx_mosaicity_esd    ? 
_exptl_crystal.density_Matthews      4.40 
_exptl_crystal.density_diffrn        ? 
_exptl_crystal.density_meas          ? 
_exptl_crystal.density_meas_temp     ? 
_exptl_crystal.density_percent_sol   72.05 
_exptl_crystal.size_max              ? 
_exptl_crystal.size_mid              ? 
_exptl_crystal.size_min              ? 
_exptl_crystal.size_rad              ? 
_exptl_crystal.description           ? 
# 
_exptl_crystal_grow.crystal_id      1 
_exptl_crystal_grow.method          'VAPOR DIFFUSION, SITTING DROP' 
_exptl_crystal_grow.pH              5.5 
_exptl_crystal_grow.temp            293 
_exptl_crystal_grow.pdbx_details    '0.1M bis-tris pH 5.5 -- 0.1M ammonium acetate -- 5%(w/v) PEG10K' 
_exptl_crystal_grow.temp_details    ? 
_exptl_crystal_grow.pdbx_pH_range   ? 
# 
_diffrn.id                     1 
_diffrn.ambient_temp           100 
_diffrn.crystal_id             1 
_diffrn.ambient_temp_details   ? 
# 
_diffrn_detector.detector               PIXEL 
_diffrn_detector.type                   'DECTRIS PILATUS 6M' 
_diffrn_detector.pdbx_collection_date   2017-09-22 
_diffrn_detector.diffrn_id              1 
_diffrn_detector.details                ? 
# 
_diffrn_radiation.diffrn_id                        1 
_diffrn_radiation.wavelength_id                    1 
_diffrn_radiation.pdbx_diffrn_protocol             'SINGLE WAVELENGTH' 
_diffrn_radiation.pdbx_monochromatic_or_laue_m_l   ? 
_diffrn_radiation.monochromator                    ? 
_diffrn_radiation.pdbx_scattering_type             x-ray 
# 
_diffrn_radiation_wavelength.id           1 
_diffrn_radiation_wavelength.wavelength   0.97628 
_diffrn_radiation_wavelength.wt           1.0 
# 
_diffrn_source.diffrn_id                   1 
_diffrn_source.source                      SYNCHROTRON 
_diffrn_source.type                        'DIAMOND BEAMLINE I04-1' 
_diffrn_source.pdbx_wavelength_list        0.97628 
_diffrn_source.pdbx_synchrotron_site       Diamond 
_diffrn_source.pdbx_synchrotron_beamline   I04-1 
_diffrn_source.pdbx_wavelength             ? 
# 
_reflns.entry_id                     5QHC 
_reflns.pdbx_diffrn_id               1 
_reflns.pdbx_ordinal                 1 
_reflns.observed_criterion_sigma_I   ? 
_reflns.observed_criterion_sigma_F   ? 
_reflns.d_resolution_low             28.940 
_reflns.d_resolution_high            2.210 
_reflns.number_obs                   18609 
_reflns.number_all                   ? 
_reflns.percent_possible_obs         99.900 
_reflns.pdbx_Rmerge_I_obs            0.054 
_reflns.pdbx_Rsym_value              ? 
_reflns.pdbx_netI_over_sigmaI        32.600 
_reflns.B_iso_Wilson_estimate        ? 
_reflns.pdbx_redundancy              11.100 
_reflns.pdbx_Rrim_I_all              0.056 
_reflns.pdbx_Rpim_I_all              0.017 
_reflns.pdbx_CC_half                 1.000 
_reflns.pdbx_netI_over_av_sigmaI     ? 
_reflns.pdbx_number_measured_all     206432 
_reflns.pdbx_scaling_rejects         0 
_reflns.pdbx_chi_squared             ? 
_reflns.Rmerge_F_all                 ? 
_reflns.Rmerge_F_obs                 ? 
_reflns.observed_criterion_F_max     ? 
_reflns.observed_criterion_F_min     ? 
_reflns.observed_criterion_I_max     ? 
_reflns.observed_criterion_I_min     ? 
_reflns.pdbx_d_res_high_opt          ? 
_reflns.pdbx_d_res_low_opt           ? 
_reflns.details                      ? 
# 
loop_
_reflns_shell.pdbx_diffrn_id 
_reflns_shell.pdbx_ordinal 
_reflns_shell.d_res_high 
_reflns_shell.d_res_low 
_reflns_shell.number_measured_obs 
_reflns_shell.number_measured_all 
_reflns_shell.number_unique_obs 
_reflns_shell.pdbx_rejects 
_reflns_shell.Rmerge_I_obs 
_reflns_shell.meanI_over_sigI_obs 
_reflns_shell.pdbx_Rsym_value 
_reflns_shell.pdbx_chi_squared 
_reflns_shell.pdbx_redundancy 
_reflns_shell.percent_possible_obs 
_reflns_shell.pdbx_netI_over_sigmaI_obs 
_reflns_shell.number_possible 
_reflns_shell.number_unique_all 
_reflns_shell.Rmerge_F_all 
_reflns_shell.Rmerge_F_obs 
_reflns_shell.Rmerge_I_all 
_reflns_shell.meanI_over_sigI_all 
_reflns_shell.percent_possible_all 
_reflns_shell.pdbx_Rrim_I_all 
_reflns_shell.pdbx_Rpim_I_all 
_reflns_shell.pdbx_CC_half 
1 1 2.210 2.270  ? 14238 ? ? 0.474 ? ? ? 10.200 ? 6.000  ? 1390 ? ? ? ? 99.300 0.499 0.155 0.981 
1 2 9.880 28.940 ? 2288  ? ? 0.022 ? ? ? 10.000 ? 93.900 ? 228  ? ? ? ? 96.100 0.023 0.007 1.000 
# 
_refine.entry_id                                 5QHC 
_refine.pdbx_refine_id                           'X-RAY DIFFRACTION' 
_refine.ls_d_res_high                            2.2100 
_refine.ls_d_res_low                             108.1800 
_refine.pdbx_ls_sigma_F                          0.000 
_refine.pdbx_data_cutoff_high_absF               ? 
_refine.pdbx_data_cutoff_low_absF                ? 
_refine.ls_percent_reflns_obs                    95.2100 
_refine.ls_number_reflns_obs                     16789 
_refine.ls_number_reflns_all                     ? 
_refine.pdbx_ls_cross_valid_method               THROUGHOUT 
_refine.ls_matrix_type                           ? 
_refine.pdbx_R_Free_selection_details            RANDOM 
_refine.details                                  
'HYDROGENS HAVE BEEN ADDED IN THE RIDING POSITIONS U VALUES      : REFINED INDIVIDUALLY' 
_refine.ls_R_factor_all                          ? 
_refine.ls_R_factor_obs                          0.1907 
_refine.ls_R_factor_R_work                       0.1886 
_refine.ls_wR_factor_R_work                      ? 
_refine.ls_R_factor_R_free                       0.2282 
_refine.ls_wR_factor_R_free                      ? 
_refine.ls_percent_reflns_R_free                 5.4000 
_refine.ls_number_reflns_R_free                  952 
_refine.ls_number_reflns_R_work                  ? 
_refine.ls_R_factor_R_free_error                 ? 
_refine.B_iso_mean                               41.2950 
_refine.solvent_model_param_bsol                 ? 
_refine.solvent_model_param_ksol                 ? 
_refine.pdbx_isotropic_thermal_model             ? 
_refine.aniso_B[1][1]                            0.5000 
_refine.aniso_B[2][2]                            0.5000 
_refine.aniso_B[3][3]                            -1.6100 
_refine.aniso_B[1][2]                            0.2500 
_refine.aniso_B[1][3]                            0.0000 
_refine.aniso_B[2][3]                            -0.0000 
_refine.correlation_coeff_Fo_to_Fc               0.9490 
_refine.correlation_coeff_Fo_to_Fc_free          0.9280 
_refine.overall_SU_R_Cruickshank_DPI             ? 
_refine.pdbx_overall_SU_R_free_Cruickshank_DPI   ? 
_refine.pdbx_overall_SU_R_Blow_DPI               ? 
_refine.pdbx_overall_SU_R_free_Blow_DPI          ? 
_refine.overall_SU_R_free                        ? 
_refine.pdbx_overall_ESU_R                       0.1750 
_refine.pdbx_overall_ESU_R_Free                  0.1650 
_refine.overall_SU_ML                            0.1130 
_refine.overall_SU_B                             4.6560 
_refine.solvent_model_details                    MASK 
_refine.pdbx_solvent_vdw_probe_radii             1.2000 
_refine.pdbx_solvent_ion_probe_radii             0.8000 
_refine.pdbx_solvent_shrinkage_radii             0.8000 
_refine.ls_number_parameters                     ? 
_refine.ls_number_restraints                     ? 
_refine.pdbx_starting_model                      5T3P 
_refine.pdbx_method_to_determine_struct          'FOURIER SYNTHESIS' 
_refine.pdbx_stereochemistry_target_values       'MAXIMUM LIKELIHOOD' 
_refine.pdbx_stereochem_target_val_spec_case     ? 
_refine.overall_FOM_work_R_set                   ? 
_refine.B_iso_max                                134.250 
_refine.B_iso_min                                21.550 
_refine.pdbx_overall_phase_error                 ? 
_refine.occupancy_max                            ? 
_refine.occupancy_min                            ? 
_refine.pdbx_diffrn_id                           1 
_refine.pdbx_TLS_residual_ADP_flag               ? 
_refine.pdbx_ls_sigma_I                          ? 
_refine.pdbx_data_cutoff_high_rms_absF           ? 
_refine.ls_R_factor_R_free_error_details         ? 
# 
_refine_hist.cycle_id                         final 
_refine_hist.pdbx_refine_id                   'X-RAY DIFFRACTION' 
_refine_hist.d_res_high                       2.2100 
_refine_hist.d_res_low                        108.1800 
_refine_hist.pdbx_number_atoms_ligand         38 
_refine_hist.number_atoms_solvent             152 
_refine_hist.number_atoms_total               1657 
_refine_hist.pdbx_number_residues_total       186 
_refine_hist.pdbx_B_iso_mean_ligand           53.30 
_refine_hist.pdbx_B_iso_mean_solvent          47.95 
_refine_hist.pdbx_number_atoms_protein        1467 
_refine_hist.pdbx_number_atoms_nucleic_acid   0 
# 
loop_
_refine_ls_restr.pdbx_refine_id 
_refine_ls_restr.type 
_refine_ls_restr.number 
_refine_ls_restr.dev_ideal 
_refine_ls_restr.dev_ideal_target 
_refine_ls_restr.weight 
_refine_ls_restr.pdbx_restraint_function 
'X-RAY DIFFRACTION' r_bond_refined_d       1549 0.016  0.019  ? ? 
'X-RAY DIFFRACTION' r_bond_other_d         1461 0.002  0.020  ? ? 
'X-RAY DIFFRACTION' r_angle_refined_deg    2106 1.845  2.009  ? ? 
'X-RAY DIFFRACTION' r_angle_other_deg      3388 1.000  3.000  ? ? 
'X-RAY DIFFRACTION' r_dihedral_angle_1_deg 186  6.844  5.000  ? ? 
'X-RAY DIFFRACTION' r_dihedral_angle_2_deg 67   31.824 24.179 ? ? 
'X-RAY DIFFRACTION' r_dihedral_angle_3_deg 253  16.258 15.000 ? ? 
'X-RAY DIFFRACTION' r_dihedral_angle_4_deg 8    16.693 15.000 ? ? 
'X-RAY DIFFRACTION' r_chiral_restr         239  0.113  0.200  ? ? 
'X-RAY DIFFRACTION' r_gen_planes_refined   1768 0.008  0.021  ? ? 
'X-RAY DIFFRACTION' r_gen_planes_other     296  0.002  0.020  ? ? 
'X-RAY DIFFRACTION' r_mcbond_it            749  3.283  3.733  ? ? 
'X-RAY DIFFRACTION' r_mcbond_other         750  3.281  3.732  ? ? 
'X-RAY DIFFRACTION' r_mcangle_it           934  4.710  5.542  ? ? 
# 
_refine_ls_shell.d_res_high                       2.2100 
_refine_ls_shell.d_res_low                        2.2670 
_refine_ls_shell.pdbx_total_number_of_bins_used   20 
_refine_ls_shell.percent_reflns_obs               65.3300 
_refine_ls_shell.number_reflns_R_work             858 
_refine_ls_shell.R_factor_all                     ? 
_refine_ls_shell.R_factor_R_work                  0.5700 
_refine_ls_shell.R_factor_R_free                  0.5460 
_refine_ls_shell.percent_reflns_R_free            ? 
_refine_ls_shell.number_reflns_R_free             56 
_refine_ls_shell.R_factor_R_free_error            ? 
_refine_ls_shell.number_reflns_all                914 
_refine_ls_shell.number_reflns_obs                ? 
_refine_ls_shell.pdbx_refine_id                   'X-RAY DIFFRACTION' 
# 
_struct.entry_id                  5QHC 
_struct.title                     
;PanDDA analysis group deposition of models with modelled events (e.g. bound ligands) -- Crystal Structure of NUDT7 in complex with RK4-337
;
_struct.pdbx_model_details        ? 
_struct.pdbx_CASP_flag            ? 
_struct.pdbx_model_type_details   ? 
# 
_struct_keywords.entry_id        5QHC 
_struct_keywords.text            'PanDDA, SGC - Diamond I04-1 fragment screening, NUDIX domain, XChemExplorer, HYDROLASE' 
_struct_keywords.pdbx_keywords   HYDROLASE 
# 
loop_
_struct_asym.id 
_struct_asym.pdbx_blank_PDB_chainid_flag 
_struct_asym.pdbx_modified 
_struct_asym.entity_id 
_struct_asym.details 
A N N 1 ? 
B N N 2 ? 
C N N 2 ? 
D N N 3 ? 
E N N 3 ? 
F N N 4 ? 
G N N 5 ? 
# 
loop_
_struct_conf.conf_type_id 
_struct_conf.id 
_struct_conf.pdbx_PDB_helix_id 
_struct_conf.beg_label_comp_id 
_struct_conf.beg_label_asym_id 
_struct_conf.beg_label_seq_id 
_struct_conf.pdbx_beg_PDB_ins_code 
_struct_conf.end_label_comp_id 
_struct_conf.end_label_asym_id 
_struct_conf.end_label_seq_id 
_struct_conf.pdbx_end_PDB_ins_code 
_struct_conf.beg_auth_comp_id 
_struct_conf.beg_auth_asym_id 
_struct_conf.beg_auth_seq_id 
_struct_conf.end_auth_comp_id 
_struct_conf.end_auth_asym_id 
_struct_conf.end_auth_seq_id 
_struct_conf.pdbx_PDB_helix_class 
_struct_conf.details 
_struct_conf.pdbx_PDB_helix_length 
HELX_P HELX_P1 AA1 SER A 1   ? LYS A 12  ? SER A 15  LYS A 26  1 ? 12 
HELX_P HELX_P2 AA2 ASP A 71  ? GLY A 85  ? ASP A 85  GLY A 99  1 ? 15 
HELX_P HELX_P3 AA3 ARG A 87  ? HIS A 89  ? ARG A 101 HIS A 103 5 ? 3  
HELX_P HELX_P4 AA4 ALA A 137 ? HIS A 141 ? ALA A 151 HIS A 155 5 ? 5  
HELX_P HELX_P5 AA5 LYS A 176 ? GLU A 192 ? LYS A 190 GLU A 206 1 ? 17 
# 
_struct_conf_type.id          HELX_P 
_struct_conf_type.criteria    ? 
_struct_conf_type.reference   ? 
# 
loop_
_struct_conn.id 
_struct_conn.conn_type_id 
_struct_conn.pdbx_leaving_atom_flag 
_struct_conn.pdbx_PDB_id 
_struct_conn.ptnr1_label_asym_id 
_struct_conn.ptnr1_label_comp_id 
_struct_conn.ptnr1_label_seq_id 
_struct_conn.ptnr1_label_atom_id 
_struct_conn.pdbx_ptnr1_label_alt_id 
_struct_conn.pdbx_ptnr1_PDB_ins_code 
_struct_conn.pdbx_ptnr1_standard_comp_id 
_struct_conn.ptnr1_symmetry 
_struct_conn.ptnr2_label_asym_id 
_struct_conn.ptnr2_label_comp_id 
_struct_conn.ptnr2_label_seq_id 
_struct_conn.ptnr2_label_atom_id 
_struct_conn.pdbx_ptnr2_label_alt_id 
_struct_conn.pdbx_ptnr2_PDB_ins_code 
_struct_conn.ptnr1_auth_asym_id 
_struct_conn.ptnr1_auth_comp_id 
_struct_conn.ptnr1_auth_seq_id 
_struct_conn.ptnr2_auth_asym_id 
_struct_conn.ptnr2_auth_comp_id 
_struct_conn.ptnr2_auth_seq_id 
_struct_conn.ptnr2_symmetry 
_struct_conn.pdbx_ptnr3_label_atom_id 
_struct_conn.pdbx_ptnr3_label_seq_id 
_struct_conn.pdbx_ptnr3_label_comp_id 
_struct_conn.pdbx_ptnr3_label_asym_id 
_struct_conn.pdbx_ptnr3_label_alt_id 
_struct_conn.pdbx_ptnr3_PDB_ins_code 
_struct_conn.details 
_struct_conn.pdbx_dist_value 
_struct_conn.pdbx_value_order 
_struct_conn.pdbx_role 
covale1 covale both ? A ARG 87 C ? ? ? 1_555 A HYP 88 N ? ? A ARG 101 A HYP 102 1_555 ? ? ? ? ? ? ? 1.338 ? ? 
covale2 covale both ? A HYP 88 C ? ? ? 1_555 A HIS 89 N ? ? A HYP 102 A HIS 103 1_555 ? ? ? ? ? ? ? 1.327 ? ? 
covale3 covale both ? A VAL 94 C ? ? ? 1_555 A CSO 95 N ? ? A VAL 108 A CSO 109 1_555 ? ? ? ? ? ? ? 1.331 ? ? 
covale4 covale both ? A CSO 95 C ? ? ? 1_555 A CYS 96 N ? ? A CSO 109 A CYS 110 1_555 ? ? ? ? ? ? ? 1.322 ? ? 
# 
_struct_conn_type.id          covale 
_struct_conn_type.criteria    ? 
_struct_conn_type.reference   ? 
# 
loop_
_struct_sheet.id 
_struct_sheet.type 
_struct_sheet.number_strands 
_struct_sheet.details 
AA1 ? 4 ? 
AA2 ? 4 ? 
AA3 ? 3 ? 
AA4 ? 3 ? 
# 
loop_
_struct_sheet_order.sheet_id 
_struct_sheet_order.range_id_1 
_struct_sheet_order.range_id_2 
_struct_sheet_order.offset 
_struct_sheet_order.sense 
AA1 1 2 ? anti-parallel 
AA1 2 3 ? parallel      
AA1 3 4 ? anti-parallel 
AA2 1 2 ? anti-parallel 
AA2 2 3 ? parallel      
AA2 3 4 ? anti-parallel 
AA3 1 2 ? anti-parallel 
AA3 2 3 ? anti-parallel 
AA4 1 2 ? anti-parallel 
AA4 2 3 ? anti-parallel 
# 
loop_
_struct_sheet_range.sheet_id 
_struct_sheet_range.id 
_struct_sheet_range.beg_label_comp_id 
_struct_sheet_range.beg_label_asym_id 
_struct_sheet_range.beg_label_seq_id 
_struct_sheet_range.pdbx_beg_PDB_ins_code 
_struct_sheet_range.end_label_comp_id 
_struct_sheet_range.end_label_asym_id 
_struct_sheet_range.end_label_seq_id 
_struct_sheet_range.pdbx_end_PDB_ins_code 
_struct_sheet_range.beg_auth_comp_id 
_struct_sheet_range.beg_auth_asym_id 
_struct_sheet_range.beg_auth_seq_id 
_struct_sheet_range.end_auth_comp_id 
_struct_sheet_range.end_auth_asym_id 
_struct_sheet_range.end_auth_seq_id 
AA1 1 VAL A 91  ? CYS A 96  ? VAL A 105 CYS A 110 
AA1 2 THR A 106 ? ILE A 115 ? THR A 120 ILE A 129 
AA1 3 ASN A 25  ? LYS A 36  ? ASN A 39  LYS A 50  
AA1 4 LYS A 39  ? ARG A 47  ? LYS A 53  ARG A 61  
AA2 1 CYS A 100 ? ILE A 102 ? CYS A 114 ILE A 116 
AA2 2 THR A 106 ? ILE A 115 ? THR A 120 ILE A 129 
AA2 3 ASN A 25  ? LYS A 36  ? ASN A 39  LYS A 50  
AA2 4 GLY A 62  ? LYS A 64  ? GLY A 76  LYS A 78  
AA3 1 VAL A 128 ? PRO A 135 ? VAL A 142 PRO A 149 
AA3 2 LYS A 39  ? ARG A 47  ? LYS A 53  ARG A 61  
AA3 3 VAL A 58  ? CYS A 59  ? VAL A 72  CYS A 73  
AA4 1 GLN A 143 ? ASP A 146 ? GLN A 157 ASP A 160 
AA4 2 HIS A 160 ? THR A 165 ? HIS A 174 THR A 179 
AA4 3 THR A 172 ? ILE A 175 ? THR A 186 ILE A 189 
# 
loop_
_pdbx_struct_sheet_hbond.sheet_id 
_pdbx_struct_sheet_hbond.range_id_1 
_pdbx_struct_sheet_hbond.range_id_2 
_pdbx_struct_sheet_hbond.range_1_label_atom_id 
_pdbx_struct_sheet_hbond.range_1_label_comp_id 
_pdbx_struct_sheet_hbond.range_1_label_asym_id 
_pdbx_struct_sheet_hbond.range_1_label_seq_id 
_pdbx_struct_sheet_hbond.range_1_PDB_ins_code 
_pdbx_struct_sheet_hbond.range_1_auth_atom_id 
_pdbx_struct_sheet_hbond.range_1_auth_comp_id 
_pdbx_struct_sheet_hbond.range_1_auth_asym_id 
_pdbx_struct_sheet_hbond.range_1_auth_seq_id 
_pdbx_struct_sheet_hbond.range_2_label_atom_id 
_pdbx_struct_sheet_hbond.range_2_label_comp_id 
_pdbx_struct_sheet_hbond.range_2_label_asym_id 
_pdbx_struct_sheet_hbond.range_2_label_seq_id 
_pdbx_struct_sheet_hbond.range_2_PDB_ins_code 
_pdbx_struct_sheet_hbond.range_2_auth_atom_id 
_pdbx_struct_sheet_hbond.range_2_auth_comp_id 
_pdbx_struct_sheet_hbond.range_2_auth_asym_id 
_pdbx_struct_sheet_hbond.range_2_auth_seq_id 
AA1 1 2 N VAL A 94  ? N VAL A 108 O VAL A 112 ? O VAL A 126 
AA1 2 3 O GLY A 113 ? O GLY A 127 N LEU A 33  ? N LEU A 47  
AA1 3 4 N VAL A 34  ? N VAL A 48  O HIS A 41  ? O HIS A 55  
AA2 1 2 N ILE A 102 ? N ILE A 116 O THR A 106 ? O THR A 120 
AA2 2 3 O GLY A 113 ? O GLY A 127 N LEU A 33  ? N LEU A 47  
AA2 3 4 N SER A 28  ? N SER A 42  O GLY A 63  ? O GLY A 77  
AA3 1 2 O LYS A 129 ? O LYS A 143 N VAL A 46  ? N VAL A 60  
AA3 2 3 N THR A 45  ? N THR A 59  O CYS A 59  ? O CYS A 73  
AA4 1 2 N HIS A 145 ? N HIS A 159 O ILE A 161 ? O ILE A 175 
AA4 2 3 N TYR A 164 ? N TYR A 178 O TYR A 173 ? O TYR A 187 
# 
loop_
_struct_site.id 
_struct_site.pdbx_evidence_code 
_struct_site.pdbx_auth_asym_id 
_struct_site.pdbx_auth_comp_id 
_struct_site.pdbx_auth_seq_id 
_struct_site.pdbx_auth_ins_code 
_struct_site.pdbx_num_residues 
_struct_site.details 
AC1 Software A ACT 301 ? 5 'binding site for residue ACT A 301' 
AC2 Software A ACT 302 ? 2 'binding site for residue ACT A 302' 
AC3 Software A DMS 303 ? 6 'binding site for residue DMS A 303' 
AC4 Software A DMS 304 ? 4 'binding site for residue DMS A 304' 
AC5 Software A H2M 305 ? 9 'binding site for residue H2M A 305' 
# 
loop_
_struct_site_gen.id 
_struct_site_gen.site_id 
_struct_site_gen.pdbx_num_res 
_struct_site_gen.label_comp_id 
_struct_site_gen.label_asym_id 
_struct_site_gen.label_seq_id 
_struct_site_gen.pdbx_auth_ins_code 
_struct_site_gen.auth_comp_id 
_struct_site_gen.auth_asym_id 
_struct_site_gen.auth_seq_id 
_struct_site_gen.label_atom_id 
_struct_site_gen.label_alt_id 
_struct_site_gen.symmetry 
_struct_site_gen.details 
1  AC1 5 GLY A 56  ? GLY A 70  . ? 1_555 ? 
2  AC1 5 VAL A 58  ? VAL A 72  . ? 1_555 ? 
3  AC1 5 TYR A 173 ? TYR A 187 . ? 1_555 ? 
4  AC1 5 GLN A 174 ? GLN A 188 . ? 1_555 ? 
5  AC1 5 HOH G .   ? HOH A 462 . ? 1_555 ? 
6  AC2 2 HIS A 89  ? HIS A 103 . ? 1_555 ? 
7  AC2 2 VAL A 91  ? VAL A 105 . ? 1_555 ? 
8  AC3 6 GLY A 85  ? GLY A 99  . ? 1_555 ? 
9  AC3 6 ARG A 87  ? ARG A 101 . ? 1_555 ? 
10 AC3 6 GLN A 90  ? GLN A 104 . ? 1_555 ? 
11 AC3 6 PHE A 119 ? PHE A 133 . ? 1_555 ? 
12 AC3 6 GLN A 120 ? GLN A 134 . ? 1_555 ? 
13 AC3 6 GLN A 122 ? GLN A 136 . ? 1_555 ? 
14 AC4 4 ASP A 116 ? ASP A 130 . ? 1_555 ? 
15 AC4 4 HIS A 117 ? HIS A 131 . ? 1_555 ? 
16 AC4 4 ASP A 130 ? ASP A 144 . ? 2_545 ? 
17 AC4 4 HOH G .   ? HOH A 472 . ? 2_545 ? 
18 AC5 9 VAL A 29  ? VAL A 43  . ? 1_555 ? 
19 AC5 9 ARG A 47  ? ARG A 61  . ? 1_555 ? 
20 AC5 9 ARG A 53  ? ARG A 67  . ? 1_555 ? 
21 AC5 9 CYS A 59  ? CYS A 73  . ? 1_555 ? 
22 AC5 9 GLY A 62  ? GLY A 76  . ? 1_555 ? 
23 AC5 9 GLY A 63  ? GLY A 77  . ? 1_555 ? 
24 AC5 9 ILE A 102 ? ILE A 116 . ? 1_555 ? 
25 AC5 9 ASP A 103 ? ASP A 117 . ? 1_555 ? 
26 AC5 9 ILE A 108 ? ILE A 122 . ? 1_555 ? 
# 
_atom_sites.entry_id                    5QHC 
_atom_sites.fract_transf_matrix[1][1]   -0.00830730 
_atom_sites.fract_transf_matrix[1][2]   0.00178223 
_atom_sites.fract_transf_matrix[1][3]   0.00369274 
_atom_sites.fract_transf_matrix[2][1]   -0.00064611 
_atom_sites.fract_transf_matrix[2][2]   0.00510757 
_atom_sites.fract_transf_matrix[2][3]   0.00770175 
_atom_sites.fract_transf_matrix[3][1]   -0.00168211 
_atom_sites.fract_transf_matrix[3][2]   0.02017857 
_atom_sites.fract_transf_matrix[3][3]   -0.01352292 
_atom_sites.fract_transf_vector[1]      0.136228 
_atom_sites.fract_transf_vector[2]      -0.434929 
_atom_sites.fract_transf_vector[3]      1.978916 
# 
loop_
_atom_type.symbol 
C 
F 
N 
O 
S 
# 
loop_
_atom_site.group_PDB 
_atom_site.id 
_atom_site.type_symbol 
_atom_site.label_atom_id 
_atom_site.label_alt_id 
_atom_site.label_comp_id 
_atom_site.label_asym_id 
_atom_site.label_entity_id 
_atom_site.label_seq_id 
_atom_site.pdbx_PDB_ins_code 
_atom_site.Cartn_x 
_atom_site.Cartn_y 
_atom_site.Cartn_z 
_atom_site.occupancy 
_atom_site.B_iso_or_equiv 
_atom_site.pdbx_formal_charge 
_atom_site.auth_seq_id 
_atom_site.auth_comp_id 
_atom_site.auth_asym_id 
_atom_site.auth_atom_id 
_atom_site.pdbx_PDB_model_num 
ATOM   1    N N   . SER A 1 1   ? -15.389 2.069   -17.027 1.00 62.64  ? 15  SER A N   1 
ATOM   2    C CA  . SER A 1 1   ? -15.613 2.867   -15.794 1.00 58.53  ? 15  SER A CA  1 
ATOM   3    C C   . SER A 1 1   ? -14.249 3.206   -15.135 1.00 62.11  ? 15  SER A C   1 
ATOM   4    O O   . SER A 1 1   ? -13.197 2.695   -15.579 1.00 55.07  ? 15  SER A O   1 
ATOM   5    C CB  . SER A 1 1   ? -16.575 2.098   -14.836 1.00 63.03  ? 15  SER A CB  1 
ATOM   6    O OG  . SER A 1 1   ? -16.053 0.847   -14.331 1.00 53.45  ? 15  SER A OG  1 
ATOM   7    N N   . MET A 1 2   ? -14.272 4.088   -14.127 1.00 54.17  ? 16  MET A N   1 
ATOM   8    C CA  . MET A 1 2   ? -13.106 4.356   -13.258 1.00 58.20  ? 16  MET A CA  1 
ATOM   9    C C   . MET A 1 2   ? -12.434 3.080   -12.719 1.00 61.43  ? 16  MET A C   1 
ATOM   10   O O   . MET A 1 2   ? -11.191 2.989   -12.728 1.00 55.96  ? 16  MET A O   1 
ATOM   11   C CB  . MET A 1 2   ? -13.504 5.235   -12.060 1.00 57.38  ? 16  MET A CB  1 
ATOM   12   C CG  . MET A 1 2   ? -12.394 5.589   -11.080 1.00 60.80  ? 16  MET A CG  1 
ATOM   13   S SD  . MET A 1 2   ? -12.958 6.821   -9.874  1.00 62.65  ? 16  MET A SD  1 
ATOM   14   C CE  . MET A 1 2   ? -13.852 5.761   -8.750  1.00 63.89  ? 16  MET A CE  1 
ATOM   15   N N   . LEU A 1 3   ? -13.209 2.108   -12.248 1.00 50.73  ? 17  LEU A N   1 
ATOM   16   C CA  . LEU A 1 3   ? -12.550 0.978   -11.559 1.00 58.85  ? 17  LEU A CA  1 
ATOM   17   C C   . LEU A 1 3   ? -11.965 -0.053  -12.532 1.00 58.66  ? 17  LEU A C   1 
ATOM   18   O O   . LEU A 1 3   ? -10.893 -0.626  -12.300 1.00 52.90  ? 17  LEU A O   1 
ATOM   19   C CB  . LEU A 1 3   ? -13.472 0.312   -10.564 1.00 53.98  ? 17  LEU A CB  1 
ATOM   20   C CG  . LEU A 1 3   ? -13.442 1.046   -9.209  1.00 60.77  ? 17  LEU A CG  1 
ATOM   21   C CD1 . LEU A 1 3   ? -14.688 0.675   -8.389  1.00 55.02  ? 17  LEU A CD1 1 
ATOM   22   C CD2 . LEU A 1 3   ? -12.153 0.746   -8.433  1.00 60.89  ? 17  LEU A CD2 1 
ATOM   23   N N   . ASP A 1 4   ? -12.680 -0.258  -13.619 1.00 56.23  ? 18  ASP A N   1 
ATOM   24   C CA  . ASP A 1 4   ? -12.259 -1.171  -14.658 1.00 63.02  ? 18  ASP A CA  1 
ATOM   25   C C   . ASP A 1 4   ? -11.047 -0.608  -15.376 1.00 58.03  ? 18  ASP A C   1 
ATOM   26   O O   . ASP A 1 4   ? -10.182 -1.358  -15.803 1.00 56.07  ? 18  ASP A O   1 
ATOM   27   C CB  . ASP A 1 4   ? -13.411 -1.438  -15.664 1.00 61.31  ? 18  ASP A CB  1 
ATOM   28   C CG  . ASP A 1 4   ? -14.544 -2.301  -15.062 1.00 71.56  ? 18  ASP A CG  1 
ATOM   29   O OD1 . ASP A 1 4   ? -14.456 -2.733  -13.871 1.00 68.13  ? 18  ASP A OD1 1 
ATOM   30   O OD2 . ASP A 1 4   ? -15.522 -2.562  -15.805 1.00 73.80  ? 18  ASP A OD2 1 
ATOM   31   N N   . ASP A 1 5   ? -11.017 0.713   -15.524 1.00 57.17  ? 19  ASP A N   1 
ATOM   32   C CA  . ASP A 1 5   ? -9.909  1.380   -16.140 1.00 58.54  ? 19  ASP A CA  1 
ATOM   33   C C   . ASP A 1 5   ? -8.644  1.212   -15.278 1.00 47.94  ? 19  ASP A C   1 
ATOM   34   O O   . ASP A 1 5   ? -7.581  0.938   -15.817 1.00 38.93  ? 19  ASP A O   1 
ATOM   35   C CB  . ASP A 1 5   ? -10.232 2.863   -16.383 1.00 72.41  ? 19  ASP A CB  1 
ATOM   36   C CG  . ASP A 1 5   ? -11.206 3.094   -17.566 1.00 81.08  ? 19  ASP A CG  1 
ATOM   37   O OD1 . ASP A 1 5   ? -11.401 2.194   -18.428 1.00 81.61  ? 19  ASP A OD1 1 
ATOM   38   O OD2 . ASP A 1 5   ? -11.786 4.208   -17.624 1.00 91.20  ? 19  ASP A OD2 1 
ATOM   39   N N   . ALA A 1 6   ? -8.788  1.307   -13.964 1.00 37.95  ? 20  ALA A N   1 
ATOM   40   C CA  . ALA A 1 6   ? -7.670  1.154   -13.066 1.00 38.55  ? 20  ALA A CA  1 
ATOM   41   C C   . ALA A 1 6   ? -7.106  -0.234  -13.097 1.00 39.15  ? 20  ALA A C   1 
ATOM   42   O O   . ALA A 1 6   ? -5.866  -0.380  -13.168 1.00 33.86  ? 20  ALA A O   1 
ATOM   43   C CB  . ALA A 1 6   ? -8.022  1.541   -11.670 1.00 37.38  ? 20  ALA A CB  1 
ATOM   44   N N   . LYS A 1 7   ? -7.985  -1.238  -13.135 1.00 38.56  ? 21  LYS A N   1 
ATOM   45   C CA  . LYS A 1 7   ? -7.530  -2.611  -13.168 1.00 41.84  ? 21  LYS A CA  1 
ATOM   46   C C   . LYS A 1 7   ? -6.838  -2.938  -14.505 1.00 39.74  ? 21  LYS A C   1 
ATOM   47   O O   . LYS A 1 7   ? -5.792  -3.575  -14.523 1.00 34.32  ? 21  LYS A O   1 
ATOM   48   C CB  . LYS A 1 7   ? -8.650  -3.598  -13.003 1.00 47.78  ? 21  LYS A CB  1 
ATOM   49   C CG  . LYS A 1 7   ? -9.492  -3.488  -11.762 1.00 56.73  ? 21  LYS A CG  1 
ATOM   50   C CD  . LYS A 1 7   ? -10.624 -4.530  -11.831 1.00 63.87  ? 21  LYS A CD  1 
ATOM   51   C CE  . LYS A 1 7   ? -12.006 -4.014  -11.441 1.00 65.69  ? 21  LYS A CE  1 
ATOM   52   N NZ  . LYS A 1 7   ? -12.785 -5.133  -10.820 1.00 71.35  ? 21  LYS A NZ  1 
ATOM   53   N N   . ALA A 1 8   ? -7.426  -2.494  -15.604 1.00 34.52  ? 22  ALA A N   1 
ATOM   54   C CA  . ALA A 1 8   ? -6.808  -2.671  -16.930 1.00 37.30  ? 22  ALA A CA  1 
ATOM   55   C C   . ALA A 1 8   ? -5.361  -2.077  -16.981 1.00 36.52  ? 22  ALA A C   1 
ATOM   56   O O   . ALA A 1 8   ? -4.449  -2.744  -17.487 1.00 33.82  ? 22  ALA A O   1 
ATOM   57   C CB  . ALA A 1 8   ? -7.711  -2.086  -18.037 1.00 35.05  ? 22  ALA A CB  1 
ATOM   58   N N   . ARG A 1 9   ? -5.164  -0.877  -16.405 1.00 32.20  ? 23  ARG A N   1 
ATOM   59   C CA  . ARG A 1 9   ? -3.850  -0.249  -16.354 1.00 36.55  ? 23  ARG A CA  1 
ATOM   60   C C   . ARG A 1 9   ? -2.898  -1.067  -15.461 1.00 35.82  ? 23  ARG A C   1 
ATOM   61   O O   . ARG A 1 9   ? -1.777  -1.302  -15.847 1.00 36.32  ? 23  ARG A O   1 
ATOM   62   C CB  . ARG A 1 9   ? -3.891  1.183   -15.769 1.00 39.45  ? 23  ARG A CB  1 
ATOM   63   C CG  . ARG A 1 9   ? -4.623  2.263   -16.530 1.00 42.74  ? 23  ARG A CG  1 
ATOM   64   C CD  . ARG A 1 9   ? -3.895  2.714   -17.756 1.00 49.30  ? 23  ARG A CD  1 
ATOM   65   N NE  . ARG A 1 9   ? -4.426  3.984   -18.324 1.00 56.79  ? 23  ARG A NE  1 
ATOM   66   C CZ  . ARG A 1 9   ? -4.030  5.228   -18.015 1.00 54.00  ? 23  ARG A CZ  1 
ATOM   67   N NH1 . ARG A 1 9   ? -3.099  5.466   -17.070 1.00 47.14  ? 23  ARG A NH1 1 
ATOM   68   N NH2 . ARG A 1 9   ? -4.557  6.265   -18.686 1.00 50.54  ? 23  ARG A NH2 1 
ATOM   69   N N   . LEU A 1 10  ? -3.356  -1.450  -14.260 1.00 33.35  ? 24  LEU A N   1 
ATOM   70   C CA  . LEU A 1 10  ? -2.533  -2.134  -13.318 1.00 31.74  ? 24  LEU A CA  1 
ATOM   71   C C   . LEU A 1 10  ? -2.055  -3.449  -13.870 1.00 30.58  ? 24  LEU A C   1 
ATOM   72   O O   . LEU A 1 10  ? -0.907  -3.802  -13.635 1.00 29.09  ? 24  LEU A O   1 
ATOM   73   C CB  . LEU A 1 10  ? -3.236  -2.372  -11.983 1.00 32.82  ? 24  LEU A CB  1 
ATOM   74   C CG  . LEU A 1 10  ? -3.455  -1.148  -11.103 1.00 34.68  ? 24  LEU A CG  1 
ATOM   75   C CD1 . LEU A 1 10  ? -4.565  -1.364  -10.096 1.00 34.12  ? 24  LEU A CD1 1 
ATOM   76   C CD2 . LEU A 1 10  ? -2.149  -0.749  -10.411 1.00 35.70  ? 24  LEU A CD2 1 
ATOM   77   N N   . ARG A 1 11  ? -2.889  -4.146  -14.615 1.00 32.17  ? 25  ARG A N   1 
ATOM   78   C CA  . ARG A 1 11  ? -2.511  -5.474  -15.148 1.00 38.81  ? 25  ARG A CA  1 
ATOM   79   C C   . ARG A 1 11  ? -1.301  -5.450  -16.098 1.00 40.86  ? 25  ARG A C   1 
ATOM   80   O O   . ARG A 1 11  ? -0.578  -6.446  -16.191 1.00 37.20  ? 25  ARG A O   1 
ATOM   81   C CB  . ARG A 1 11  ? -3.686  -6.165  -15.844 1.00 42.08  ? 25  ARG A CB  1 
ATOM   82   C CG  . ARG A 1 11  ? -4.709  -6.681  -14.830 1.00 50.94  ? 25  ARG A CG  1 
ATOM   83   C CD  . ARG A 1 11  ? -5.937  -7.331  -15.443 1.00 55.56  ? 25  ARG A CD  1 
ATOM   84   N NE  . ARG A 1 11  ? -6.979  -7.466  -14.410 1.00 67.32  ? 25  ARG A NE  1 
ATOM   85   C CZ  . ARG A 1 11  ? -8.252  -7.027  -14.482 1.00 75.44  ? 25  ARG A CZ  1 
ATOM   86   N NH1 . ARG A 1 11  ? -8.732  -6.404  -15.590 1.00 73.61  ? 25  ARG A NH1 1 
ATOM   87   N NH2 . ARG A 1 11  ? -9.063  -7.219  -13.419 1.00 68.11  ? 25  ARG A NH2 1 
ATOM   88   N N   . LYS A 1 12  ? -1.097  -4.331  -16.791 1.00 38.30  ? 26  LYS A N   1 
ATOM   89   C CA  . LYS A 1 12  ? 0.007   -4.196  -17.714 1.00 40.42  ? 26  LYS A CA  1 
ATOM   90   C C   . LYS A 1 12  ? 1.355   -4.127  -17.008 1.00 36.41  ? 26  LYS A C   1 
ATOM   91   O O   . LYS A 1 12  ? 2.359   -4.316  -17.647 1.00 33.57  ? 26  LYS A O   1 
ATOM   92   C CB  . LYS A 1 12  ? -0.165  -2.942  -18.569 1.00 47.84  ? 26  LYS A CB  1 
ATOM   93   C CG  . LYS A 1 12  ? -1.369  -2.960  -19.518 1.00 51.07  ? 26  LYS A CG  1 
ATOM   94   C CD  . LYS A 1 12  ? -1.353  -1.677  -20.347 1.00 62.46  ? 26  LYS A CD  1 
ATOM   95   C CE  . LYS A 1 12  ? -2.689  -1.338  -21.002 1.00 72.91  ? 26  LYS A CE  1 
ATOM   96   N NZ  . LYS A 1 12  ? -3.103  -2.392  -21.973 1.00 74.71  ? 26  LYS A NZ  1 
ATOM   97   N N   . TYR A 1 13  ? 1.379   -3.858  -15.699 1.00 33.81  ? 27  TYR A N   1 
ATOM   98   C CA  . TYR A 1 13  ? 2.609   -3.798  -14.955 1.00 30.89  ? 27  TYR A CA  1 
ATOM   99   C C   . TYR A 1 13  ? 2.812   -5.006  -14.021 1.00 28.79  ? 27  TYR A C   1 
ATOM   100  O O   . TYR A 1 13  ? 3.742   -5.031  -13.206 1.00 28.12  ? 27  TYR A O   1 
ATOM   101  C CB  . TYR A 1 13  ? 2.634   -2.493  -14.174 1.00 29.79  ? 27  TYR A CB  1 
ATOM   102  C CG  . TYR A 1 13  ? 2.586   -1.263  -15.056 1.00 31.95  ? 27  TYR A CG  1 
ATOM   103  C CD1 . TYR A 1 13  ? 1.365   -0.798  -15.534 1.00 33.69  ? 27  TYR A CD1 1 
ATOM   104  C CD2 . TYR A 1 13  ? 3.751   -0.538  -15.395 1.00 30.78  ? 27  TYR A CD2 1 
ATOM   105  C CE1 . TYR A 1 13  ? 1.282   0.336   -16.327 1.00 32.67  ? 27  TYR A CE1 1 
ATOM   106  C CE2 . TYR A 1 13  ? 3.676   0.602   -16.209 1.00 34.33  ? 27  TYR A CE2 1 
ATOM   107  C CZ  . TYR A 1 13  ? 2.425   1.023   -16.670 1.00 35.94  ? 27  TYR A CZ  1 
ATOM   108  O OH  . TYR A 1 13  ? 2.260   2.138   -17.446 1.00 36.36  ? 27  TYR A OH  1 
ATOM   109  N N   . ASP A 1 14  ? 1.953   -5.998  -14.140 1.00 29.13  ? 28  ASP A N   1 
ATOM   110  C CA  . ASP A 1 14  ? 1.989   -7.187  -13.280 1.00 33.69  ? 28  ASP A CA  1 
ATOM   111  C C   . ASP A 1 14  ? 3.215   -8.006  -13.659 1.00 37.33  ? 28  ASP A C   1 
ATOM   112  O O   . ASP A 1 14  ? 3.336   -8.458  -14.793 1.00 39.57  ? 28  ASP A O   1 
ATOM   113  C CB  . ASP A 1 14  ? 0.735   -8.023  -13.526 1.00 33.40  ? 28  ASP A CB  1 
ATOM   114  C CG  . ASP A 1 14  ? 0.494   -9.157  -12.477 1.00 36.96  ? 28  ASP A CG  1 
ATOM   115  O OD1 . ASP A 1 14  ? 1.093   -9.248  -11.368 1.00 36.75  ? 28  ASP A OD1 1 
ATOM   116  O OD2 . ASP A 1 14  ? -0.429  -9.920  -12.756 1.00 42.44  ? 28  ASP A OD2 1 
ATOM   117  N N   . ILE A 1 15  ? 4.120   -8.178  -12.715 1.00 42.30  ? 29  ILE A N   1 
ATOM   118  C CA  . ILE A 1 15  ? 5.203   -9.133  -12.895 1.00 47.57  ? 29  ILE A CA  1 
ATOM   119  C C   . ILE A 1 15  ? 4.815   -10.594 -12.589 1.00 48.36  ? 29  ILE A C   1 
ATOM   120  O O   . ILE A 1 15  ? 5.552   -11.490 -12.933 1.00 48.76  ? 29  ILE A O   1 
ATOM   121  C CB  . ILE A 1 15  ? 6.455   -8.691  -12.132 1.00 53.19  ? 29  ILE A CB  1 
ATOM   122  C CG1 . ILE A 1 15  ? 6.283   -8.837  -10.632 1.00 54.09  ? 29  ILE A CG1 1 
ATOM   123  C CG2 . ILE A 1 15  ? 6.817   -7.233  -12.504 1.00 55.16  ? 29  ILE A CG2 1 
ATOM   124  C CD1 . ILE A 1 15  ? 7.574   -9.255  -9.969  1.00 61.44  ? 29  ILE A CD1 1 
ATOM   125  N N   . GLY A 1 16  ? 3.663   -10.824 -11.941 1.00 54.32  ? 30  GLY A N   1 
ATOM   126  C CA  . GLY A 1 16  ? 3.266   -12.158 -11.438 1.00 51.09  ? 30  GLY A CA  1 
ATOM   127  C C   . GLY A 1 16  ? 4.165   -12.791 -10.354 1.00 50.71  ? 30  GLY A C   1 
ATOM   128  O O   . GLY A 1 16  ? 4.635   -12.111 -9.428  1.00 44.73  ? 30  GLY A O   1 
ATOM   129  N N   . GLY A 1 17  ? 4.386   -14.109 -10.479 1.00 51.59  ? 31  GLY A N   1 
ATOM   130  C CA  . GLY A 1 17  ? 5.227   -14.893 -9.556  1.00 48.95  ? 31  GLY A CA  1 
ATOM   131  C C   . GLY A 1 17  ? 6.682   -15.101 -9.987  1.00 46.73  ? 31  GLY A C   1 
ATOM   132  O O   . GLY A 1 17  ? 7.436   -15.810 -9.334  1.00 41.86  ? 31  GLY A O   1 
ATOM   133  N N   . LYS A 1 18  ? 7.051   -14.454 -11.082 1.00 45.14  ? 32  LYS A N   1 
ATOM   134  C CA  . LYS A 1 18  ? 8.400   -14.406 -11.648 1.00 45.88  ? 32  LYS A CA  1 
ATOM   135  C C   . LYS A 1 18  ? 9.560   -14.338 -10.578 1.00 40.58  ? 32  LYS A C   1 
ATOM   136  O O   . LYS A 1 18  ? 10.418  -15.192 -10.561 1.00 37.85  ? 32  LYS A O   1 
ATOM   137  C CB  . LYS A 1 18  ? 8.377   -13.227 -12.661 1.00 44.35  ? 32  LYS A CB  1 
ATOM   138  C CG  . LYS A 1 18  ? 9.497   -13.174 -13.666 1.00 53.08  ? 32  LYS A CG  1 
ATOM   139  C CD  . LYS A 1 18  ? 9.195   -12.262 -14.843 1.00 53.67  ? 32  LYS A CD  1 
ATOM   140  C CE  . LYS A 1 18  ? 8.599   -13.027 -16.006 1.00 56.62  ? 32  LYS A CE  1 
ATOM   141  N NZ  . LYS A 1 18  ? 8.276   -12.044 -17.075 1.00 64.55  ? 32  LYS A NZ  1 
ATOM   142  N N   . TYR A 1 19  ? 9.479   -13.417 -9.616  1.00 38.05  ? 33  TYR A N   1 
ATOM   143  C CA  . TYR A 1 19  ? 10.487  -13.247 -8.550  1.00 34.17  ? 33  TYR A CA  1 
ATOM   144  C C   . TYR A 1 19  ? 10.149  -13.912 -7.201  1.00 36.26  ? 33  TYR A C   1 
ATOM   145  O O   . TYR A 1 19  ? 10.960  -13.839 -6.235  1.00 29.98  ? 33  TYR A O   1 
ATOM   146  C CB  . TYR A 1 19  ? 10.783  -11.749 -8.326  1.00 32.35  ? 33  TYR A CB  1 
ATOM   147  C CG  . TYR A 1 19  ? 11.584  -11.132 -9.460  1.00 30.45  ? 33  TYR A CG  1 
ATOM   148  C CD1 . TYR A 1 19  ? 11.002  -10.905 -10.707 1.00 31.92  ? 33  TYR A CD1 1 
ATOM   149  C CD2 . TYR A 1 19  ? 12.913  -10.802 -9.301  1.00 30.42  ? 33  TYR A CD2 1 
ATOM   150  C CE1 . TYR A 1 19  ? 11.720  -10.357 -11.766 1.00 33.45  ? 33  TYR A CE1 1 
ATOM   151  C CE2 . TYR A 1 19  ? 13.640  -10.239 -10.346 1.00 31.46  ? 33  TYR A CE2 1 
ATOM   152  C CZ  . TYR A 1 19  ? 13.051  -10.029 -11.575 1.00 31.98  ? 33  TYR A CZ  1 
ATOM   153  O OH  . TYR A 1 19  ? 13.751  -9.463  -12.597 1.00 29.40  ? 33  TYR A OH  1 
ATOM   154  N N   . SER A 1 20  ? 9.032   -14.644 -7.146  1.00 33.55  ? 34  SER A N   1 
ATOM   155  C CA  . SER A 1 20  ? 8.581   -15.189 -5.874  1.00 34.41  ? 34  SER A CA  1 
ATOM   156  C C   . SER A 1 20  ? 9.307   -16.451 -5.320  1.00 31.24  ? 34  SER A C   1 
ATOM   157  O O   . SER A 1 20  ? 9.286   -16.606 -4.107  1.00 35.28  ? 34  SER A O   1 
ATOM   158  C CB  . SER A 1 20  ? 7.082   -15.449 -5.924  1.00 36.65  ? 34  SER A CB  1 
ATOM   159  O OG  . SER A 1 20  ? 6.800   -16.489 -6.880  1.00 40.71  ? 34  SER A OG  1 
ATOM   160  N N   A HIS A 1 21  ? 9.915   -17.317 -6.122  0.35 26.53  ? 35  HIS A N   1 
ATOM   161  N N   B HIS A 1 21  ? 9.869   -17.312 -6.188  0.15 31.02  ? 35  HIS A N   1 
ATOM   162  C CA  A HIS A 1 21  ? 10.581  -18.494 -5.519  0.35 25.81  ? 35  HIS A CA  1 
ATOM   163  C CA  B HIS A 1 21  ? 10.639  -18.522 -5.778  0.15 31.33  ? 35  HIS A CA  1 
ATOM   164  C C   A HIS A 1 21  ? 11.978  -18.186 -5.009  0.35 26.29  ? 35  HIS A C   1 
ATOM   165  C C   B HIS A 1 21  ? 11.942  -18.186 -5.043  0.15 30.44  ? 35  HIS A C   1 
ATOM   166  O O   A HIS A 1 21  ? 12.601  -19.017 -4.387  0.35 23.28  ? 35  HIS A O   1 
ATOM   167  O O   B HIS A 1 21  ? 12.458  -19.008 -4.299  0.15 28.73  ? 35  HIS A O   1 
ATOM   168  C CB  A HIS A 1 21  ? 10.729  -19.606 -6.504  0.35 25.08  ? 35  HIS A CB  1 
ATOM   169  C CB  B HIS A 1 21  ? 11.089  -19.366 -6.994  0.15 33.35  ? 35  HIS A CB  1 
ATOM   170  C CG  A HIS A 1 21  ? 11.948  -19.459 -7.347  0.35 27.87  ? 35  HIS A CG  1 
ATOM   171  C CG  B HIS A 1 21  ? 10.136  -20.443 -7.442  0.15 35.04  ? 35  HIS A CG  1 
ATOM   172  N ND1 A HIS A 1 21  ? 11.945  -18.758 -8.536  0.35 24.23  ? 35  HIS A ND1 1 
ATOM   173  N ND1 B HIS A 1 21  ? 9.263   -20.270 -8.497  0.15 37.04  ? 35  HIS A ND1 1 
ATOM   174  C CD2 A HIS A 1 21  ? 13.222  -19.880 -7.152  0.35 26.88  ? 35  HIS A CD2 1 
ATOM   175  C CD2 B HIS A 1 21  ? 9.993   -21.736 -7.055  0.15 37.23  ? 35  HIS A CD2 1 
ATOM   176  C CE1 A HIS A 1 21  ? 13.152  -18.781 -9.053  0.35 24.52  ? 35  HIS A CE1 1 
ATOM   177  C CE1 B HIS A 1 21  ? 8.588   -21.387 -8.708  0.15 37.50  ? 35  HIS A CE1 1 
ATOM   178  N NE2 A HIS A 1 21  ? 13.946  -19.455 -8.238  0.35 27.63  ? 35  HIS A NE2 1 
ATOM   179  N NE2 B HIS A 1 21  ? 9.008   -22.292 -7.842  0.15 37.57  ? 35  HIS A NE2 1 
ATOM   180  N N   . LEU A 1 22  ? 12.489  -16.990 -5.279  1.00 31.40  ? 36  LEU A N   1 
ATOM   181  C CA  . LEU A 1 22  ? 13.866  -16.663 -4.916  1.00 31.03  ? 36  LEU A CA  1 
ATOM   182  C C   . LEU A 1 22  ? 14.085  -16.708 -3.431  1.00 33.26  ? 36  LEU A C   1 
ATOM   183  O O   . LEU A 1 22  ? 13.250  -16.272 -2.664  1.00 36.08  ? 36  LEU A O   1 
ATOM   184  C CB  . LEU A 1 22  ? 14.329  -15.294 -5.478  1.00 30.31  ? 36  LEU A CB  1 
ATOM   185  C CG  . LEU A 1 22  ? 14.487  -15.193 -7.003  1.00 30.12  ? 36  LEU A CG  1 
ATOM   186  C CD1 . LEU A 1 22  ? 14.577  -13.758 -7.493  1.00 30.70  ? 36  LEU A CD1 1 
ATOM   187  C CD2 . LEU A 1 22  ? 15.694  -15.936 -7.489  1.00 33.65  ? 36  LEU A CD2 1 
ATOM   188  N N   . PRO A 1 23  ? 15.255  -17.192 -3.005  1.00 36.82  ? 37  PRO A N   1 
ATOM   189  C CA  . PRO A 1 23  ? 15.422  -17.511 -1.580  1.00 34.70  ? 37  PRO A CA  1 
ATOM   190  C C   . PRO A 1 23  ? 15.722  -16.280 -0.687  1.00 35.06  ? 37  PRO A C   1 
ATOM   191  O O   . PRO A 1 23  ? 16.750  -16.186 -0.038  1.00 35.01  ? 37  PRO A O   1 
ATOM   192  C CB  . PRO A 1 23  ? 16.579  -18.527 -1.617  1.00 36.75  ? 37  PRO A CB  1 
ATOM   193  C CG  . PRO A 1 23  ? 17.443  -18.040 -2.761  1.00 36.08  ? 37  PRO A CG  1 
ATOM   194  C CD  . PRO A 1 23  ? 16.472  -17.494 -3.801  1.00 35.20  ? 37  PRO A CD  1 
ATOM   195  N N   . TYR A 1 24  ? 14.801  -15.339 -0.608  1.00 33.21  ? 38  TYR A N   1 
ATOM   196  C CA  . TYR A 1 24  ? 15.018  -14.206 0.300   1.00 28.74  ? 38  TYR A CA  1 
ATOM   197  C C   . TYR A 1 24  ? 14.282  -14.381 1.617   1.00 26.62  ? 38  TYR A C   1 
ATOM   198  O O   . TYR A 1 24  ? 13.457  -15.258 1.748   1.00 24.00  ? 38  TYR A O   1 
ATOM   199  C CB  . TYR A 1 24  ? 14.510  -12.969 -0.399  1.00 29.62  ? 38  TYR A CB  1 
ATOM   200  C CG  . TYR A 1 24  ? 15.373  -12.490 -1.497  1.00 28.85  ? 38  TYR A CG  1 
ATOM   201  C CD1 . TYR A 1 24  ? 16.467  -11.687 -1.212  1.00 31.85  ? 38  TYR A CD1 1 
ATOM   202  C CD2 . TYR A 1 24  ? 15.088  -12.769 -2.829  1.00 30.40  ? 38  TYR A CD2 1 
ATOM   203  C CE1 . TYR A 1 24  ? 17.269  -11.177 -2.224  1.00 31.23  ? 38  TYR A CE1 1 
ATOM   204  C CE2 . TYR A 1 24  ? 15.879  -12.248 -3.858  1.00 29.56  ? 38  TYR A CE2 1 
ATOM   205  C CZ  . TYR A 1 24  ? 16.983  -11.475 -3.545  1.00 29.44  ? 38  TYR A CZ  1 
ATOM   206  O OH  . TYR A 1 24  ? 17.804  -10.951 -4.525  1.00 32.62  ? 38  TYR A OH  1 
ATOM   207  N N   . ASN A 1 25  ? 14.576  -13.519 2.574   1.00 26.32  ? 39  ASN A N   1 
ATOM   208  C CA  . ASN A 1 25  ? 13.632  -13.178 3.632   1.00 30.25  ? 39  ASN A CA  1 
ATOM   209  C C   . ASN A 1 25  ? 12.493  -12.389 2.982   1.00 29.04  ? 39  ASN A C   1 
ATOM   210  O O   . ASN A 1 25  ? 12.746  -11.346 2.391   1.00 27.04  ? 39  ASN A O   1 
ATOM   211  C CB  . ASN A 1 25  ? 14.316  -12.282 4.661   1.00 35.04  ? 39  ASN A CB  1 
ATOM   212  C CG  . ASN A 1 25  ? 15.378  -13.026 5.458   1.00 39.56  ? 39  ASN A CG  1 
ATOM   213  O OD1 . ASN A 1 25  ? 15.186  -14.191 5.818   1.00 44.73  ? 39  ASN A OD1 1 
ATOM   214  N ND2 . ASN A 1 25  ? 16.498  -12.368 5.720   1.00 35.85  ? 39  ASN A ND2 1 
ATOM   215  N N   . LYS A 1 26  ? 11.297  -12.943 2.993   1.00 29.13  ? 40  LYS A N   1 
ATOM   216  C CA  . LYS A 1 26  ? 10.160  -12.450 2.213   1.00 28.58  ? 40  LYS A CA  1 
ATOM   217  C C   . LYS A 1 26  ? 9.093   -11.731 3.034   1.00 30.78  ? 40  LYS A C   1 
ATOM   218  O O   . LYS A 1 26  ? 8.644   -12.244 4.063   1.00 31.58  ? 40  LYS A O   1 
ATOM   219  C CB  . LYS A 1 26  ? 9.560   -13.611 1.470   1.00 31.78  ? 40  LYS A CB  1 
ATOM   220  C CG  . LYS A 1 26  ? 10.524  -14.159 0.417   1.00 34.28  ? 40  LYS A CG  1 
ATOM   221  C CD  . LYS A 1 26  ? 10.045  -15.450 -0.198  1.00 31.89  ? 40  LYS A CD  1 
ATOM   222  C CE  . LYS A 1 26  ? 8.824   -15.203 -1.024  1.00 36.33  ? 40  LYS A CE  1 
ATOM   223  N NZ  . LYS A 1 26  ? 8.883   -14.033 -1.983  1.00 37.10  ? 40  LYS A NZ  1 
ATOM   224  N N   . TYR A 1 27  ? 8.734   -10.528 2.576   1.00 32.87  ? 41  TYR A N   1 
ATOM   225  C CA  . TYR A 1 27  ? 7.640   -9.694  3.102   1.00 30.42  ? 41  TYR A CA  1 
ATOM   226  C C   . TYR A 1 27  ? 6.749   -9.286  1.938   1.00 31.54  ? 41  TYR A C   1 
ATOM   227  O O   . TYR A 1 27  ? 7.235   -9.172  0.816   1.00 32.65  ? 41  TYR A O   1 
ATOM   228  C CB  . TYR A 1 27  ? 8.145   -8.414  3.768   1.00 30.89  ? 41  TYR A CB  1 
ATOM   229  C CG  . TYR A 1 27  ? 8.996   -8.619  5.002   1.00 29.95  ? 41  TYR A CG  1 
ATOM   230  C CD1 . TYR A 1 27  ? 10.293  -9.131  4.894   1.00 33.23  ? 41  TYR A CD1 1 
ATOM   231  C CD2 . TYR A 1 27  ? 8.525   -8.277  6.271   1.00 31.86  ? 41  TYR A CD2 1 
ATOM   232  C CE1 . TYR A 1 27  ? 11.091  -9.323  6.012   1.00 32.96  ? 41  TYR A CE1 1 
ATOM   233  C CE2 . TYR A 1 27  ? 9.311   -8.442  7.417   1.00 30.97  ? 41  TYR A CE2 1 
ATOM   234  C CZ  . TYR A 1 27  ? 10.584  -8.975  7.287   1.00 35.43  ? 41  TYR A CZ  1 
ATOM   235  O OH  . TYR A 1 27  ? 11.395  -9.134  8.384   1.00 37.38  ? 41  TYR A OH  1 
ATOM   236  N N   . SER A 1 28  ? 5.444   -9.107  2.210   1.00 28.78  ? 42  SER A N   1 
ATOM   237  C CA  . SER A 1 28  ? 4.485   -8.611  1.244   1.00 27.34  ? 42  SER A CA  1 
ATOM   238  C C   . SER A 1 28  ? 3.802   -7.372  1.804   1.00 27.95  ? 42  SER A C   1 
ATOM   239  O O   . SER A 1 28  ? 3.653   -7.244  3.022   1.00 27.15  ? 42  SER A O   1 
ATOM   240  C CB  . SER A 1 28  ? 3.413   -9.635  0.893   1.00 28.13  ? 42  SER A CB  1 
ATOM   241  O OG  . SER A 1 28  ? 3.944   -10.724 0.185   1.00 28.78  ? 42  SER A OG  1 
ATOM   242  N N   . VAL A 1 29  ? 3.416   -6.451  0.912   1.00 25.88  ? 43  VAL A N   1 
ATOM   243  C CA  . VAL A 1 29  ? 2.625   -5.304  1.306   1.00 25.19  ? 43  VAL A CA  1 
ATOM   244  C C   . VAL A 1 29  ? 1.411   -5.238  0.406   1.00 25.24  ? 43  VAL A C   1 
ATOM   245  O O   . VAL A 1 29  ? 1.478   -5.691  -0.730  1.00 24.87  ? 43  VAL A O   1 
ATOM   246  C CB  . VAL A 1 29  ? 3.350   -3.967  1.256   1.00 31.42  ? 43  VAL A CB  1 
ATOM   247  C CG1 . VAL A 1 29  ? 4.301   -3.818  2.453   1.00 32.77  ? 43  VAL A CG1 1 
ATOM   248  C CG2 . VAL A 1 29  ? 4.052   -3.737  -0.092  1.00 33.34  ? 43  VAL A CG2 1 
ATOM   249  N N   . LEU A 1 30  ? 0.301   -4.720  0.946   1.00 24.18  ? 44  LEU A N   1 
ATOM   250  C CA  . LEU A 1 30  ? -0.900  -4.443  0.162   1.00 25.68  ? 44  LEU A CA  1 
ATOM   251  C C   . LEU A 1 30  ? -1.025  -2.942  -0.052  1.00 22.38  ? 44  LEU A C   1 
ATOM   252  O O   . LEU A 1 30  ? -0.922  -2.194  0.858   1.00 25.86  ? 44  LEU A O   1 
ATOM   253  C CB  . LEU A 1 30  ? -2.131  -4.939  0.886   1.00 26.28  ? 44  LEU A CB  1 
ATOM   254  C CG  . LEU A 1 30  ? -3.446  -4.822  0.142   1.00 25.96  ? 44  LEU A CG  1 
ATOM   255  C CD1 . LEU A 1 30  ? -3.554  -5.842  -0.957  1.00 27.87  ? 44  LEU A CD1 1 
ATOM   256  C CD2 . LEU A 1 30  ? -4.582  -5.050  1.112   1.00 27.19  ? 44  LEU A CD2 1 
ATOM   257  N N   . LEU A 1 31  ? -1.213  -2.538  -1.270  1.00 22.32  ? 45  LEU A N   1 
ATOM   258  C CA  . LEU A 1 31  ? -1.461  -1.141  -1.647  1.00 25.30  ? 45  LEU A CA  1 
ATOM   259  C C   . LEU A 1 31  ? -2.974  -1.088  -1.886  1.00 24.08  ? 45  LEU A C   1 
ATOM   260  O O   . LEU A 1 31  ? -3.435  -1.531  -2.943  1.00 23.42  ? 45  LEU A O   1 
ATOM   261  C CB  . LEU A 1 31  ? -0.698  -0.801  -2.927  1.00 26.49  ? 45  LEU A CB  1 
ATOM   262  C CG  . LEU A 1 31  ? 0.824   -0.514  -2.896  1.00 31.04  ? 45  LEU A CG  1 
ATOM   263  C CD1 . LEU A 1 31  ? 1.619   -1.253  -1.867  1.00 29.94  ? 45  LEU A CD1 1 
ATOM   264  C CD2 . LEU A 1 31  ? 1.462   -0.768  -4.263  1.00 35.39  ? 45  LEU A CD2 1 
ATOM   265  N N   . PRO A 1 32  ? -3.745  -0.660  -0.885  1.00 24.26  ? 46  PRO A N   1 
ATOM   266  C CA  . PRO A 1 32  ? -5.204  -0.788  -0.971  1.00 25.37  ? 46  PRO A CA  1 
ATOM   267  C C   . PRO A 1 32  ? -5.849  0.464   -1.604  1.00 25.36  ? 46  PRO A C   1 
ATOM   268  O O   . PRO A 1 32  ? -5.624  1.594   -1.116  1.00 21.55  ? 46  PRO A O   1 
ATOM   269  C CB  . PRO A 1 32  ? -5.617  -0.931  0.503   1.00 25.70  ? 46  PRO A CB  1 
ATOM   270  C CG  . PRO A 1 32  ? -4.332  -0.924  1.320   1.00 26.50  ? 46  PRO A CG  1 
ATOM   271  C CD  . PRO A 1 32  ? -3.406  -0.097  0.431   1.00 25.16  ? 46  PRO A CD  1 
ATOM   272  N N   . LEU A 1 33  ? -6.525  0.255   -2.731  1.00 24.48  ? 47  LEU A N   1 
ATOM   273  C CA  . LEU A 1 33  ? -7.223  1.312   -3.455  1.00 30.76  ? 47  LEU A CA  1 
ATOM   274  C C   . LEU A 1 33  ? -8.674  1.330   -3.038  1.00 29.81  ? 47  LEU A C   1 
ATOM   275  O O   . LEU A 1 33  ? -9.347  0.326   -3.187  1.00 27.44  ? 47  LEU A O   1 
ATOM   276  C CB  . LEU A 1 33  ? -7.230  1.110   -4.973  1.00 30.77  ? 47  LEU A CB  1 
ATOM   277  C CG  . LEU A 1 33  ? -5.907  1.426   -5.682  1.00 36.67  ? 47  LEU A CG  1 
ATOM   278  C CD1 . LEU A 1 33  ? -5.973  0.932   -7.122  1.00 37.00  ? 47  LEU A CD1 1 
ATOM   279  C CD2 . LEU A 1 33  ? -5.570  2.914   -5.659  1.00 36.17  ? 47  LEU A CD2 1 
ATOM   280  N N   . VAL A 1 34  ? -9.113  2.515   -2.639  1.00 29.82  ? 48  VAL A N   1 
ATOM   281  C CA  . VAL A 1 34  ? -10.429 2.837   -2.174  1.00 32.57  ? 48  VAL A CA  1 
ATOM   282  C C   . VAL A 1 34  ? -11.016 3.938   -3.056  1.00 33.80  ? 48  VAL A C   1 
ATOM   283  O O   . VAL A 1 34  ? -10.387 5.001   -3.235  1.00 30.20  ? 48  VAL A O   1 
ATOM   284  C CB  . VAL A 1 34  ? -10.347 3.401   -0.754  1.00 32.03  ? 48  VAL A CB  1 
ATOM   285  C CG1 . VAL A 1 34  ? -11.731 3.722   -0.239  1.00 34.91  ? 48  VAL A CG1 1 
ATOM   286  C CG2 . VAL A 1 34  ? -9.726  2.375   0.171   1.00 38.71  ? 48  VAL A CG2 1 
ATOM   287  N N   . ALA A 1 35  ? -12.213 3.694   -3.573  1.00 31.00  ? 49  ALA A N   1 
ATOM   288  C CA  . ALA A 1 35  ? -12.974 4.715   -4.306  1.00 36.07  ? 49  ALA A CA  1 
ATOM   289  C C   . ALA A 1 35  ? -13.949 5.455   -3.396  1.00 41.25  ? 49  ALA A C   1 
ATOM   290  O O   . ALA A 1 35  ? -14.905 4.833   -2.982  1.00 48.21  ? 49  ALA A O   1 
ATOM   291  C CB  . ALA A 1 35  ? -13.757 4.064   -5.433  1.00 36.84  ? 49  ALA A CB  1 
ATOM   292  N N   . LYS A 1 36  ? -13.712 6.751   -3.114  1.00 42.37  ? 50  LYS A N   1 
ATOM   293  C CA  . LYS A 1 36  ? -14.636 7.667   -2.390  1.00 45.47  ? 50  LYS A CA  1 
ATOM   294  C C   . LYS A 1 36  ? -14.786 8.965   -3.204  1.00 44.82  ? 50  LYS A C   1 
ATOM   295  O O   . LYS A 1 36  ? -13.790 9.526   -3.696  1.00 38.18  ? 50  LYS A O   1 
ATOM   296  C CB  . LYS A 1 36  ? -14.126 8.131   -1.013  1.00 48.71  ? 50  LYS A CB  1 
ATOM   297  C CG  . LYS A 1 36  ? -13.858 7.087   0.042   1.00 61.45  ? 50  LYS A CG  1 
ATOM   298  C CD  . LYS A 1 36  ? -15.100 6.479   0.703   1.00 68.29  ? 50  LYS A CD  1 
ATOM   299  C CE  . LYS A 1 36  ? -14.724 5.409   1.746   1.00 68.58  ? 50  LYS A CE  1 
ATOM   300  N NZ  . LYS A 1 36  ? -15.658 4.234   1.730   1.00 70.93  ? 50  LYS A NZ  1 
ATOM   301  N N   . GLU A 1 37  ? -16.022 9.446   -3.322  1.00 41.75  ? 51  GLU A N   1 
ATOM   302  C CA  . GLU A 1 37  ? -16.327 10.777  -3.862  1.00 40.29  ? 51  GLU A CA  1 
ATOM   303  C C   . GLU A 1 37  ? -15.884 10.922  -5.267  1.00 35.44  ? 51  GLU A C   1 
ATOM   304  O O   . GLU A 1 37  ? -15.378 11.946  -5.642  1.00 36.65  ? 51  GLU A O   1 
ATOM   305  C CB  . GLU A 1 37  ? -15.724 11.878  -2.966  1.00 48.06  ? 51  GLU A CB  1 
ATOM   306  C CG  . GLU A 1 37  ? -16.202 11.723  -1.521  1.00 59.02  ? 51  GLU A CG  1 
ATOM   307  C CD  . GLU A 1 37  ? -15.659 12.734  -0.539  1.00 72.74  ? 51  GLU A CD  1 
ATOM   308  O OE1 . GLU A 1 37  ? -15.879 12.509  0.674   1.00 86.41  ? 51  GLU A OE1 1 
ATOM   309  O OE2 . GLU A 1 37  ? -15.026 13.729  -0.956  1.00 85.16  ? 51  GLU A OE2 1 
ATOM   310  N N   . GLY A 1 38  ? -16.078 9.865   -6.042  1.00 36.27  ? 52  GLY A N   1 
ATOM   311  C CA  . GLY A 1 38  ? -15.689 9.819   -7.431  1.00 36.34  ? 52  GLY A CA  1 
ATOM   312  C C   . GLY A 1 38  ? -14.182 9.711   -7.713  1.00 42.54  ? 52  GLY A C   1 
ATOM   313  O O   . GLY A 1 38  ? -13.796 9.819   -8.881  1.00 43.39  ? 52  GLY A O   1 
ATOM   314  N N   . LYS A 1 39  ? -13.334 9.475   -6.702  1.00 40.35  ? 53  LYS A N   1 
ATOM   315  C CA  . LYS A 1 39  ? -11.861 9.431   -6.922  1.00 44.88  ? 53  LYS A CA  1 
ATOM   316  C C   . LYS A 1 39  ? -11.180 8.243   -6.244  1.00 38.74  ? 53  LYS A C   1 
ATOM   317  O O   . LYS A 1 39  ? -11.661 7.723   -5.235  1.00 34.87  ? 53  LYS A O   1 
ATOM   318  C CB  . LYS A 1 39  ? -11.228 10.717  -6.381  1.00 51.09  ? 53  LYS A CB  1 
ATOM   319  C CG  . LYS A 1 39  ? -11.656 11.951  -7.171  1.00 64.33  ? 53  LYS A CG  1 
ATOM   320  C CD  . LYS A 1 39  ? -11.426 13.309  -6.496  1.00 76.43  ? 53  LYS A CD  1 
ATOM   321  C CE  . LYS A 1 39  ? -11.764 13.411  -5.002  1.00 78.76  ? 53  LYS A CE  1 
ATOM   322  N NZ  . LYS A 1 39  ? -10.544 13.521  -4.139  1.00 75.85  ? 53  LYS A NZ  1 
ATOM   323  N N   . LEU A 1 40  ? -10.020 7.862   -6.752  1.00 33.50  ? 54  LEU A N   1 
ATOM   324  C CA  . LEU A 1 40  ? -9.251  6.788   -6.134  1.00 32.46  ? 54  LEU A CA  1 
ATOM   325  C C   . LEU A 1 40  ? -8.397  7.364   -5.016  1.00 29.06  ? 54  LEU A C   1 
ATOM   326  O O   . LEU A 1 40  ? -7.887  8.481   -5.125  1.00 28.61  ? 54  LEU A O   1 
ATOM   327  C CB  . LEU A 1 40  ? -8.420  6.027   -7.170  1.00 34.84  ? 54  LEU A CB  1 
ATOM   328  C CG  . LEU A 1 40  ? -9.229  5.207   -8.183  1.00 36.58  ? 54  LEU A CG  1 
ATOM   329  C CD1 . LEU A 1 40  ? -8.323  4.680   -9.270  1.00 40.21  ? 54  LEU A CD1 1 
ATOM   330  C CD2 . LEU A 1 40  ? -9.984  4.044   -7.523  1.00 39.28  ? 54  LEU A CD2 1 
ATOM   331  N N   . HIS A 1 41  ? -8.312  6.610   -3.929  1.00 25.87  ? 55  HIS A N   1 
ATOM   332  C CA  . HIS A 1 41  ? -7.474  6.897   -2.783  1.00 26.21  ? 55  HIS A CA  1 
ATOM   333  C C   . HIS A 1 41  ? -6.645  5.649   -2.440  1.00 26.83  ? 55  HIS A C   1 
ATOM   334  O O   . HIS A 1 41  ? -7.064  4.510   -2.689  1.00 29.76  ? 55  HIS A O   1 
ATOM   335  C CB  . HIS A 1 41  ? -8.348  7.160   -1.553  1.00 27.09  ? 55  HIS A CB  1 
ATOM   336  C CG  . HIS A 1 41  ? -9.207  8.361   -1.673  1.00 28.64  ? 55  HIS A CG  1 
ATOM   337  N ND1 . HIS A 1 41  ? -10.308 8.408   -2.508  1.00 32.02  ? 55  HIS A ND1 1 
ATOM   338  C CD2 . HIS A 1 41  ? -9.132  9.563   -1.070  1.00 30.03  ? 55  HIS A CD2 1 
ATOM   339  C CE1 . HIS A 1 41  ? -10.842 9.611   -2.437  1.00 33.53  ? 55  HIS A CE1 1 
ATOM   340  N NE2 . HIS A 1 41  ? -10.156 10.328  -1.567  1.00 33.16  ? 55  HIS A NE2 1 
ATOM   341  N N   . LEU A 1 42  ? -5.500  5.875   -1.814  1.00 26.70  ? 56  LEU A N   1 
ATOM   342  C CA  . LEU A 1 42  ? -4.719  4.842   -1.169  1.00 26.14  ? 56  LEU A CA  1 
ATOM   343  C C   . LEU A 1 42  ? -4.947  4.857   0.345   1.00 26.14  ? 56  LEU A C   1 
ATOM   344  O O   . LEU A 1 42  ? -4.961  5.913   0.977   1.00 26.52  ? 56  LEU A O   1 
ATOM   345  C CB  . LEU A 1 42  ? -3.205  5.027   -1.463  1.00 26.03  ? 56  LEU A CB  1 
ATOM   346  C CG  . LEU A 1 42  ? -2.738  4.481   -2.816  1.00 27.67  ? 56  LEU A CG  1 
ATOM   347  C CD1 . LEU A 1 42  ? -1.302  4.939   -3.142  1.00 29.56  ? 56  LEU A CD1 1 
ATOM   348  C CD2 . LEU A 1 42  ? -2.835  2.966   -2.847  1.00 25.68  ? 56  LEU A CD2 1 
ATOM   349  N N   . LEU A 1 43  ? -5.043  3.673   0.922   1.00 25.59  ? 57  LEU A N   1 
ATOM   350  C CA  . LEU A 1 43  ? -5.107  3.474   2.382   1.00 26.21  ? 57  LEU A CA  1 
ATOM   351  C C   . LEU A 1 43  ? -3.723  3.185   2.954   1.00 26.81  ? 57  LEU A C   1 
ATOM   352  O O   . LEU A 1 43  ? -3.031  2.284   2.463   1.00 23.53  ? 57  LEU A O   1 
ATOM   353  C CB  . LEU A 1 43  ? -6.006  2.289   2.681   1.00 27.90  ? 57  LEU A CB  1 
ATOM   354  C CG  . LEU A 1 43  ? -6.313  2.083   4.182   1.00 32.91  ? 57  LEU A CG  1 
ATOM   355  C CD1 . LEU A 1 43  ? -7.702  1.469   4.349   1.00 35.47  ? 57  LEU A CD1 1 
ATOM   356  C CD2 . LEU A 1 43  ? -5.302  1.177   4.835   1.00 34.37  ? 57  LEU A CD2 1 
ATOM   357  N N   . PHE A 1 44  ? -3.359  3.948   3.991   1.00 26.97  ? 58  PHE A N   1 
ATOM   358  C CA  . PHE A 1 44  ? -2.097  3.879   4.696   1.00 24.86  ? 58  PHE A CA  1 
ATOM   359  C C   . PHE A 1 44  ? -2.361  3.606   6.153   1.00 28.77  ? 58  PHE A C   1 
ATOM   360  O O   . PHE A 1 44  ? -3.455  3.907   6.659   1.00 27.95  ? 58  PHE A O   1 
ATOM   361  C CB  . PHE A 1 44  ? -1.407  5.224   4.628   1.00 27.32  ? 58  PHE A CB  1 
ATOM   362  C CG  . PHE A 1 44  ? -0.945  5.617   3.220   1.00 26.92  ? 58  PHE A CG  1 
ATOM   363  C CD1 . PHE A 1 44  ? -1.799  6.274   2.343   1.00 27.16  ? 58  PHE A CD1 1 
ATOM   364  C CD2 . PHE A 1 44  ? 0.328   5.282   2.775   1.00 25.08  ? 58  PHE A CD2 1 
ATOM   365  C CE1 . PHE A 1 44  ? -1.378  6.651   1.089   1.00 27.40  ? 58  PHE A CE1 1 
ATOM   366  C CE2 . PHE A 1 44  ? 0.747   5.618   1.500   1.00 26.90  ? 58  PHE A CE2 1 
ATOM   367  C CZ  . PHE A 1 44  ? -0.096  6.325   0.655   1.00 27.71  ? 58  PHE A CZ  1 
ATOM   368  N N   . THR A 1 45  ? -1.358  3.039   6.835   1.00 28.90  ? 59  THR A N   1 
ATOM   369  C CA  . THR A 1 45  ? -1.360  2.869   8.302   1.00 28.26  ? 59  THR A CA  1 
ATOM   370  C C   . THR A 1 45  ? -0.260  3.710   8.892   1.00 29.25  ? 59  THR A C   1 
ATOM   371  O O   . THR A 1 45  ? 0.677   4.113   8.189   1.00 32.12  ? 59  THR A O   1 
ATOM   372  C CB  . THR A 1 45  ? -1.070  1.414   8.748   1.00 28.52  ? 59  THR A CB  1 
ATOM   373  O OG1 . THR A 1 45  ? 0.298   1.073   8.476   1.00 32.40  ? 59  THR A OG1 1 
ATOM   374  C CG2 . THR A 1 45  ? -1.922  0.443   8.036   1.00 25.70  ? 59  THR A CG2 1 
ATOM   375  N N   . VAL A 1 46  ? -0.387  3.977   10.184  1.00 29.68  ? 60  VAL A N   1 
ATOM   376  C CA  . VAL A 1 46  ? 0.688   4.487   10.986  1.00 31.09  ? 60  VAL A CA  1 
ATOM   377  C C   . VAL A 1 46  ? 0.972   3.380   11.987  1.00 34.12  ? 60  VAL A C   1 
ATOM   378  O O   . VAL A 1 46  ? 0.124   3.012   12.788  1.00 33.56  ? 60  VAL A O   1 
ATOM   379  C CB  . VAL A 1 46  ? 0.330   5.797   11.700  1.00 32.68  ? 60  VAL A CB  1 
ATOM   380  C CG1 . VAL A 1 46  ? 1.500   6.315   12.588  1.00 33.60  ? 60  VAL A CG1 1 
ATOM   381  C CG2 . VAL A 1 46  ? -0.077  6.830   10.684  1.00 32.73  ? 60  VAL A CG2 1 
ATOM   382  N N   . ARG A 1 47  ? 2.175   2.833   11.889  1.00 35.39  ? 61  ARG A N   1 
ATOM   383  C CA  . ARG A 1 47  ? 2.599   1.711   12.707  1.00 37.43  ? 61  ARG A CA  1 
ATOM   384  C C   . ARG A 1 47  ? 2.615   2.059   14.187  1.00 36.87  ? 61  ARG A C   1 
ATOM   385  O O   . ARG A 1 47  ? 2.925   3.174   14.558  1.00 37.00  ? 61  ARG A O   1 
ATOM   386  C CB  . ARG A 1 47  ? 3.971   1.266   12.250  1.00 40.44  ? 61  ARG A CB  1 
ATOM   387  C CG  . ARG A 1 47  ? 3.885   0.576   10.897  1.00 41.81  ? 61  ARG A CG  1 
ATOM   388  C CD  . ARG A 1 47  ? 5.246   0.342   10.266  1.00 45.69  ? 61  ARG A CD  1 
ATOM   389  N NE  . ARG A 1 47  ? 5.950   -0.749  10.922  1.00 46.85  ? 61  ARG A NE  1 
ATOM   390  C CZ  . ARG A 1 47  ? 5.733   -2.051  10.721  1.00 45.97  ? 61  ARG A CZ  1 
ATOM   391  N NH1 . ARG A 1 47  ? 4.804   -2.491  9.882   1.00 47.63  ? 61  ARG A NH1 1 
ATOM   392  N NH2 . ARG A 1 47  ? 6.463   -2.938  11.394  1.00 51.10  ? 61  ARG A NH2 1 
ATOM   393  N N   . SER A 1 48  ? 2.212   1.121   15.022  1.00 39.82  ? 62  SER A N   1 
ATOM   394  C CA  . SER A 1 48  ? 2.243   1.332   16.461  1.00 48.69  ? 62  SER A CA  1 
ATOM   395  C C   . SER A 1 48  ? 3.667   1.705   16.913  1.00 51.62  ? 62  SER A C   1 
ATOM   396  O O   . SER A 1 48  ? 4.654   1.128   16.411  1.00 44.74  ? 62  SER A O   1 
ATOM   397  C CB  . SER A 1 48  ? 1.836   0.066   17.222  1.00 49.05  ? 62  SER A CB  1 
ATOM   398  O OG  . SER A 1 48  ? 2.364   0.162   18.533  1.00 51.78  ? 62  SER A OG  1 
ATOM   399  N N   . GLU A 1 49  ? 3.756   2.626   17.881  1.00 58.52  ? 63  GLU A N   1 
ATOM   400  C CA  . GLU A 1 49  ? 5.049   2.996   18.524  1.00 64.60  ? 63  GLU A CA  1 
ATOM   401  C C   . GLU A 1 49  ? 5.791   1.789   19.181  1.00 64.92  ? 63  GLU A C   1 
ATOM   402  O O   . GLU A 1 49  ? 7.005   1.811   19.289  1.00 71.26  ? 63  GLU A O   1 
ATOM   403  C CB  . GLU A 1 49  ? 4.844   4.130   19.549  1.00 62.49  ? 63  GLU A CB  1 
ATOM   404  C CG  . GLU A 1 49  ? 4.382   5.485   18.981  1.00 69.27  ? 63  GLU A CG  1 
ATOM   405  C CD  . GLU A 1 49  ? 5.386   6.184   18.032  1.00 74.70  ? 63  GLU A CD  1 
ATOM   406  O OE1 . GLU A 1 49  ? 6.557   5.745   17.856  1.00 81.52  ? 63  GLU A OE1 1 
ATOM   407  O OE2 . GLU A 1 49  ? 4.983   7.212   17.445  1.00 68.81  ? 63  GLU A OE2 1 
ATOM   408  N N   . LYS A 1 50  ? 5.044   0.740   19.544  1.00 68.89  ? 64  LYS A N   1 
ATOM   409  C CA  . LYS A 1 50  ? 5.548   -0.473  20.222  1.00 74.88  ? 64  LYS A CA  1 
ATOM   410  C C   . LYS A 1 50  ? 6.358   -1.419  19.331  1.00 74.78  ? 64  LYS A C   1 
ATOM   411  O O   . LYS A 1 50  ? 7.014   -2.318  19.850  1.00 83.01  ? 64  LYS A O   1 
ATOM   412  C CB  . LYS A 1 50  ? 4.372   -1.319  20.804  1.00 75.72  ? 64  LYS A CB  1 
ATOM   413  C CG  . LYS A 1 50  ? 3.342   -0.589  21.677  1.00 83.47  ? 64  LYS A CG  1 
ATOM   414  C CD  . LYS A 1 50  ? 3.578   -0.765  23.180  1.00 94.62  ? 64  LYS A CD  1 
ATOM   415  C CE  . LYS A 1 50  ? 3.012   0.402   23.986  1.00 96.17  ? 64  LYS A CE  1 
ATOM   416  N NZ  . LYS A 1 50  ? 3.799   1.657   23.786  1.00 95.61  ? 64  LYS A NZ  1 
ATOM   417  N N   . LEU A 1 51  ? 6.290   -1.267  18.011  1.00 72.98  ? 65  LEU A N   1 
ATOM   418  C CA  . LEU A 1 51  ? 6.794   -2.316  17.119  1.00 74.42  ? 65  LEU A CA  1 
ATOM   419  C C   . LEU A 1 51  ? 8.325   -2.320  16.985  1.00 81.63  ? 65  LEU A C   1 
ATOM   420  O O   . LEU A 1 51  ? 8.990   -1.317  17.242  1.00 70.64  ? 65  LEU A O   1 
ATOM   421  C CB  . LEU A 1 51  ? 6.142   -2.225  15.734  1.00 71.63  ? 65  LEU A CB  1 
ATOM   422  C CG  . LEU A 1 51  ? 4.653   -2.549  15.607  1.00 69.88  ? 65  LEU A CG  1 
ATOM   423  C CD1 . LEU A 1 51  ? 4.211   -2.329  14.166  1.00 65.01  ? 65  LEU A CD1 1 
ATOM   424  C CD2 . LEU A 1 51  ? 4.354   -3.982  16.045  1.00 68.20  ? 65  LEU A CD2 1 
ATOM   425  N N   . ARG A 1 52  ? 8.841   -3.476  16.564  1.00 90.33  ? 66  ARG A N   1 
ATOM   426  C CA  . ARG A 1 52  ? 10.269  -3.720  16.354  1.00 92.70  ? 66  ARG A CA  1 
ATOM   427  C C   . ARG A 1 52  ? 10.721  -2.870  15.141  1.00 86.48  ? 66  ARG A C   1 
ATOM   428  O O   . ARG A 1 52  ? 11.463  -1.887  15.315  1.00 70.40  ? 66  ARG A O   1 
ATOM   429  C CB  . ARG A 1 52  ? 10.513  -5.242  16.154  1.00 107.95 ? 66  ARG A CB  1 
ATOM   430  C CG  . ARG A 1 52  ? 11.826  -5.817  16.686  1.00 120.30 ? 66  ARG A CG  1 
ATOM   431  C CD  . ARG A 1 52  ? 11.853  -6.054  18.201  1.00 122.50 ? 66  ARG A CD  1 
ATOM   432  N NE  . ARG A 1 52  ? 12.605  -5.003  18.894  1.00 128.61 ? 66  ARG A NE  1 
ATOM   433  C CZ  . ARG A 1 52  ? 13.939  -4.881  18.911  1.00 130.97 ? 66  ARG A CZ  1 
ATOM   434  N NH1 . ARG A 1 52  ? 14.730  -5.748  18.277  1.00 125.19 ? 66  ARG A NH1 1 
ATOM   435  N NH2 . ARG A 1 52  ? 14.495  -3.868  19.571  1.00 134.25 ? 66  ARG A NH2 1 
ATOM   436  N N   . ARG A 1 53  ? 10.215  -3.202  13.943  1.00 77.46  ? 67  ARG A N   1 
ATOM   437  C CA  . ARG A 1 53  ? 10.550  -2.459  12.716  1.00 78.10  ? 67  ARG A CA  1 
ATOM   438  C C   . ARG A 1 53  ? 9.678   -1.184  12.617  1.00 69.60  ? 67  ARG A C   1 
ATOM   439  O O   . ARG A 1 53  ? 8.453   -1.247  12.694  1.00 59.82  ? 67  ARG A O   1 
ATOM   440  C CB  . ARG A 1 53  ? 10.378  -3.305  11.423  1.00 85.96  ? 67  ARG A CB  1 
ATOM   441  C CG  . ARG A 1 53  ? 10.725  -4.794  11.518  1.00 101.17 ? 67  ARG A CG  1 
ATOM   442  C CD  . ARG A 1 53  ? 10.985  -5.446  10.155  1.00 108.62 ? 67  ARG A CD  1 
ATOM   443  N NE  . ARG A 1 53  ? 12.330  -5.142  9.624   1.00 115.25 ? 67  ARG A NE  1 
ATOM   444  C CZ  . ARG A 1 53  ? 13.446  -5.872  9.794   1.00 107.42 ? 67  ARG A CZ  1 
ATOM   445  N NH1 . ARG A 1 53  ? 13.465  -7.016  10.488  1.00 93.71  ? 67  ARG A NH1 1 
ATOM   446  N NH2 . ARG A 1 53  ? 14.585  -5.445  9.251   1.00 113.03 ? 67  ARG A NH2 1 
ATOM   447  N N   . ALA A 1 54  ? 10.330  -0.040  12.466  1.00 64.73  ? 68  ALA A N   1 
ATOM   448  C CA  . ALA A 1 54  ? 9.709   1.173   11.945  1.00 70.13  ? 68  ALA A CA  1 
ATOM   449  C C   . ALA A 1 54  ? 8.490   1.658   12.763  1.00 69.63  ? 68  ALA A C   1 
ATOM   450  O O   . ALA A 1 54  ? 7.440   1.929   12.186  1.00 63.60  ? 68  ALA A O   1 
ATOM   451  C CB  . ALA A 1 54  ? 9.338   0.969   10.472  1.00 70.43  ? 68  ALA A CB  1 
ATOM   452  N N   . PRO A 1 55  ? 8.645   1.784   14.104  1.00 64.42  ? 69  PRO A N   1 
ATOM   453  C CA  . PRO A 1 55  ? 7.577   2.269   14.973  1.00 56.97  ? 69  PRO A CA  1 
ATOM   454  C C   . PRO A 1 55  ? 7.206   3.657   14.608  1.00 49.05  ? 69  PRO A C   1 
ATOM   455  O O   . PRO A 1 55  ? 8.088   4.425   14.333  1.00 51.60  ? 69  PRO A O   1 
ATOM   456  C CB  . PRO A 1 55  ? 8.225   2.296   16.371  1.00 61.23  ? 69  PRO A CB  1 
ATOM   457  C CG  . PRO A 1 55  ? 9.674   2.454   16.095  1.00 63.59  ? 69  PRO A CG  1 
ATOM   458  C CD  . PRO A 1 55  ? 9.908   1.630   14.853  1.00 66.93  ? 69  PRO A CD  1 
ATOM   459  N N   . GLY A 1 56  ? 5.910   3.976   14.616  1.00 47.82  ? 70  GLY A N   1 
ATOM   460  C CA  . GLY A 1 56  ? 5.414   5.344   14.358  1.00 43.80  ? 70  GLY A CA  1 
ATOM   461  C C   . GLY A 1 56  ? 5.397   5.826   12.914  1.00 40.61  ? 70  GLY A C   1 
ATOM   462  O O   . GLY A 1 56  ? 5.034   6.968   12.645  1.00 40.64  ? 70  GLY A O   1 
ATOM   463  N N   . GLU A 1 57  ? 5.802   4.971   11.977  1.00 42.91  ? 71  GLU A N   1 
ATOM   464  C CA  . GLU A 1 57  ? 6.022   5.392   10.587  1.00 41.81  ? 71  GLU A CA  1 
ATOM   465  C C   . GLU A 1 57  ? 4.801   5.067   9.749   1.00 35.45  ? 71  GLU A C   1 
ATOM   466  O O   . GLU A 1 57  ? 4.119   4.073   9.994   1.00 30.97  ? 71  GLU A O   1 
ATOM   467  C CB  . GLU A 1 57  ? 7.246   4.680   9.989   1.00 48.53  ? 71  GLU A CB  1 
ATOM   468  C CG  . GLU A 1 57  ? 8.581   5.312   10.381  1.00 56.11  ? 71  GLU A CG  1 
ATOM   469  C CD  . GLU A 1 57  ? 9.779   4.678   9.683   1.00 58.76  ? 71  GLU A CD  1 
ATOM   470  O OE1 . GLU A 1 57  ? 9.658   4.062   8.594   1.00 57.59  ? 71  GLU A OE1 1 
ATOM   471  O OE2 . GLU A 1 57  ? 10.881  4.802   10.237  1.00 72.02  ? 71  GLU A OE2 1 
ATOM   472  N N   . VAL A 1 58  ? 4.570   5.891   8.734   1.00 32.99  ? 72  VAL A N   1 
ATOM   473  C CA  . VAL A 1 58  ? 3.560   5.627   7.754   1.00 31.37  ? 72  VAL A CA  1 
ATOM   474  C C   . VAL A 1 58  ? 4.079   4.487   6.868   1.00 32.65  ? 72  VAL A C   1 
ATOM   475  O O   . VAL A 1 58  ? 5.209   4.546   6.390   1.00 32.91  ? 72  VAL A O   1 
ATOM   476  C CB  . VAL A 1 58  ? 3.248   6.879   6.940   1.00 31.77  ? 72  VAL A CB  1 
ATOM   477  C CG1 . VAL A 1 58  ? 2.245   6.566   5.840   1.00 33.75  ? 72  VAL A CG1 1 
ATOM   478  C CG2 . VAL A 1 58  ? 2.650   7.945   7.859   1.00 32.02  ? 72  VAL A CG2 1 
ATOM   479  N N   . CYS A 1 59  ? 3.226   3.479   6.666   1.00 31.47  ? 73  CYS A N   1 
ATOM   480  C CA  . CYS A 1 59  ? 3.506   2.278   5.905   1.00 33.19  ? 73  CYS A CA  1 
ATOM   481  C C   . CYS A 1 59  ? 2.211   1.768   5.278   1.00 31.41  ? 73  CYS A C   1 
ATOM   482  O O   . CYS A 1 59  ? 1.123   2.100   5.713   1.00 33.20  ? 73  CYS A O   1 
ATOM   483  C CB  . CYS A 1 59  ? 4.025   1.189   6.866   1.00 40.97  ? 73  CYS A CB  1 
ATOM   484  S SG  . CYS A 1 59  ? 5.053   -0.034  6.041   1.00 57.24  ? 73  CYS A SG  1 
ATOM   485  N N   . PHE A 1 60  ? 2.326   0.920   4.280   1.00 28.83  ? 74  PHE A N   1 
ATOM   486  C CA  . PHE A 1 60  ? 1.205   0.161   3.817   1.00 27.16  ? 74  PHE A CA  1 
ATOM   487  C C   . PHE A 1 60  ? 1.079   -1.083  4.701   1.00 29.38  ? 74  PHE A C   1 
ATOM   488  O O   . PHE A 1 60  ? 2.054   -1.535  5.265   1.00 32.71  ? 74  PHE A O   1 
ATOM   489  C CB  . PHE A 1 60  ? 1.365   -0.259  2.361   1.00 25.19  ? 74  PHE A CB  1 
ATOM   490  C CG  . PHE A 1 60  ? 1.278   0.868   1.400   1.00 25.79  ? 74  PHE A CG  1 
ATOM   491  C CD1 . PHE A 1 60  ? 0.046   1.492   1.157   1.00 24.52  ? 74  PHE A CD1 1 
ATOM   492  C CD2 . PHE A 1 60  ? 2.406   1.291   0.684   1.00 25.05  ? 74  PHE A CD2 1 
ATOM   493  C CE1 . PHE A 1 60  ? -0.036  2.549   0.266   1.00 26.87  ? 74  PHE A CE1 1 
ATOM   494  C CE2 . PHE A 1 60  ? 2.316   2.359   -0.228  1.00 27.02  ? 74  PHE A CE2 1 
ATOM   495  C CZ  . PHE A 1 60  ? 1.089   2.980   -0.448  1.00 26.60  ? 74  PHE A CZ  1 
ATOM   496  N N   . PRO A 1 61  ? -0.137  -1.632  4.825   1.00 27.43  ? 75  PRO A N   1 
ATOM   497  C CA  . PRO A 1 61  ? -0.313  -2.903  5.497   1.00 26.12  ? 75  PRO A CA  1 
ATOM   498  C C   . PRO A 1 61  ? 0.516   -4.015  4.853   1.00 27.51  ? 75  PRO A C   1 
ATOM   499  O O   . PRO A 1 61  ? 0.642   -4.095  3.618   1.00 25.50  ? 75  PRO A O   1 
ATOM   500  C CB  . PRO A 1 61  ? -1.800  -3.236  5.269   1.00 25.52  ? 75  PRO A CB  1 
ATOM   501  C CG  . PRO A 1 61  ? -2.420  -2.050  4.696   1.00 26.32  ? 75  PRO A CG  1 
ATOM   502  C CD  . PRO A 1 61  ? -1.366  -1.138  4.173   1.00 25.28  ? 75  PRO A CD  1 
ATOM   503  N N   . GLY A 1 62  ? 1.022   -4.902  5.678   1.00 29.91  ? 76  GLY A N   1 
ATOM   504  C CA  . GLY A 1 62  ? 1.898   -5.951  5.195   1.00 29.99  ? 76  GLY A CA  1 
ATOM   505  C C   . GLY A 1 62  ? 2.759   -6.526  6.291   1.00 29.83  ? 76  GLY A C   1 
ATOM   506  O O   . GLY A 1 62  ? 2.744   -6.069  7.433   1.00 27.85  ? 76  GLY A O   1 
ATOM   507  N N   . GLY A 1 63  ? 3.547   -7.530  5.938   1.00 30.33  ? 77  GLY A N   1 
ATOM   508  C CA  . GLY A 1 63  ? 4.476   -8.087  6.907   1.00 27.15  ? 77  GLY A CA  1 
ATOM   509  C C   . GLY A 1 63  ? 5.120   -9.303  6.350   1.00 28.79  ? 77  GLY A C   1 
ATOM   510  O O   . GLY A 1 63  ? 5.074   -9.572  5.117   1.00 30.53  ? 77  GLY A O   1 
ATOM   511  N N   . LYS A 1 64  ? 5.660   -10.083 7.268   1.00 30.80  ? 78  LYS A N   1 
ATOM   512  C CA  . LYS A 1 64  ? 6.552   -11.188 6.904   1.00 31.99  ? 78  LYS A CA  1 
ATOM   513  C C   . LYS A 1 64  ? 5.780   -12.397 6.493   1.00 27.53  ? 78  LYS A C   1 
ATOM   514  O O   . LYS A 1 64  ? 4.811   -12.730 7.109   1.00 32.90  ? 78  LYS A O   1 
ATOM   515  C CB  . LYS A 1 64  ? 7.438   -11.536 8.087   1.00 34.44  ? 78  LYS A CB  1 
ATOM   516  C CG  . LYS A 1 64  ? 8.584   -12.461 7.698   1.00 40.62  ? 78  LYS A CG  1 
ATOM   517  C CD  . LYS A 1 64  ? 9.659   -12.415 8.785   1.00 49.53  ? 78  LYS A CD  1 
ATOM   518  C CE  . LYS A 1 64  ? 10.570  -13.652 8.805   1.00 52.43  ? 78  LYS A CE  1 
ATOM   519  N NZ  . LYS A 1 64  ? 11.508  -13.673 7.672   1.00 52.82  ? 78  LYS A NZ  1 
ATOM   520  N N   . ARG A 1 65  ? 6.201   -13.068 5.448   1.00 27.16  ? 79  ARG A N   1 
ATOM   521  C CA  . ARG A 1 65  ? 5.584   -14.317 5.077   1.00 27.63  ? 79  ARG A CA  1 
ATOM   522  C C   . ARG A 1 65  ? 5.753   -15.329 6.176   1.00 27.86  ? 79  ARG A C   1 
ATOM   523  O O   . ARG A 1 65  ? 6.729   -15.302 6.897   1.00 27.00  ? 79  ARG A O   1 
ATOM   524  C CB  . ARG A 1 65  ? 6.214   -14.869 3.818   1.00 28.66  ? 79  ARG A CB  1 
ATOM   525  C CG  . ARG A 1 65  ? 5.606   -16.193 3.371   1.00 29.87  ? 79  ARG A CG  1 
ATOM   526  C CD  . ARG A 1 65  ? 5.769   -16.368 1.875   1.00 32.36  ? 79  ARG A CD  1 
ATOM   527  N NE  . ARG A 1 65  ? 5.303   -17.648 1.333   1.00 31.36  ? 79  ARG A NE  1 
ATOM   528  C CZ  . ARG A 1 65  ? 5.276   -17.938 0.037   1.00 32.99  ? 79  ARG A CZ  1 
ATOM   529  N NH1 . ARG A 1 65  ? 5.649   -17.030 -0.867  1.00 34.87  ? 79  ARG A NH1 1 
ATOM   530  N NH2 . ARG A 1 65  ? 4.883   -19.140 -0.378  1.00 35.87  ? 79  ARG A NH2 1 
ATOM   531  N N   . ASP A 1 66  ? 4.762   -16.199 6.311   1.00 28.47  ? 80  ASP A N   1 
ATOM   532  C CA  . ASP A 1 66  ? 4.825   -17.291 7.223   1.00 28.47  ? 80  ASP A CA  1 
ATOM   533  C C   . ASP A 1 66  ? 4.407   -18.581 6.550   1.00 29.45  ? 80  ASP A C   1 
ATOM   534  O O   . ASP A 1 66  ? 3.876   -18.580 5.398   1.00 27.18  ? 80  ASP A O   1 
ATOM   535  C CB  . ASP A 1 66  ? 4.057   -16.987 8.519   1.00 29.10  ? 80  ASP A CB  1 
ATOM   536  C CG  . ASP A 1 66  ? 2.562   -17.309 8.463   1.00 30.13  ? 80  ASP A CG  1 
ATOM   537  O OD1 . ASP A 1 66  ? 1.989   -17.878 7.499   1.00 31.73  ? 80  ASP A OD1 1 
ATOM   538  O OD2 . ASP A 1 66  ? 1.934   -16.939 9.457   1.00 34.25  ? 80  ASP A OD2 1 
ATOM   539  N N   . PRO A 1 67  ? 4.639   -19.712 7.245   1.00 28.92  ? 81  PRO A N   1 
ATOM   540  C CA  . PRO A 1 67  ? 4.422   -20.974 6.527   1.00 30.07  ? 81  PRO A CA  1 
ATOM   541  C C   . PRO A 1 67  ? 3.011   -21.264 6.132   1.00 27.86  ? 81  PRO A C   1 
ATOM   542  O O   . PRO A 1 67  ? 2.825   -22.106 5.269   1.00 32.00  ? 81  PRO A O   1 
ATOM   543  C CB  . PRO A 1 67  ? 4.933   -22.043 7.516   1.00 34.88  ? 81  PRO A CB  1 
ATOM   544  C CG  . PRO A 1 67  ? 5.910   -21.342 8.386   1.00 33.18  ? 81  PRO A CG  1 
ATOM   545  C CD  . PRO A 1 67  ? 5.397   -19.908 8.492   1.00 31.95  ? 81  PRO A CD  1 
ATOM   546  N N   . THR A 1 68  ? 2.005   -20.622 6.745   1.00 30.33  ? 82  THR A N   1 
ATOM   547  C CA  . THR A 1 68  ? 0.576   -20.844 6.289   1.00 31.80  ? 82  THR A CA  1 
ATOM   548  C C   . THR A 1 68  ? 0.250   -20.224 4.923   1.00 35.11  ? 82  THR A C   1 
ATOM   549  O O   . THR A 1 68  ? -0.684  -20.695 4.218   1.00 32.34  ? 82  THR A O   1 
ATOM   550  C CB  . THR A 1 68  ? -0.462  -20.285 7.286   1.00 33.53  ? 82  THR A CB  1 
ATOM   551  O OG1 . THR A 1 68  ? -0.457  -18.850 7.281   1.00 32.80  ? 82  THR A OG1 1 
ATOM   552  C CG2 . THR A 1 68  ? -0.165  -20.752 8.678   1.00 30.86  ? 82  THR A CG2 1 
ATOM   553  N N   . ASP A 1 69  ? 1.017   -19.179 4.534   1.00 31.97  ? 83  ASP A N   1 
ATOM   554  C CA  . ASP A 1 69  ? 0.667   -18.416 3.344   1.00 28.61  ? 83  ASP A CA  1 
ATOM   555  C C   . ASP A 1 69  ? 0.871   -19.318 2.143   1.00 30.53  ? 83  ASP A C   1 
ATOM   556  O O   . ASP A 1 69  ? 1.955   -19.863 1.951   1.00 32.42  ? 83  ASP A O   1 
ATOM   557  C CB  . ASP A 1 69  ? 1.547   -17.161 3.241   1.00 26.54  ? 83  ASP A CB  1 
ATOM   558  C CG  . ASP A 1 69  ? 1.293   -16.199 4.362   1.00 28.08  ? 83  ASP A CG  1 
ATOM   559  O OD1 . ASP A 1 69  ? 0.109   -16.085 4.781   1.00 27.91  ? 83  ASP A OD1 1 
ATOM   560  O OD2 . ASP A 1 69  ? 2.253   -15.539 4.843   1.00 25.01  ? 83  ASP A OD2 1 
ATOM   561  N N   . MET A 1 70  ? -0.166  -19.499 1.350   1.00 31.41  ? 84  MET A N   1 
ATOM   562  C CA  . MET A 1 70  ? -0.044  -20.192 0.054   1.00 32.75  ? 84  MET A CA  1 
ATOM   563  C C   . MET A 1 70  ? 0.903   -19.511 -0.940  1.00 31.24  ? 84  MET A C   1 
ATOM   564  O O   . MET A 1 70  ? 1.496   -20.158 -1.800  1.00 33.33  ? 84  MET A O   1 
ATOM   565  C CB  . MET A 1 70  ? -1.433  -20.239 -0.633  1.00 35.89  ? 84  MET A CB  1 
ATOM   566  C CG  . MET A 1 70  ? -2.468  -21.129 0.051   1.00 46.49  ? 84  MET A CG  1 
ATOM   567  S SD  . MET A 1 70  ? -2.124  -22.928 -0.067  1.00 54.11  ? 84  MET A SD  1 
ATOM   568  C CE  . MET A 1 70  ? -2.579  -23.279 -1.768  1.00 60.53  ? 84  MET A CE  1 
ATOM   569  N N   . ASP A 1 71  ? 0.934   -18.189 -0.931  1.00 30.02  ? 85  ASP A N   1 
ATOM   570  C CA  . ASP A 1 71  ? 1.791   -17.437 -1.828  1.00 30.08  ? 85  ASP A CA  1 
ATOM   571  C C   . ASP A 1 71  ? 1.959   -16.066 -1.213  1.00 30.66  ? 85  ASP A C   1 
ATOM   572  O O   . ASP A 1 71  ? 1.477   -15.815 -0.085  1.00 32.77  ? 85  ASP A O   1 
ATOM   573  C CB  . ASP A 1 71  ? 1.182   -17.413 -3.225  1.00 28.73  ? 85  ASP A CB  1 
ATOM   574  C CG  . ASP A 1 71  ? -0.244  -16.816 -3.240  1.00 34.95  ? 85  ASP A CG  1 
ATOM   575  O OD1 . ASP A 1 71  ? -0.676  -16.080 -2.298  1.00 33.42  ? 85  ASP A OD1 1 
ATOM   576  O OD2 . ASP A 1 71  ? -0.925  -17.020 -4.251  1.00 36.94  ? 85  ASP A OD2 1 
ATOM   577  N N   . ASP A 1 72  ? 2.633   -15.190 -1.943  1.00 31.31  ? 86  ASP A N   1 
ATOM   578  C CA  . ASP A 1 72  ? 2.977   -13.854 -1.481  1.00 29.83  ? 86  ASP A CA  1 
ATOM   579  C C   . ASP A 1 72  ? 1.790   -12.933 -1.320  1.00 26.04  ? 86  ASP A C   1 
ATOM   580  O O   . ASP A 1 72  ? 1.761   -12.136 -0.412  1.00 25.36  ? 86  ASP A O   1 
ATOM   581  C CB  . ASP A 1 72  ? 4.044   -13.248 -2.381  1.00 30.48  ? 86  ASP A CB  1 
ATOM   582  C CG  . ASP A 1 72  ? 5.413   -13.918 -2.185  1.00 34.05  ? 86  ASP A CG  1 
ATOM   583  O OD1 . ASP A 1 72  ? 5.744   -14.307 -1.030  1.00 33.74  ? 86  ASP A OD1 1 
ATOM   584  O OD2 . ASP A 1 72  ? 6.150   -14.053 -3.165  1.00 32.72  ? 86  ASP A OD2 1 
ATOM   585  N N   . ALA A 1 73  ? 0.818   -13.055 -2.190  1.00 26.18  ? 87  ALA A N   1 
ATOM   586  C CA  . ALA A 1 73  ? -0.468  -12.298 -2.028  1.00 27.21  ? 87  ALA A CA  1 
ATOM   587  C C   . ALA A 1 73  ? -1.137  -12.650 -0.706  1.00 26.29  ? 87  ALA A C   1 
ATOM   588  O O   . ALA A 1 73  ? -1.635  -11.772 -0.001  1.00 25.33  ? 87  ALA A O   1 
ATOM   589  C CB  . ALA A 1 73  ? -1.420  -12.638 -3.160  1.00 24.05  ? 87  ALA A CB  1 
ATOM   590  N N   . ALA A 1 74  ? -1.123  -13.948 -0.361  1.00 26.57  ? 88  ALA A N   1 
ATOM   591  C CA  . ALA A 1 74  ? -1.797  -14.375 0.861   1.00 26.89  ? 88  ALA A CA  1 
ATOM   592  C C   . ALA A 1 74  ? -1.158  -13.738 2.074   1.00 26.30  ? 88  ALA A C   1 
ATOM   593  O O   . ALA A 1 74  ? -1.880  -13.321 2.959   1.00 26.83  ? 88  ALA A O   1 
ATOM   594  C CB  . ALA A 1 74  ? -1.906  -15.896 0.973   1.00 27.53  ? 88  ALA A CB  1 
ATOM   595  N N   . THR A 1 75  ? 0.165   -13.588 2.080   1.00 25.51  ? 89  THR A N   1 
ATOM   596  C CA  . THR A 1 75  ? 0.853   -12.844 3.140   1.00 26.24  ? 89  THR A CA  1 
ATOM   597  C C   . THR A 1 75  ? 0.288   -11.437 3.322   1.00 26.12  ? 89  THR A C   1 
ATOM   598  O O   . THR A 1 75  ? 0.026   -10.979 4.456   1.00 25.87  ? 89  THR A O   1 
ATOM   599  C CB  . THR A 1 75  ? 2.349   -12.688 2.823   1.00 25.00  ? 89  THR A CB  1 
ATOM   600  O OG1 . THR A 1 75  ? 2.918   -13.973 2.626   1.00 26.08  ? 89  THR A OG1 1 
ATOM   601  C CG2 . THR A 1 75  ? 3.121   -11.941 3.951   1.00 23.65  ? 89  THR A CG2 1 
ATOM   602  N N   . ALA A 1 76  ? 0.133   -10.754 2.197   1.00 26.87  ? 90  ALA A N   1 
ATOM   603  C CA  . ALA A 1 76  ? -0.401  -9.372  2.189   1.00 26.32  ? 90  ALA A CA  1 
ATOM   604  C C   . ALA A 1 76  ? -1.833  -9.302  2.770   1.00 25.11  ? 90  ALA A C   1 
ATOM   605  O O   . ALA A 1 76  ? -2.114  -8.450  3.572   1.00 24.09  ? 90  ALA A O   1 
ATOM   606  C CB  . ALA A 1 76  ? -0.360  -8.807  0.772   1.00 26.30  ? 90  ALA A CB  1 
ATOM   607  N N   . LEU A 1 77  ? -2.696  -10.226 2.371   1.00 25.20  ? 91  LEU A N   1 
ATOM   608  C CA  . LEU A 1 77  ? -4.079  -10.290 2.872   1.00 28.45  ? 91  LEU A CA  1 
ATOM   609  C C   . LEU A 1 77  ? -4.185  -10.639 4.340   1.00 27.90  ? 91  LEU A C   1 
ATOM   610  O O   . LEU A 1 77  ? -4.884  -9.955  5.067   1.00 28.01  ? 91  LEU A O   1 
ATOM   611  C CB  . LEU A 1 77  ? -4.938  -11.250 2.066   1.00 28.70  ? 91  LEU A CB  1 
ATOM   612  C CG  . LEU A 1 77  ? -5.044  -10.886 0.571   1.00 32.61  ? 91  LEU A CG  1 
ATOM   613  C CD1 . LEU A 1 77  ? -6.109  -11.754 -0.108  1.00 32.42  ? 91  LEU A CD1 1 
ATOM   614  C CD2 . LEU A 1 77  ? -5.326  -9.400  0.359   1.00 33.12  ? 91  LEU A CD2 1 
ATOM   615  N N   . ARG A 1 78  ? -3.406  -11.614 4.780   1.00 28.40  ? 92  ARG A N   1 
ATOM   616  C CA  . ARG A 1 78  ? -3.334  -11.993 6.178   1.00 26.89  ? 92  ARG A CA  1 
ATOM   617  C C   . ARG A 1 78  ? -2.939  -10.863 7.042   1.00 27.29  ? 92  ARG A C   1 
ATOM   618  O O   . ARG A 1 78  ? -3.534  -10.629 8.097   1.00 24.24  ? 92  ARG A O   1 
ATOM   619  C CB  . ARG A 1 78  ? -2.310  -13.113 6.413   1.00 28.72  ? 92  ARG A CB  1 
ATOM   620  C CG  . ARG A 1 78  ? -2.333  -13.656 7.852   1.00 27.97  ? 92  ARG A CG  1 
ATOM   621  C CD  . ARG A 1 78  ? -1.470  -14.904 8.031   1.00 30.46  ? 92  ARG A CD  1 
ATOM   622  N NE  . ARG A 1 78  ? -0.180  -14.799 7.337   1.00 29.73  ? 92  ARG A NE  1 
ATOM   623  C CZ  . ARG A 1 78  ? 0.861   -14.088 7.752   1.00 30.14  ? 92  ARG A CZ  1 
ATOM   624  N NH1 . ARG A 1 78  ? 0.828   -13.419 8.888   1.00 29.64  ? 92  ARG A NH1 1 
ATOM   625  N NH2 . ARG A 1 78  ? 1.972   -14.048 7.010   1.00 32.73  ? 92  ARG A NH2 1 
ATOM   626  N N   . GLU A 1 79  ? -1.890  -10.172 6.630   1.00 30.18  ? 93  GLU A N   1 
ATOM   627  C CA  . GLU A 1 79  ? -1.383  -9.094  7.449   1.00 29.36  ? 93  GLU A CA  1 
ATOM   628  C C   . GLU A 1 79  ? -2.384  -7.930  7.426   1.00 29.80  ? 93  GLU A C   1 
ATOM   629  O O   . GLU A 1 79  ? -2.612  -7.321  8.479   1.00 31.50  ? 93  GLU A O   1 
ATOM   630  C CB  . GLU A 1 79  ? 0.013   -8.671  6.996   1.00 30.70  ? 93  GLU A CB  1 
ATOM   631  C CG  . GLU A 1 79  ? 1.100   -9.688  7.329   1.00 34.38  ? 93  GLU A CG  1 
ATOM   632  C CD  . GLU A 1 79  ? 1.554   -9.655  8.793   1.00 34.84  ? 93  GLU A CD  1 
ATOM   633  O OE1 . GLU A 1 79  ? 1.305   -8.681  9.508   1.00 40.50  ? 93  GLU A OE1 1 
ATOM   634  O OE2 . GLU A 1 79  ? 2.177   -10.631 9.239   1.00 46.25  ? 93  GLU A OE2 1 
ATOM   635  N N   . ALA A 1 80  ? -2.991  -7.629  6.261   1.00 26.84  ? 94  ALA A N   1 
ATOM   636  C CA  . ALA A 1 80  ? -3.964  -6.550  6.220   1.00 28.69  ? 94  ALA A CA  1 
ATOM   637  C C   . ALA A 1 80  ? -5.180  -6.845  7.164   1.00 28.08  ? 94  ALA A C   1 
ATOM   638  O O   . ALA A 1 80  ? -5.717  -5.952  7.817   1.00 28.31  ? 94  ALA A O   1 
ATOM   639  C CB  . ALA A 1 80  ? -4.453  -6.314  4.803   1.00 28.05  ? 94  ALA A CB  1 
ATOM   640  N N   . GLN A 1 81  ? -5.616  -8.079  7.183   1.00 27.49  ? 95  GLN A N   1 
ATOM   641  C CA  . GLN A 1 81  ? -6.680  -8.496  8.096   1.00 34.33  ? 95  GLN A CA  1 
ATOM   642  C C   . GLN A 1 81  ? -6.339  -8.258  9.583   1.00 35.40  ? 95  GLN A C   1 
ATOM   643  O O   . GLN A 1 81  ? -7.143  -7.711  10.330  1.00 29.94  ? 95  GLN A O   1 
ATOM   644  C CB  . GLN A 1 81  ? -7.056  -9.957  7.859   1.00 33.33  ? 95  GLN A CB  1 
ATOM   645  C CG  . GLN A 1 81  ? -8.287  -10.393 8.668   1.00 37.74  ? 95  GLN A CG  1 
ATOM   646  C CD  . GLN A 1 81  ? -8.965  -11.658 8.127   1.00 39.96  ? 95  GLN A CD  1 
ATOM   647  O OE1 . GLN A 1 81  ? -8.588  -12.229 7.092   1.00 49.86  ? 95  GLN A OE1 1 
ATOM   648  N NE2 . GLN A 1 81  ? -9.977  -12.094 8.829   1.00 47.23  ? 95  GLN A NE2 1 
ATOM   649  N N   . GLU A 1 82  ? -5.135  -8.647  9.965   1.00 35.00  ? 96  GLU A N   1 
ATOM   650  C CA  . GLU A 1 82  ? -4.658  -8.504  11.322  1.00 33.61  ? 96  GLU A CA  1 
ATOM   651  C C   . GLU A 1 82  ? -4.539  -7.063  11.721  1.00 31.17  ? 96  GLU A C   1 
ATOM   652  O O   . GLU A 1 82  ? -4.780  -6.712  12.872  1.00 32.85  ? 96  GLU A O   1 
ATOM   653  C CB  . GLU A 1 82  ? -3.273  -9.170  11.439  1.00 38.41  ? 96  GLU A CB  1 
ATOM   654  C CG  . GLU A 1 82  ? -2.745  -9.270  12.855  1.00 51.36  ? 96  GLU A CG  1 
ATOM   655  C CD  . GLU A 1 82  ? -3.628  -10.160 13.747  1.00 65.13  ? 96  GLU A CD  1 
ATOM   656  O OE1 . GLU A 1 82  ? -4.191  -11.161 13.227  1.00 72.97  ? 96  GLU A OE1 1 
ATOM   657  O OE2 . GLU A 1 82  ? -3.782  -9.847  14.954  1.00 72.10  ? 96  GLU A OE2 1 
ATOM   658  N N   . GLU A 1 83  ? -4.134  -6.206  10.796  1.00 27.39  ? 97  GLU A N   1 
ATOM   659  C CA  . GLU A 1 83  ? -3.885  -4.794  11.109  1.00 28.48  ? 97  GLU A CA  1 
ATOM   660  C C   . GLU A 1 83  ? -5.109  -3.917  11.022  1.00 29.52  ? 97  GLU A C   1 
ATOM   661  O O   . GLU A 1 83  ? -5.252  -3.000  11.831  1.00 28.10  ? 97  GLU A O   1 
ATOM   662  C CB  . GLU A 1 83  ? -2.791  -4.229  10.184  1.00 30.55  ? 97  GLU A CB  1 
ATOM   663  C CG  . GLU A 1 83  ? -1.480  -4.974  10.387  1.00 32.91  ? 97  GLU A CG  1 
ATOM   664  C CD  . GLU A 1 83  ? -0.429  -4.767  9.286   1.00 40.96  ? 97  GLU A CD  1 
ATOM   665  O OE1 . GLU A 1 83  ? -0.627  -3.863  8.470   1.00 43.00  ? 97  GLU A OE1 1 
ATOM   666  O OE2 . GLU A 1 83  ? 0.632   -5.485  9.294   1.00 45.05  ? 97  GLU A OE2 1 
ATOM   667  N N   . VAL A 1 84  ? -5.987  -4.138  10.039  1.00 28.15  ? 98  VAL A N   1 
ATOM   668  C CA  . VAL A 1 84  ? -7.124  -3.212  9.869   1.00 29.03  ? 98  VAL A CA  1 
ATOM   669  C C   . VAL A 1 84  ? -8.483  -3.869  9.690   1.00 30.36  ? 98  VAL A C   1 
ATOM   670  O O   . VAL A 1 84  ? -9.460  -3.170  9.479   1.00 32.97  ? 98  VAL A O   1 
ATOM   671  C CB  . VAL A 1 84  ? -6.846  -2.216  8.779   1.00 26.54  ? 98  VAL A CB  1 
ATOM   672  C CG1 . VAL A 1 84  ? -5.531  -1.545  9.087   1.00 28.39  ? 98  VAL A CG1 1 
ATOM   673  C CG2 . VAL A 1 84  ? -6.768  -2.876  7.396   1.00 26.97  ? 98  VAL A CG2 1 
ATOM   674  N N   . GLY A 1 85  ? -8.524  -5.191  9.834   1.00 30.35  ? 99  GLY A N   1 
ATOM   675  C CA  . GLY A 1 85  ? -9.745  -5.969  9.798   1.00 31.01  ? 99  GLY A CA  1 
ATOM   676  C C   . GLY A 1 85  ? -10.224 -6.301  8.406   1.00 35.40  ? 99  GLY A C   1 
ATOM   677  O O   . GLY A 1 85  ? -11.310 -6.871  8.243   1.00 36.47  ? 99  GLY A O   1 
ATOM   678  N N   . LEU A 1 86  ? -9.416  -5.989  7.390   1.00 32.51  ? 100 LEU A N   1 
ATOM   679  C CA  . LEU A 1 86  ? -9.802  -6.240  6.016   1.00 30.11  ? 100 LEU A CA  1 
ATOM   680  C C   . LEU A 1 86  ? -9.965  -7.734  5.771   1.00 31.09  ? 100 LEU A C   1 
ATOM   681  O O   . LEU A 1 86  ? -9.032  -8.529  5.970   1.00 32.25  ? 100 LEU A O   1 
ATOM   682  C CB  . LEU A 1 86  ? -8.748  -5.621  5.075   1.00 29.56  ? 100 LEU A CB  1 
ATOM   683  C CG  . LEU A 1 86  ? -9.053  -5.712  3.593   1.00 31.15  ? 100 LEU A CG  1 
ATOM   684  C CD1 . LEU A 1 86  ? -10.190 -4.756  3.182   1.00 29.54  ? 100 LEU A CD1 1 
ATOM   685  C CD2 . LEU A 1 86  ? -7.785  -5.465  2.753   1.00 31.56  ? 100 LEU A CD2 1 
ATOM   686  N N   . ARG A 1 87  ? -11.136 -8.116  5.310   1.00 29.42  ? 101 ARG A N   1 
ATOM   687  C CA  . ARG A 1 87  ? -11.473 -9.498  5.123   1.00 34.94  ? 101 ARG A CA  1 
ATOM   688  C C   . ARG A 1 87  ? -11.341 -9.890  3.659   1.00 35.06  ? 101 ARG A C   1 
ATOM   689  O O   . ARG A 1 87  ? -11.417 -9.046  2.787   1.00 36.88  ? 101 ARG A O   1 
ATOM   690  C CB  . ARG A 1 87  ? -12.880 -9.803  5.684   1.00 42.14  ? 101 ARG A CB  1 
ATOM   691  C CG  . ARG A 1 87  ? -12.922 -9.824  7.222   1.00 47.21  ? 101 ARG A CG  1 
ATOM   692  C CD  . ARG A 1 87  ? -14.312 -9.683  7.805   1.00 54.49  ? 101 ARG A CD  1 
ATOM   693  N NE  . ARG A 1 87  ? -15.139 -10.866 7.553   1.00 67.02  ? 101 ARG A NE  1 
ATOM   694  C CZ  . ARG A 1 87  ? -16.483 -10.921 7.628   1.00 74.71  ? 101 ARG A CZ  1 
ATOM   695  N NH1 . ARG A 1 87  ? -17.222 -9.843  7.960   1.00 72.45  ? 101 ARG A NH1 1 
ATOM   696  N NH2 . ARG A 1 87  ? -17.105 -12.081 7.355   1.00 68.84  ? 101 ARG A NH2 1 
HETATM 697  N N   . HYP A 1 88  ? -11.138 -11.183 3.383   1.00 39.81  ? 102 HYP A N   1 
HETATM 698  C CA  . HYP A 1 88  ? -10.875 -11.656 2.026   1.00 42.05  ? 102 HYP A CA  1 
HETATM 699  C C   . HYP A 1 88  ? -11.860 -11.274 0.989   1.00 39.29  ? 102 HYP A C   1 
HETATM 700  O O   . HYP A 1 88  ? -11.458 -10.873 -0.112  1.00 37.49  ? 102 HYP A O   1 
HETATM 701  C CB  . HYP A 1 88  ? -10.795 -13.195 2.156   1.00 46.89  ? 102 HYP A CB  1 
HETATM 702  C CG  . HYP A 1 88  ? -10.154 -13.281 3.539   1.00 52.15  ? 102 HYP A CG  1 
HETATM 703  C CD  . HYP A 1 88  ? -10.986 -12.301 4.332   1.00 44.22  ? 102 HYP A CD  1 
HETATM 704  O OD1 . HYP A 1 88  ? -8.785  -12.744 3.506   1.00 67.85  ? 102 HYP A OD1 1 
ATOM   705  N N   . HIS A 1 89  ? -13.139 -11.394 1.320   1.00 33.30  ? 103 HIS A N   1 
ATOM   706  C CA  . HIS A 1 89  ? -14.189 -11.026 0.390   1.00 35.67  ? 103 HIS A CA  1 
ATOM   707  C C   . HIS A 1 89  ? -14.228 -9.508  0.136   1.00 30.59  ? 103 HIS A C   1 
ATOM   708  O O   . HIS A 1 89  ? -14.934 -9.058  -0.751  1.00 30.05  ? 103 HIS A O   1 
ATOM   709  C CB  . HIS A 1 89  ? -15.572 -11.546 0.860   1.00 36.42  ? 103 HIS A CB  1 
ATOM   710  C CG  . HIS A 1 89  ? -16.096 -10.843 2.085   1.00 33.39  ? 103 HIS A CG  1 
ATOM   711  N ND1 . HIS A 1 89  ? -16.986 -9.791  2.014   1.00 35.10  ? 103 HIS A ND1 1 
ATOM   712  C CD2 . HIS A 1 89  ? -15.820 -11.016 3.400   1.00 29.80  ? 103 HIS A CD2 1 
ATOM   713  C CE1 . HIS A 1 89  ? -17.250 -9.364  3.243   1.00 35.48  ? 103 HIS A CE1 1 
ATOM   714  N NE2 . HIS A 1 89  ? -16.553 -10.093 4.101   1.00 32.25  ? 103 HIS A NE2 1 
ATOM   715  N N   . GLN A 1 90  ? -13.457 -8.729  0.886   1.00 29.23  ? 104 GLN A N   1 
ATOM   716  C CA  . GLN A 1 90  ? -13.492 -7.275  0.760   1.00 29.83  ? 104 GLN A CA  1 
ATOM   717  C C   . GLN A 1 90  ? -12.385 -6.710  -0.070  1.00 27.96  ? 104 GLN A C   1 
ATOM   718  O O   . GLN A 1 90  ? -12.273 -5.482  -0.201  1.00 27.72  ? 104 GLN A O   1 
ATOM   719  C CB  . GLN A 1 90  ? -13.451 -6.635  2.152   1.00 29.90  ? 104 GLN A CB  1 
ATOM   720  C CG  . GLN A 1 90  ? -14.624 -7.048  3.030   1.00 31.83  ? 104 GLN A CG  1 
ATOM   721  C CD  . GLN A 1 90  ? -14.620 -6.320  4.359   1.00 34.00  ? 104 GLN A CD  1 
ATOM   722  O OE1 . GLN A 1 90  ? -15.603 -5.636  4.735   1.00 33.68  ? 104 GLN A OE1 1 
ATOM   723  N NE2 . GLN A 1 90  ? -13.532 -6.463  5.084   1.00 25.85  ? 104 GLN A NE2 1 
ATOM   724  N N   . VAL A 1 91  ? -11.573 -7.587  -0.645  1.00 30.06  ? 105 VAL A N   1 
ATOM   725  C CA  . VAL A 1 91  ? -10.447 -7.152  -1.451  1.00 31.85  ? 105 VAL A CA  1 
ATOM   726  C C   . VAL A 1 91  ? -10.251 -8.026  -2.688  1.00 31.02  ? 105 VAL A C   1 
ATOM   727  O O   . VAL A 1 91  ? -10.325 -9.233  -2.642  1.00 31.00  ? 105 VAL A O   1 
ATOM   728  C CB  . VAL A 1 91  ? -9.167  -7.054  -0.594  1.00 34.47  ? 105 VAL A CB  1 
ATOM   729  C CG1 . VAL A 1 91  ? -8.953  -8.327  0.184   1.00 37.01  ? 105 VAL A CG1 1 
ATOM   730  C CG2 . VAL A 1 91  ? -7.937  -6.760  -1.462  1.00 35.38  ? 105 VAL A CG2 1 
ATOM   731  N N   . GLU A 1 92  ? -10.039 -7.386  -3.816  1.00 31.47  ? 106 GLU A N   1 
ATOM   732  C CA  . GLU A 1 92  ? -9.646  -8.072  -5.009  1.00 31.65  ? 106 GLU A CA  1 
ATOM   733  C C   . GLU A 1 92  ? -8.187  -7.683  -5.314  1.00 31.14  ? 106 GLU A C   1 
ATOM   734  O O   . GLU A 1 92  ? -7.879  -6.514  -5.643  1.00 26.69  ? 106 GLU A O   1 
ATOM   735  C CB  . GLU A 1 92  ? -10.552 -7.668  -6.181  1.00 34.85  ? 106 GLU A CB  1 
ATOM   736  C CG  . GLU A 1 92  ? -10.287 -8.471  -7.474  1.00 38.59  ? 106 GLU A CG  1 
ATOM   737  C CD  . GLU A 1 92  ? -11.007 -7.925  -8.704  1.00 42.17  ? 106 GLU A CD  1 
ATOM   738  O OE1 . GLU A 1 92  ? -11.746 -6.918  -8.598  1.00 44.97  ? 106 GLU A OE1 1 
ATOM   739  O OE2 . GLU A 1 92  ? -10.816 -8.507  -9.797  1.00 47.43  ? 106 GLU A OE2 1 
ATOM   740  N N   . VAL A 1 93  ? -7.320  -8.680  -5.273  1.00 30.47  ? 107 VAL A N   1 
ATOM   741  C CA  . VAL A 1 93  ? -5.940  -8.507  -5.650  1.00 31.99  ? 107 VAL A CA  1 
ATOM   742  C C   . VAL A 1 93  ? -5.829  -8.518  -7.153  1.00 32.84  ? 107 VAL A C   1 
ATOM   743  O O   . VAL A 1 93  ? -6.222  -9.463  -7.801  1.00 35.83  ? 107 VAL A O   1 
ATOM   744  C CB  . VAL A 1 93  ? -5.047  -9.593  -5.080  1.00 33.59  ? 107 VAL A CB  1 
ATOM   745  C CG1 . VAL A 1 93  ? -3.611  -9.441  -5.607  1.00 34.43  ? 107 VAL A CG1 1 
ATOM   746  C CG2 . VAL A 1 93  ? -5.077  -9.493  -3.576  1.00 35.10  ? 107 VAL A CG2 1 
ATOM   747  N N   . VAL A 1 94  ? -5.270  -7.446  -7.683  1.00 33.68  ? 108 VAL A N   1 
ATOM   748  C CA  . VAL A 1 94  ? -5.340  -7.161  -9.089  1.00 36.98  ? 108 VAL A CA  1 
ATOM   749  C C   . VAL A 1 94  ? -3.981  -7.408  -9.736  1.00 36.61  ? 108 VAL A C   1 
ATOM   750  O O   . VAL A 1 94  ? -3.933  -7.817  -10.883 1.00 35.96  ? 108 VAL A O   1 
ATOM   751  C CB  . VAL A 1 94  ? -5.854  -5.718  -9.284  1.00 40.26  ? 108 VAL A CB  1 
ATOM   752  C CG1 . VAL A 1 94  ? -5.524  -5.187  -10.639 1.00 45.93  ? 108 VAL A CG1 1 
ATOM   753  C CG2 . VAL A 1 94  ? -7.351  -5.742  -9.136  1.00 45.77  ? 108 VAL A CG2 1 
HETATM 754  N N   . CSO A 1 95  ? -2.891  -7.135  -9.022  1.00 32.11  ? 109 CSO A N   1 
HETATM 755  C CA  . CSO A 1 95  ? -1.594  -7.371  -9.589  1.00 31.67  ? 109 CSO A CA  1 
HETATM 756  C CB  . CSO A 1 95  ? -1.326  -6.348  -10.666 1.00 36.56  ? 109 CSO A CB  1 
HETATM 757  S SG  . CSO A 1 95  ? -1.073  -4.777  -9.952  1.00 38.91  ? 109 CSO A SG  1 
HETATM 758  C C   . CSO A 1 95  ? -0.494  -7.292  -8.593  1.00 31.01  ? 109 CSO A C   1 
HETATM 759  O O   . CSO A 1 95  ? -0.659  -6.799  -7.467  1.00 28.92  ? 109 CSO A O   1 
HETATM 760  O OD  . CSO A 1 95  ? 0.482   -4.691  -10.691 1.00 54.98  ? 109 CSO A OD  1 
ATOM   761  N N   . CYS A 1 96  ? 0.647   -7.801  -9.025  1.00 30.65  ? 110 CYS A N   1 
ATOM   762  C CA  . CYS A 1 96  ? 1.868   -7.833  -8.263  1.00 32.25  ? 110 CYS A CA  1 
ATOM   763  C C   . CYS A 1 96  ? 2.845   -6.896  -8.994  1.00 32.37  ? 110 CYS A C   1 
ATOM   764  O O   . CYS A 1 96  ? 3.145   -7.102  -10.160 1.00 32.89  ? 110 CYS A O   1 
ATOM   765  C CB  . CYS A 1 96  ? 2.396   -9.273  -8.265  1.00 34.34  ? 110 CYS A CB  1 
ATOM   766  S SG  . CYS A 1 96  ? 3.961   -9.361  -7.451  1.00 41.88  ? 110 CYS A SG  1 
ATOM   767  N N   . LEU A 1 97  ? 3.268   -5.841  -8.324  1.00 32.60  ? 111 LEU A N   1 
ATOM   768  C CA  . LEU A 1 97  ? 4.195   -4.884  -8.870  1.00 33.08  ? 111 LEU A CA  1 
ATOM   769  C C   . LEU A 1 97  ? 5.626   -5.302  -8.532  1.00 39.52  ? 111 LEU A C   1 
ATOM   770  O O   . LEU A 1 97  ? 5.888   -6.334  -7.893  1.00 38.55  ? 111 LEU A O   1 
ATOM   771  C CB  . LEU A 1 97  ? 3.931   -3.466  -8.322  1.00 31.06  ? 111 LEU A CB  1 
ATOM   772  C CG  . LEU A 1 97  ? 2.620   -2.789  -8.679  1.00 31.92  ? 111 LEU A CG  1 
ATOM   773  C CD1 . LEU A 1 97  ? 2.517   -1.471  -7.942  1.00 33.77  ? 111 LEU A CD1 1 
ATOM   774  C CD2 . LEU A 1 97  ? 2.436   -2.604  -10.154 1.00 32.63  ? 111 LEU A CD2 1 
ATOM   775  N N   . VAL A 1 98  ? 6.554   -4.492  -9.027  1.00 38.37  ? 112 VAL A N   1 
ATOM   776  C CA  . VAL A 1 98  ? 7.934   -4.792  -8.933  1.00 38.38  ? 112 VAL A CA  1 
ATOM   777  C C   . VAL A 1 98  ? 8.382   -4.897  -7.506  1.00 33.45  ? 112 VAL A C   1 
ATOM   778  O O   . VAL A 1 98  ? 8.155   -3.992  -6.711  1.00 30.29  ? 112 VAL A O   1 
ATOM   779  C CB  . VAL A 1 98  ? 8.849   -3.763  -9.670  1.00 41.13  ? 112 VAL A CB  1 
ATOM   780  C CG1 . VAL A 1 98  ? 8.834   -4.084  -11.161 1.00 47.48  ? 112 VAL A CG1 1 
ATOM   781  C CG2 . VAL A 1 98  ? 8.488   -2.305  -9.366  1.00 39.85  ? 112 VAL A CG2 1 
ATOM   782  N N   . PRO A 1 99  ? 9.115   -5.960  -7.202  1.00 33.18  ? 113 PRO A N   1 
ATOM   783  C CA  . PRO A 1 99  ? 9.558   -6.080  -5.821  1.00 36.01  ? 113 PRO A CA  1 
ATOM   784  C C   . PRO A 1 99  ? 10.633  -5.092  -5.480  1.00 35.21  ? 113 PRO A C   1 
ATOM   785  O O   . PRO A 1 99  ? 11.240  -4.503  -6.340  1.00 42.18  ? 113 PRO A O   1 
ATOM   786  C CB  . PRO A 1 99  ? 10.064  -7.523  -5.721  1.00 35.11  ? 113 PRO A CB  1 
ATOM   787  C CG  . PRO A 1 99  ? 10.457  -7.853  -7.105  1.00 42.16  ? 113 PRO A CG  1 
ATOM   788  C CD  . PRO A 1 99  ? 9.470   -7.127  -8.006  1.00 36.00  ? 113 PRO A CD  1 
ATOM   789  N N   . CYS A 1 100 ? 10.838  -4.939  -4.193  1.00 35.28  ? 114 CYS A N   1 
ATOM   790  C CA  . CYS A 1 100 ? 11.749  -4.021  -3.626  1.00 37.41  ? 114 CYS A CA  1 
ATOM   791  C C   . CYS A 1 100 ? 12.855  -4.848  -2.879  1.00 36.97  ? 114 CYS A C   1 
ATOM   792  O O   . CYS A 1 100 ? 12.578  -5.666  -1.987  1.00 31.93  ? 114 CYS A O   1 
ATOM   793  C CB  . CYS A 1 100 ? 10.931  -3.164  -2.672  1.00 43.00  ? 114 CYS A CB  1 
ATOM   794  S SG  . CYS A 1 100 ? 11.923  -2.004  -1.733  1.00 67.70  ? 114 CYS A SG  1 
ATOM   795  N N   . LEU A 1 101 ? 14.104  -4.608  -3.235  1.00 34.38  ? 115 LEU A N   1 
ATOM   796  C CA  . LEU A 1 101 ? 15.248  -5.287  -2.634  1.00 34.60  ? 115 LEU A CA  1 
ATOM   797  C C   . LEU A 1 101 ? 15.765  -4.453  -1.525  1.00 33.00  ? 115 LEU A C   1 
ATOM   798  O O   . LEU A 1 101 ? 16.056  -3.308  -1.743  1.00 35.07  ? 115 LEU A O   1 
ATOM   799  C CB  . LEU A 1 101 ? 16.366  -5.451  -3.665  1.00 32.86  ? 115 LEU A CB  1 
ATOM   800  C CG  . LEU A 1 101 ? 16.004  -6.288  -4.889  1.00 36.95  ? 115 LEU A CG  1 
ATOM   801  C CD1 . LEU A 1 101 ? 17.137  -6.388  -5.905  1.00 38.32  ? 115 LEU A CD1 1 
ATOM   802  C CD2 . LEU A 1 101 ? 15.553  -7.688  -4.461  1.00 43.24  ? 115 LEU A CD2 1 
ATOM   803  N N   . ILE A 1 102 ? 15.992  -5.059  -0.367  1.00 33.72  ? 116 ILE A N   1 
ATOM   804  C CA  . ILE A 1 102 ? 16.383  -4.322  0.833   1.00 39.46  ? 116 ILE A CA  1 
ATOM   805  C C   . ILE A 1 102 ? 17.453  -5.146  1.577   1.00 35.27  ? 116 ILE A C   1 
ATOM   806  O O   . ILE A 1 102 ? 17.348  -6.382  1.634   1.00 34.47  ? 116 ILE A O   1 
ATOM   807  C CB  . ILE A 1 102 ? 15.064  -3.987  1.657   1.00 46.53  ? 116 ILE A CB  1 
ATOM   808  C CG1 . ILE A 1 102 ? 14.826  -2.478  1.750   1.00 58.41  ? 116 ILE A CG1 1 
ATOM   809  C CG2 . ILE A 1 102 ? 15.090  -4.446  3.084   1.00 52.24  ? 116 ILE A CG2 1 
ATOM   810  C CD1 . ILE A 1 102 ? 13.964  -1.958  0.636   1.00 65.13  ? 116 ILE A CD1 1 
ATOM   811  N N   . ASP A 1 103 ? 18.489  -4.478  2.100   1.00 35.09  ? 117 ASP A N   1 
ATOM   812  C CA  . ASP A 1 103 ? 19.471  -5.057  3.070   1.00 38.03  ? 117 ASP A CA  1 
ATOM   813  C C   . ASP A 1 103 ? 20.283  -6.267  2.613   1.00 35.52  ? 117 ASP A C   1 
ATOM   814  O O   . ASP A 1 103 ? 20.803  -7.004  3.456   1.00 37.20  ? 117 ASP A O   1 
ATOM   815  C CB  . ASP A 1 103 ? 18.806  -5.443  4.419   1.00 45.52  ? 117 ASP A CB  1 
ATOM   816  C CG  . ASP A 1 103 ? 18.156  -4.263  5.141   1.00 58.55  ? 117 ASP A CG  1 
ATOM   817  O OD1 . ASP A 1 103 ? 18.645  -3.121  4.991   1.00 67.51  ? 117 ASP A OD1 1 
ATOM   818  O OD2 . ASP A 1 103 ? 17.157  -4.490  5.884   1.00 65.35  ? 117 ASP A OD2 1 
ATOM   819  N N   . THR A 1 104 ? 20.323  -6.505  1.304   1.00 32.54  ? 118 THR A N   1 
ATOM   820  C CA  . THR A 1 104 ? 21.035  -7.625  0.657   1.00 32.83  ? 118 THR A CA  1 
ATOM   821  C C   . THR A 1 104 ? 20.372  -8.974  0.760   1.00 33.56  ? 118 THR A C   1 
ATOM   822  O O   . THR A 1 104 ? 20.639  -9.810  -0.074  1.00 35.06  ? 118 THR A O   1 
ATOM   823  C CB  . THR A 1 104 ? 22.552  -7.727  1.027   1.00 33.14  ? 118 THR A CB  1 
ATOM   824  O OG1 . THR A 1 104 ? 22.763  -8.327  2.327   1.00 33.22  ? 118 THR A OG1 1 
ATOM   825  C CG2 . THR A 1 104 ? 23.195  -6.352  1.022   1.00 32.52  ? 118 THR A CG2 1 
ATOM   826  N N   . ASP A 1 105 ? 19.473  -9.175  1.723   1.00 33.98  ? 119 ASP A N   1 
ATOM   827  C CA  . ASP A 1 105 ? 18.862  -10.501 1.960   1.00 33.54  ? 119 ASP A CA  1 
ATOM   828  C C   . ASP A 1 105 ? 17.305  -10.493 1.987   1.00 31.07  ? 119 ASP A C   1 
ATOM   829  O O   . ASP A 1 105 ? 16.671  -11.499 2.322   1.00 32.29  ? 119 ASP A O   1 
ATOM   830  C CB  . ASP A 1 105 ? 19.432  -11.103 3.287   1.00 35.29  ? 119 ASP A CB  1 
ATOM   831  C CG  . ASP A 1 105 ? 19.105  -10.246 4.546   1.00 41.48  ? 119 ASP A CG  1 
ATOM   832  O OD1 . ASP A 1 105 ? 18.308  -9.260  4.497   1.00 43.75  ? 119 ASP A OD1 1 
ATOM   833  O OD2 . ASP A 1 105 ? 19.662  -10.562 5.616   1.00 50.49  ? 119 ASP A OD2 1 
ATOM   834  N N   . THR A 1 106 ? 16.681  -9.402  1.592   1.00 30.32  ? 120 THR A N   1 
ATOM   835  C CA  . THR A 1 106 ? 15.243  -9.253  1.764   1.00 30.98  ? 120 THR A CA  1 
ATOM   836  C C   . THR A 1 106 ? 14.587  -8.747  0.493   1.00 29.60  ? 120 THR A C   1 
ATOM   837  O O   . THR A 1 106 ? 15.089  -7.822  -0.165  1.00 29.01  ? 120 THR A O   1 
ATOM   838  C CB  . THR A 1 106 ? 14.945  -8.247  2.916   1.00 34.45  ? 120 THR A CB  1 
ATOM   839  O OG1 . THR A 1 106 ? 15.537  -8.696  4.137   1.00 35.51  ? 120 THR A OG1 1 
ATOM   840  C CG2 . THR A 1 106 ? 13.446  -8.015  3.111   1.00 35.97  ? 120 THR A CG2 1 
ATOM   841  N N   . LEU A 1 107 ? 13.422  -9.308  0.222   1.00 27.35  ? 121 LEU A N   1 
ATOM   842  C CA  . LEU A 1 107 ? 12.591  -8.966  -0.917  1.00 28.17  ? 121 LEU A CA  1 
ATOM   843  C C   . LEU A 1 107 ? 11.158  -8.706  -0.442  1.00 28.54  ? 121 LEU A C   1 
ATOM   844  O O   . LEU A 1 107 ? 10.511  -9.588  0.163   1.00 27.53  ? 121 LEU A O   1 
ATOM   845  C CB  . LEU A 1 107 ? 12.607  -10.110 -1.940  1.00 28.55  ? 121 LEU A CB  1 
ATOM   846  C CG  . LEU A 1 107 ? 12.076  -9.809  -3.347  1.00 34.26  ? 121 LEU A CG  1 
ATOM   847  C CD1 . LEU A 1 107 ? 12.843  -10.526 -4.409  1.00 41.31  ? 121 LEU A CD1 1 
ATOM   848  C CD2 . LEU A 1 107 ? 10.665  -10.299 -3.494  1.00 40.27  ? 121 LEU A CD2 1 
ATOM   849  N N   . ILE A 1 108 ? 10.680  -7.503  -0.725  1.00 28.80  ? 122 ILE A N   1 
ATOM   850  C CA  . ILE A 1 108 ? 9.339   -7.041  -0.368  1.00 28.10  ? 122 ILE A CA  1 
ATOM   851  C C   . ILE A 1 108 ? 8.496   -6.897  -1.621  1.00 27.25  ? 122 ILE A C   1 
ATOM   852  O O   . ILE A 1 108 ? 8.822   -6.080  -2.453  1.00 26.08  ? 122 ILE A O   1 
ATOM   853  C CB  . ILE A 1 108 ? 9.376   -5.714  0.358   1.00 30.55  ? 122 ILE A CB  1 
ATOM   854  C CG1 . ILE A 1 108 ? 10.334  -5.826  1.554   1.00 31.50  ? 122 ILE A CG1 1 
ATOM   855  C CG2 . ILE A 1 108 ? 7.940   -5.354  0.822   1.00 32.81  ? 122 ILE A CG2 1 
ATOM   856  C CD1 . ILE A 1 108 ? 10.525  -4.559  2.325   1.00 35.67  ? 122 ILE A CD1 1 
ATOM   857  N N   . THR A 1 109 ? 7.444   -7.720  -1.735  1.00 25.76  ? 123 THR A N   1 
ATOM   858  C CA  . THR A 1 109 ? 6.633   -7.837  -2.927  1.00 28.71  ? 123 THR A CA  1 
ATOM   859  C C   . THR A 1 109 ? 5.315   -7.060  -2.692  1.00 29.97  ? 123 THR A C   1 
ATOM   860  O O   . THR A 1 109 ? 4.645   -7.326  -1.704  1.00 26.96  ? 123 THR A O   1 
ATOM   861  C CB  . THR A 1 109 ? 6.280   -9.320  -3.178  1.00 29.01  ? 123 THR A CB  1 
ATOM   862  O OG1 . THR A 1 109 ? 7.478   -10.055 -3.412  1.00 31.09  ? 123 THR A OG1 1 
ATOM   863  C CG2 . THR A 1 109 ? 5.414   -9.478  -4.428  1.00 29.82  ? 123 THR A CG2 1 
ATOM   864  N N   . PRO A 1 110 ? 4.986   -6.077  -3.552  1.00 30.84  ? 124 PRO A N   1 
ATOM   865  C CA  . PRO A 1 110 ? 3.776   -5.272  -3.357  1.00 29.00  ? 124 PRO A CA  1 
ATOM   866  C C   . PRO A 1 110 ? 2.666   -5.734  -4.255  1.00 27.34  ? 124 PRO A C   1 
ATOM   867  O O   . PRO A 1 110 ? 2.882   -5.966  -5.431  1.00 27.77  ? 124 PRO A O   1 
ATOM   868  C CB  . PRO A 1 110 ? 4.219   -3.854  -3.719  1.00 30.02  ? 124 PRO A CB  1 
ATOM   869  C CG  . PRO A 1 110 ? 5.400   -4.010  -4.612  1.00 30.31  ? 124 PRO A CG  1 
ATOM   870  C CD  . PRO A 1 110 ? 5.911   -5.427  -4.504  1.00 32.27  ? 124 PRO A CD  1 
ATOM   871  N N   . PHE A 1 111 ? 1.490   -5.878  -3.677  1.00 25.35  ? 125 PHE A N   1 
ATOM   872  C CA  . PHE A 1 111 ? 0.271   -6.180  -4.427  1.00 26.05  ? 125 PHE A CA  1 
ATOM   873  C C   . PHE A 1 111 ? -0.713  -5.043  -4.346  1.00 25.38  ? 125 PHE A C   1 
ATOM   874  O O   . PHE A 1 111 ? -0.847  -4.445  -3.295  1.00 25.69  ? 125 PHE A O   1 
ATOM   875  C CB  . PHE A 1 111 ? -0.368  -7.409  -3.818  1.00 27.91  ? 125 PHE A CB  1 
ATOM   876  C CG  . PHE A 1 111 ? 0.486   -8.633  -3.940  1.00 25.55  ? 125 PHE A CG  1 
ATOM   877  C CD1 . PHE A 1 111 ? 1.410   -8.938  -2.955  1.00 25.95  ? 125 PHE A CD1 1 
ATOM   878  C CD2 . PHE A 1 111 ? 0.348   -9.467  -5.009  1.00 25.20  ? 125 PHE A CD2 1 
ATOM   879  C CE1 . PHE A 1 111 ? 2.181   -10.087 -3.035  1.00 23.78  ? 125 PHE A CE1 1 
ATOM   880  C CE2 . PHE A 1 111 ? 1.138   -10.609 -5.117  1.00 26.88  ? 125 PHE A CE2 1 
ATOM   881  C CZ  . PHE A 1 111 ? 2.085   -10.877 -4.150  1.00 24.47  ? 125 PHE A CZ  1 
ATOM   882  N N   . VAL A 1 112 ? -1.354  -4.703  -5.460  1.00 25.53  ? 126 VAL A N   1 
ATOM   883  C CA  . VAL A 1 112 ? -2.385  -3.705  -5.458  1.00 27.16  ? 126 VAL A CA  1 
ATOM   884  C C   . VAL A 1 112 ? -3.743  -4.406  -5.338  1.00 27.65  ? 126 VAL A C   1 
ATOM   885  O O   . VAL A 1 112 ? -4.020  -5.393  -6.046  1.00 26.25  ? 126 VAL A O   1 
ATOM   886  C CB  . VAL A 1 112 ? -2.389  -2.830  -6.709  1.00 29.43  ? 126 VAL A CB  1 
ATOM   887  C CG1 . VAL A 1 112 ? -3.521  -1.772  -6.605  1.00 28.65  ? 126 VAL A CG1 1 
ATOM   888  C CG2 . VAL A 1 112 ? -1.044  -2.140  -6.880  1.00 28.18  ? 126 VAL A CG2 1 
ATOM   889  N N   . GLY A 1 113 ? -4.573  -3.899  -4.425  1.00 25.27  ? 127 GLY A N   1 
ATOM   890  C CA  . GLY A 1 113 ? -5.860  -4.539  -4.099  1.00 26.28  ? 127 GLY A CA  1 
ATOM   891  C C   . GLY A 1 113 ? -6.952  -3.493  -4.211  1.00 28.10  ? 127 GLY A C   1 
ATOM   892  O O   . GLY A 1 113 ? -6.729  -2.392  -3.754  1.00 28.97  ? 127 GLY A O   1 
ATOM   893  N N   . LEU A 1 114 ? -8.073  -3.818  -4.876  1.00 28.31  ? 128 LEU A N   1 
ATOM   894  C CA  . LEU A 1 114 ? -9.280  -2.976  -4.864  1.00 30.85  ? 128 LEU A CA  1 
ATOM   895  C C   . LEU A 1 114 ? -10.139 -3.333  -3.673  1.00 28.73  ? 128 LEU A C   1 
ATOM   896  O O   . LEU A 1 114 ? -10.444 -4.525  -3.445  1.00 27.63  ? 128 LEU A O   1 
ATOM   897  C CB  . LEU A 1 114 ? -10.140 -3.207  -6.081  1.00 35.91  ? 128 LEU A CB  1 
ATOM   898  C CG  . LEU A 1 114 ? -9.446  -3.197  -7.429  1.00 41.90  ? 128 LEU A CG  1 
ATOM   899  C CD1 . LEU A 1 114 ? -10.530 -3.309  -8.484  1.00 47.24  ? 128 LEU A CD1 1 
ATOM   900  C CD2 . LEU A 1 114 ? -8.644  -1.923  -7.654  1.00 43.19  ? 128 LEU A CD2 1 
ATOM   901  N N   . ILE A 1 115 ? -10.515 -2.309  -2.935  1.00 26.64  ? 129 ILE A N   1 
ATOM   902  C CA  . ILE A 1 115 ? -11.201 -2.453  -1.655  1.00 29.14  ? 129 ILE A CA  1 
ATOM   903  C C   . ILE A 1 115 ? -12.680 -2.154  -1.831  1.00 29.38  ? 129 ILE A C   1 
ATOM   904  O O   . ILE A 1 115 ? -13.042 -1.133  -2.418  1.00 27.95  ? 129 ILE A O   1 
ATOM   905  C CB  . ILE A 1 115 ? -10.615 -1.484  -0.627  1.00 27.43  ? 129 ILE A CB  1 
ATOM   906  C CG1 . ILE A 1 115 ? -9.100  -1.752  -0.434  1.00 32.60  ? 129 ILE A CG1 1 
ATOM   907  C CG2 . ILE A 1 115 ? -11.314 -1.626  0.709   1.00 26.32  ? 129 ILE A CG2 1 
ATOM   908  C CD1 . ILE A 1 115 ? -8.739  -3.163  0.053   1.00 31.17  ? 129 ILE A CD1 1 
ATOM   909  N N   . ASP A 1 116 ? -13.504 -3.074  -1.340  1.00 31.59  ? 130 ASP A N   1 
ATOM   910  C CA  . ASP A 1 116 ? -14.950 -2.966  -1.341  1.00 31.25  ? 130 ASP A CA  1 
ATOM   911  C C   . ASP A 1 116 ? -15.418 -1.672  -0.683  1.00 30.86  ? 130 ASP A C   1 
ATOM   912  O O   . ASP A 1 116 ? -14.923 -1.302  0.369   1.00 31.73  ? 130 ASP A O   1 
ATOM   913  C CB  . ASP A 1 116 ? -15.540 -4.099  -0.539  1.00 36.56  ? 130 ASP A CB  1 
ATOM   914  C CG  . ASP A 1 116 ? -17.077 -4.146  -0.638  1.00 39.92  ? 130 ASP A CG  1 
ATOM   915  O OD1 . ASP A 1 116 ? -17.555 -4.548  -1.704  1.00 40.46  ? 130 ASP A OD1 1 
ATOM   916  O OD2 . ASP A 1 116 ? -17.770 -3.779  0.338   1.00 35.59  ? 130 ASP A OD2 1 
ATOM   917  N N   . HIS A 1 117 ? -16.363 -0.994  -1.308  1.00 29.91  ? 131 HIS A N   1 
ATOM   918  C CA  . HIS A 1 117 ? -16.979 0.228   -0.711  1.00 31.73  ? 131 HIS A CA  1 
ATOM   919  C C   . HIS A 1 117 ? -17.612 0.079   0.677   1.00 32.14  ? 131 HIS A C   1 
ATOM   920  O O   . HIS A 1 117 ? -17.734 1.054   1.332   1.00 31.74  ? 131 HIS A O   1 
ATOM   921  C CB  . HIS A 1 117 ? -17.943 0.922   -1.683  1.00 32.86  ? 131 HIS A CB  1 
ATOM   922  C CG  . HIS A 1 117 ? -19.261 0.225   -1.850  1.00 38.07  ? 131 HIS A CG  1 
ATOM   923  N ND1 . HIS A 1 117 ? -19.369 -1.102  -2.200  1.00 42.20  ? 131 HIS A ND1 1 
ATOM   924  C CD2 . HIS A 1 117 ? -20.528 0.668   -1.697  1.00 45.15  ? 131 HIS A CD2 1 
ATOM   925  C CE1 . HIS A 1 117 ? -20.637 -1.452  -2.232  1.00 39.02  ? 131 HIS A CE1 1 
ATOM   926  N NE2 . HIS A 1 117 ? -21.365 -0.395  -1.950  1.00 42.81  ? 131 HIS A NE2 1 
ATOM   927  N N   . ASN A 1 118 ? -17.999 -1.107  1.153   1.00 33.36  ? 132 ASN A N   1 
ATOM   928  C CA  . ASN A 1 118 ? -18.512 -1.208  2.549   1.00 34.64  ? 132 ASN A CA  1 
ATOM   929  C C   . ASN A 1 118 ? -17.477 -1.545  3.611   1.00 38.94  ? 132 ASN A C   1 
ATOM   930  O O   . ASN A 1 118 ? -17.851 -1.715  4.762   1.00 33.69  ? 132 ASN A O   1 
ATOM   931  C CB  . ASN A 1 118 ? -19.672 -2.225  2.644   1.00 35.55  ? 132 ASN A CB  1 
ATOM   932  C CG  . ASN A 1 118 ? -20.888 -1.760  1.866   1.00 38.00  ? 132 ASN A CG  1 
ATOM   933  O OD1 . ASN A 1 118 ? -21.412 -2.458  0.951   1.00 36.61  ? 132 ASN A OD1 1 
ATOM   934  N ND2 . ASN A 1 118 ? -21.290 -0.541  2.155   1.00 30.71  ? 132 ASN A ND2 1 
ATOM   935  N N   . PHE A 1 119 ? -16.192 -1.644  3.246   1.00 37.53  ? 133 PHE A N   1 
ATOM   936  C CA  . PHE A 1 119 ? -15.135 -1.895  4.247   1.00 36.34  ? 133 PHE A CA  1 
ATOM   937  C C   . PHE A 1 119 ? -14.962 -0.656  5.127   1.00 34.81  ? 133 PHE A C   1 
ATOM   938  O O   . PHE A 1 119 ? -14.840 0.446   4.615   1.00 31.95  ? 133 PHE A O   1 
ATOM   939  C CB  . PHE A 1 119 ? -13.768 -2.250  3.559   1.00 34.55  ? 133 PHE A CB  1 
ATOM   940  C CG  . PHE A 1 119 ? -12.578 -2.092  4.461   1.00 31.25  ? 133 PHE A CG  1 
ATOM   941  C CD1 . PHE A 1 119 ? -12.303 -3.030  5.444   1.00 33.99  ? 133 PHE A CD1 1 
ATOM   942  C CD2 . PHE A 1 119 ? -11.792 -0.980  4.381   1.00 31.80  ? 133 PHE A CD2 1 
ATOM   943  C CE1 . PHE A 1 119 ? -11.223 -2.872  6.288   1.00 34.66  ? 133 PHE A CE1 1 
ATOM   944  C CE2 . PHE A 1 119 ? -10.682 -0.848  5.201   1.00 34.92  ? 133 PHE A CE2 1 
ATOM   945  C CZ  . PHE A 1 119 ? -10.405 -1.788  6.153   1.00 31.03  ? 133 PHE A CZ  1 
ATOM   946  N N   . GLN A 1 120 ? -14.890 -0.837  6.435   1.00 39.67  ? 134 GLN A N   1 
ATOM   947  C CA  . GLN A 1 120 ? -14.533 0.272   7.347   1.00 44.46  ? 134 GLN A CA  1 
ATOM   948  C C   . GLN A 1 120 ? -13.358 -0.204  8.194   1.00 38.02  ? 134 GLN A C   1 
ATOM   949  O O   . GLN A 1 120 ? -13.479 -1.200  8.889   1.00 32.63  ? 134 GLN A O   1 
ATOM   950  C CB  . GLN A 1 120 ? -15.677 0.616   8.324   1.00 54.83  ? 134 GLN A CB  1 
ATOM   951  C CG  . GLN A 1 120 ? -17.100 0.495   7.785   1.00 66.82  ? 134 GLN A CG  1 
ATOM   952  C CD  . GLN A 1 120 ? -17.805 1.828   7.656   1.00 77.12  ? 134 GLN A CD  1 
ATOM   953  O OE1 . GLN A 1 120 ? -17.244 2.787   7.112   1.00 88.12  ? 134 GLN A OE1 1 
ATOM   954  N NE2 . GLN A 1 120 ? -19.041 1.903   8.174   1.00 78.38  ? 134 GLN A NE2 1 
ATOM   955  N N   . ALA A 1 121 ? -12.246 0.509   8.161   1.00 38.09  ? 135 ALA A N   1 
ATOM   956  C CA  . ALA A 1 121 ? -11.078 0.104   8.927   1.00 40.64  ? 135 ALA A CA  1 
ATOM   957  C C   . ALA A 1 121 ? -11.390 0.000   10.413  1.00 40.96  ? 135 ALA A C   1 
ATOM   958  O O   . ALA A 1 121 ? -12.034 0.874   10.983  1.00 40.40  ? 135 ALA A O   1 
ATOM   959  C CB  . ALA A 1 121 ? -9.946  1.080   8.706   1.00 45.03  ? 135 ALA A CB  1 
ATOM   960  N N   . GLN A 1 122 ? -10.951 -1.109  10.997  1.00 38.89  ? 136 GLN A N   1 
ATOM   961  C CA  . GLN A 1 122 ? -10.954 -1.358  12.433  1.00 38.32  ? 136 GLN A CA  1 
ATOM   962  C C   . GLN A 1 122 ? -9.499  -1.497  12.886  1.00 36.12  ? 136 GLN A C   1 
ATOM   963  O O   . GLN A 1 122 ? -8.939  -2.629  12.921  1.00 32.68  ? 136 GLN A O   1 
ATOM   964  C CB  . GLN A 1 122 ? -11.739 -2.635  12.714  1.00 43.47  ? 136 GLN A CB  1 
ATOM   965  C CG  . GLN A 1 122 ? -13.219 -2.469  12.408  1.00 54.08  ? 136 GLN A CG  1 
ATOM   966  C CD  . GLN A 1 122 ? -14.001 -3.766  12.540  1.00 65.50  ? 136 GLN A CD  1 
ATOM   967  O OE1 . GLN A 1 122 ? -13.778 -4.740  11.808  1.00 69.84  ? 136 GLN A OE1 1 
ATOM   968  N NE2 . GLN A 1 122 ? -14.932 -3.783  13.484  1.00 78.38  ? 136 GLN A NE2 1 
ATOM   969  N N   . PRO A 1 123 ? -8.846  -0.353  13.147  1.00 33.52  ? 137 PRO A N   1 
ATOM   970  C CA  . PRO A 1 123 ? -7.442  -0.378  13.493  1.00 35.40  ? 137 PRO A CA  1 
ATOM   971  C C   . PRO A 1 123 ? -7.205  -1.239  14.736  1.00 37.70  ? 137 PRO A C   1 
ATOM   972  O O   . PRO A 1 123 ? -7.886  -1.075  15.746  1.00 39.26  ? 137 PRO A O   1 
ATOM   973  C CB  . PRO A 1 123 ? -7.121  1.084   13.792  1.00 34.72  ? 137 PRO A CB  1 
ATOM   974  C CG  . PRO A 1 123 ? -8.095  1.855   13.039  1.00 36.86  ? 137 PRO A CG  1 
ATOM   975  C CD  . PRO A 1 123 ? -9.335  1.023   12.991  1.00 36.38  ? 137 PRO A CD  1 
ATOM   976  N N   . ASN A 1 124 ? -6.286  -2.183  14.608  1.00 36.68  ? 138 ASN A N   1 
ATOM   977  C CA  . ASN A 1 124 ? -5.809  -2.991  15.706  1.00 35.09  ? 138 ASN A CA  1 
ATOM   978  C C   . ASN A 1 124 ? -4.633  -2.260  16.420  1.00 34.30  ? 138 ASN A C   1 
ATOM   979  O O   . ASN A 1 124 ? -3.533  -2.186  15.881  1.00 32.97  ? 138 ASN A O   1 
ATOM   980  C CB  . ASN A 1 124 ? -5.368  -4.335  15.158  1.00 33.36  ? 138 ASN A CB  1 
ATOM   981  C CG  . ASN A 1 124 ? -4.736  -5.220  16.204  1.00 34.86  ? 138 ASN A CG  1 
ATOM   982  O OD1 . ASN A 1 124 ? -4.542  -4.819  17.366  1.00 42.05  ? 138 ASN A OD1 1 
ATOM   983  N ND2 . ASN A 1 124 ? -4.347  -6.419  15.780  1.00 32.40  ? 138 ASN A ND2 1 
ATOM   984  N N   . PRO A 1 125 ? -4.872  -1.754  17.635  1.00 35.50  ? 139 PRO A N   1 
ATOM   985  C CA  . PRO A 1 125 ? -3.916  -0.873  18.310  1.00 37.80  ? 139 PRO A CA  1 
ATOM   986  C C   . PRO A 1 125 ? -2.600  -1.550  18.724  1.00 37.41  ? 139 PRO A C   1 
ATOM   987  O O   . PRO A 1 125 ? -1.643  -0.838  19.011  1.00 38.24  ? 139 PRO A O   1 
ATOM   988  C CB  . PRO A 1 125 ? -4.694  -0.372  19.565  1.00 37.67  ? 139 PRO A CB  1 
ATOM   989  C CG  . PRO A 1 125 ? -5.643  -1.477  19.875  1.00 36.56  ? 139 PRO A CG  1 
ATOM   990  C CD  . PRO A 1 125 ? -6.003  -2.121  18.533  1.00 39.62  ? 139 PRO A CD  1 
ATOM   991  N N   . ALA A 1 126 ? -2.548  -2.879  18.759  1.00 33.99  ? 140 ALA A N   1 
ATOM   992  C CA  . ALA A 1 126 ? -1.253  -3.577  18.973  1.00 38.41  ? 140 ALA A CA  1 
ATOM   993  C C   . ALA A 1 126 ? -0.333  -3.451  17.738  1.00 40.09  ? 140 ALA A C   1 
ATOM   994  O O   . ALA A 1 126 ? 0.881   -3.590  17.872  1.00 41.46  ? 140 ALA A O   1 
ATOM   995  C CB  . ALA A 1 126 ? -1.471  -5.069  19.298  1.00 35.93  ? 140 ALA A CB  1 
ATOM   996  N N   . GLU A 1 127 ? -0.912  -3.210  16.550  1.00 40.75  ? 141 GLU A N   1 
ATOM   997  C CA  . GLU A 1 127 ? -0.153  -3.093  15.273  1.00 39.45  ? 141 GLU A CA  1 
ATOM   998  C C   . GLU A 1 127 ? -0.105  -1.688  14.696  1.00 36.72  ? 141 GLU A C   1 
ATOM   999  O O   . GLU A 1 127 ? 0.881   -1.272  14.117  1.00 34.56  ? 141 GLU A O   1 
ATOM   1000 C CB  . GLU A 1 127 ? -0.812  -3.968  14.225  1.00 46.01  ? 141 GLU A CB  1 
ATOM   1001 C CG  . GLU A 1 127 ? -1.132  -5.392  14.659  1.00 51.51  ? 141 GLU A CG  1 
ATOM   1002 C CD  . GLU A 1 127 ? -0.002  -6.355  14.443  1.00 56.51  ? 141 GLU A CD  1 
ATOM   1003 O OE1 . GLU A 1 127 ? 0.261   -7.140  15.366  1.00 64.90  ? 141 GLU A OE1 1 
ATOM   1004 O OE2 . GLU A 1 127 ? 0.580   -6.369  13.338  1.00 66.84  ? 141 GLU A OE2 1 
ATOM   1005 N N   . VAL A 1 128 ? -1.175  -0.939  14.882  1.00 33.09  ? 142 VAL A N   1 
ATOM   1006 C CA  . VAL A 1 128 ? -1.426  0.215   14.091  1.00 35.46  ? 142 VAL A CA  1 
ATOM   1007 C C   . VAL A 1 128 ? -2.022  1.288   14.995  1.00 35.82  ? 142 VAL A C   1 
ATOM   1008 O O   . VAL A 1 128 ? -3.008  1.055   15.712  1.00 33.58  ? 142 VAL A O   1 
ATOM   1009 C CB  . VAL A 1 128 ? -2.343  -0.270  12.927  1.00 37.61  ? 142 VAL A CB  1 
ATOM   1010 C CG1 . VAL A 1 128 ? -3.530  0.611   12.685  1.00 41.89  ? 142 VAL A CG1 1 
ATOM   1011 C CG2 . VAL A 1 128 ? -1.513  -0.541  11.680  1.00 34.73  ? 142 VAL A CG2 1 
ATOM   1012 N N   . LYS A 1 129 ? -1.407  2.449   14.941  1.00 35.68  ? 143 LYS A N   1 
ATOM   1013 C CA  . LYS A 1 129 ? -1.829  3.618   15.693  1.00 40.64  ? 143 LYS A CA  1 
ATOM   1014 C C   . LYS A 1 129 ? -2.863  4.451   14.941  1.00 40.51  ? 143 LYS A C   1 
ATOM   1015 O O   . LYS A 1 129 ? -3.609  5.236   15.550  1.00 40.96  ? 143 LYS A O   1 
ATOM   1016 C CB  . LYS A 1 129 ? -0.602  4.476   15.983  1.00 46.68  ? 143 LYS A CB  1 
ATOM   1017 C CG  . LYS A 1 129 ? -0.883  5.658   16.855  1.00 59.09  ? 143 LYS A CG  1 
ATOM   1018 C CD  . LYS A 1 129 ? 0.380   6.166   17.516  1.00 65.38  ? 143 LYS A CD  1 
ATOM   1019 C CE  . LYS A 1 129 ? 1.303   6.783   16.508  1.00 67.06  ? 143 LYS A CE  1 
ATOM   1020 N NZ  . LYS A 1 129 ? 1.843   8.031   17.108  1.00 74.04  ? 143 LYS A NZ  1 
ATOM   1021 N N   . ASP A 1 130 ? -2.871  4.352   13.616  1.00 34.76  ? 144 ASP A N   1 
ATOM   1022 C CA  . ASP A 1 130 ? -3.827  5.113   12.821  1.00 32.60  ? 144 ASP A CA  1 
ATOM   1023 C C   . ASP A 1 130 ? -3.973  4.464   11.445  1.00 33.87  ? 144 ASP A C   1 
ATOM   1024 O O   . ASP A 1 130 ? -3.132  3.642   11.051  1.00 35.68  ? 144 ASP A O   1 
ATOM   1025 C CB  . ASP A 1 130 ? -3.315  6.548   12.698  1.00 31.05  ? 144 ASP A CB  1 
ATOM   1026 C CG  . ASP A 1 130 ? -4.388  7.538   12.285  1.00 31.47  ? 144 ASP A CG  1 
ATOM   1027 O OD1 . ASP A 1 130 ? -5.529  7.136   11.984  1.00 29.79  ? 144 ASP A OD1 1 
ATOM   1028 O OD2 . ASP A 1 130 ? -4.053  8.736   12.239  1.00 33.67  ? 144 ASP A OD2 1 
ATOM   1029 N N   . VAL A 1 131 ? -5.058  4.802   10.759  1.00 31.60  ? 145 VAL A N   1 
ATOM   1030 C CA  . VAL A 1 131 ? -5.350  4.399   9.354   1.00 30.84  ? 145 VAL A CA  1 
ATOM   1031 C C   . VAL A 1 131 ? -5.929  5.643   8.686   1.00 31.49  ? 145 VAL A C   1 
ATOM   1032 O O   . VAL A 1 131 ? -6.747  6.336   9.289   1.00 33.72  ? 145 VAL A O   1 
ATOM   1033 C CB  . VAL A 1 131 ? -6.375  3.268   9.316   1.00 31.86  ? 145 VAL A CB  1 
ATOM   1034 C CG1 . VAL A 1 131 ? -6.831  2.960   7.904   1.00 34.41  ? 145 VAL A CG1 1 
ATOM   1035 C CG2 . VAL A 1 131 ? -5.795  2.014   9.949   1.00 33.89  ? 145 VAL A CG2 1 
ATOM   1036 N N   . PHE A 1 132 ? -5.463  5.978   7.488   1.00 31.04  ? 146 PHE A N   1 
ATOM   1037 C CA  . PHE A 1 132 ? -5.909  7.188   6.792   1.00 29.14  ? 146 PHE A CA  1 
ATOM   1038 C C   . PHE A 1 132 ? -5.848  6.996   5.261   1.00 30.51  ? 146 PHE A C   1 
ATOM   1039 O O   . PHE A 1 132 ? -5.080  6.180   4.764   1.00 26.40  ? 146 PHE A O   1 
ATOM   1040 C CB  . PHE A 1 132 ? -5.112  8.414   7.235   1.00 31.14  ? 146 PHE A CB  1 
ATOM   1041 C CG  . PHE A 1 132 ? -3.639  8.405   6.846   1.00 33.59  ? 146 PHE A CG  1 
ATOM   1042 C CD1 . PHE A 1 132 ? -2.710  7.712   7.600   1.00 32.44  ? 146 PHE A CD1 1 
ATOM   1043 C CD2 . PHE A 1 132 ? -3.188  9.134   5.741   1.00 32.97  ? 146 PHE A CD2 1 
ATOM   1044 C CE1 . PHE A 1 132 ? -1.351  7.723   7.250   1.00 34.35  ? 146 PHE A CE1 1 
ATOM   1045 C CE2 . PHE A 1 132 ? -1.843  9.144   5.387   1.00 33.37  ? 146 PHE A CE2 1 
ATOM   1046 C CZ  . PHE A 1 132 ? -0.926  8.439   6.132   1.00 32.70  ? 146 PHE A CZ  1 
ATOM   1047 N N   . LEU A 1 133 ? -6.687  7.741   4.550   1.00 29.23  ? 147 LEU A N   1 
ATOM   1048 C CA  . LEU A 1 133 ? -6.714  7.729   3.106   1.00 30.90  ? 147 LEU A CA  1 
ATOM   1049 C C   . LEU A 1 133 ? -5.958  8.942   2.547   1.00 30.63  ? 147 LEU A C   1 
ATOM   1050 O O   . LEU A 1 133 ? -5.945  9.980   3.150   1.00 32.12  ? 147 LEU A O   1 
ATOM   1051 C CB  . LEU A 1 133 ? -8.157  7.807   2.599   1.00 31.38  ? 147 LEU A CB  1 
ATOM   1052 C CG  . LEU A 1 133 ? -9.090  6.658   2.988   1.00 33.52  ? 147 LEU A CG  1 
ATOM   1053 C CD1 . LEU A 1 133 ? -10.455 6.958   2.391   1.00 34.06  ? 147 LEU A CD1 1 
ATOM   1054 C CD2 . LEU A 1 133 ? -8.566  5.323   2.489   1.00 34.24  ? 147 LEU A CD2 1 
ATOM   1055 N N   . VAL A 1 134 ? -5.354  8.801   1.373   1.00 28.84  ? 148 VAL A N   1 
ATOM   1056 C CA  . VAL A 1 134 ? -4.810  9.922   0.646   1.00 26.97  ? 148 VAL A CA  1 
ATOM   1057 C C   . VAL A 1 134 ? -5.305  9.788   -0.782  1.00 27.28  ? 148 VAL A C   1 
ATOM   1058 O O   . VAL A 1 134 ? -5.203  8.708   -1.385  1.00 27.91  ? 148 VAL A O   1 
ATOM   1059 C CB  . VAL A 1 134 ? -3.268  9.951   0.647   1.00 27.21  ? 148 VAL A CB  1 
ATOM   1060 C CG1 . VAL A 1 134 ? -2.760  11.191  -0.083  1.00 28.33  ? 148 VAL A CG1 1 
ATOM   1061 C CG2 . VAL A 1 134 ? -2.722  9.937   2.057   1.00 26.94  ? 148 VAL A CG2 1 
ATOM   1062 N N   . PRO A 1 135 ? -5.843  10.875  -1.345  1.00 27.07  ? 149 PRO A N   1 
ATOM   1063 C CA  . PRO A 1 135 ? -6.214  10.762  -2.743  1.00 26.75  ? 149 PRO A CA  1 
ATOM   1064 C C   . PRO A 1 135 ? -5.020  10.404  -3.620  1.00 27.66  ? 149 PRO A C   1 
ATOM   1065 O O   . PRO A 1 135 ? -3.954  10.952  -3.459  1.00 24.89  ? 149 PRO A O   1 
ATOM   1066 C CB  . PRO A 1 135 ? -6.715  12.173  -3.105  1.00 29.10  ? 149 PRO A CB  1 
ATOM   1067 C CG  . PRO A 1 135 ? -7.120  12.804  -1.777  1.00 29.56  ? 149 PRO A CG  1 
ATOM   1068 C CD  . PRO A 1 135 ? -6.156  12.206  -0.767  1.00 27.98  ? 149 PRO A CD  1 
ATOM   1069 N N   . LEU A 1 136 ? -5.233  9.502   -4.561  1.00 26.05  ? 150 LEU A N   1 
ATOM   1070 C CA  . LEU A 1 136 ? -4.185  9.063   -5.411  1.00 28.98  ? 150 LEU A CA  1 
ATOM   1071 C C   . LEU A 1 136 ? -3.528  10.228  -6.189  1.00 31.87  ? 150 LEU A C   1 
ATOM   1072 O O   . LEU A 1 136 ? -2.302  10.294  -6.298  1.00 29.36  ? 150 LEU A O   1 
ATOM   1073 C CB  . LEU A 1 136 ? -4.717  7.938   -6.318  1.00 28.74  ? 150 LEU A CB  1 
ATOM   1074 C CG  . LEU A 1 136 ? -3.669  7.166   -7.099  1.00 28.72  ? 150 LEU A CG  1 
ATOM   1075 C CD1 . LEU A 1 136 ? -2.712  6.402   -6.201  1.00 29.32  ? 150 LEU A CD1 1 
ATOM   1076 C CD2 . LEU A 1 136 ? -4.393  6.213   -8.006  1.00 29.67  ? 150 LEU A CD2 1 
ATOM   1077 N N   . ALA A 1 137 ? -4.339  11.178  -6.644  1.00 31.34  ? 151 ALA A N   1 
ATOM   1078 C CA  . ALA A 1 137 ? -3.844  12.359  -7.363  1.00 31.64  ? 151 ALA A CA  1 
ATOM   1079 C C   . ALA A 1 137 ? -2.834  13.175  -6.590  1.00 31.17  ? 151 ALA A C   1 
ATOM   1080 O O   . ALA A 1 137 ? -2.031  13.861  -7.182  1.00 34.82  ? 151 ALA A O   1 
ATOM   1081 C CB  . ALA A 1 137 ? -5.026  13.268  -7.785  1.00 31.86  ? 151 ALA A CB  1 
ATOM   1082 N N   . TYR A 1 138 ? -2.877  13.138  -5.268  1.00 31.27  ? 152 TYR A N   1 
ATOM   1083 C CA  . TYR A 1 138 ? -1.931  13.862  -4.455  1.00 29.39  ? 152 TYR A CA  1 
ATOM   1084 C C   . TYR A 1 138 ? -0.447  13.513  -4.815  1.00 32.56  ? 152 TYR A C   1 
ATOM   1085 O O   . TYR A 1 138 ? 0.468   14.372  -4.756  1.00 27.82  ? 152 TYR A O   1 
ATOM   1086 C CB  . TYR A 1 138 ? -2.193  13.562  -2.949  1.00 29.06  ? 152 TYR A CB  1 
ATOM   1087 C CG  . TYR A 1 138 ? -1.077  14.064  -2.076  1.00 30.24  ? 152 TYR A CG  1 
ATOM   1088 C CD1 . TYR A 1 138 ? -1.048  15.387  -1.629  1.00 31.12  ? 152 TYR A CD1 1 
ATOM   1089 C CD2 . TYR A 1 138 ? 0.036   13.254  -1.825  1.00 30.12  ? 152 TYR A CD2 1 
ATOM   1090 C CE1 . TYR A 1 138 ? 0.026   15.854  -0.860  1.00 32.98  ? 152 TYR A CE1 1 
ATOM   1091 C CE2 . TYR A 1 138 ? 1.105   13.712  -1.089  1.00 32.17  ? 152 TYR A CE2 1 
ATOM   1092 C CZ  . TYR A 1 138 ? 1.118   15.004  -0.604  1.00 32.31  ? 152 TYR A CZ  1 
ATOM   1093 O OH  . TYR A 1 138 ? 2.228   15.435  0.172   1.00 36.42  ? 152 TYR A OH  1 
ATOM   1094 N N   . PHE A 1 139 ? -0.218  12.238  -5.121  1.00 30.12  ? 153 PHE A N   1 
ATOM   1095 C CA  . PHE A 1 139 ? 1.133   11.760  -5.418  1.00 31.26  ? 153 PHE A CA  1 
ATOM   1096 C C   . PHE A 1 139 ? 1.713   12.311  -6.733  1.00 34.88  ? 153 PHE A C   1 
ATOM   1097 O O   . PHE A 1 139 ? 2.927   12.209  -6.922  1.00 33.97  ? 153 PHE A O   1 
ATOM   1098 C CB  . PHE A 1 139 ? 1.225   10.237  -5.242  1.00 26.83  ? 153 PHE A CB  1 
ATOM   1099 C CG  . PHE A 1 139 ? 0.922   9.847   -3.843  1.00 26.36  ? 153 PHE A CG  1 
ATOM   1100 C CD1 . PHE A 1 139 ? 1.865   10.053  -2.848  1.00 28.19  ? 153 PHE A CD1 1 
ATOM   1101 C CD2 . PHE A 1 139 ? -0.342  9.412   -3.481  1.00 25.76  ? 153 PHE A CD2 1 
ATOM   1102 C CE1 . PHE A 1 139 ? 1.555   9.786   -1.496  1.00 28.28  ? 153 PHE A CE1 1 
ATOM   1103 C CE2 . PHE A 1 139 ? -0.653  9.149   -2.145  1.00 24.71  ? 153 PHE A CE2 1 
ATOM   1104 C CZ  . PHE A 1 139 ? 0.291   9.338   -1.164  1.00 26.87  ? 153 PHE A CZ  1 
ATOM   1105 N N   . LEU A 1 140 ? 0.878   12.964  -7.557  1.00 30.89  ? 154 LEU A N   1 
ATOM   1106 C CA  . LEU A 1 140 ? 1.356   13.684  -8.720  1.00 36.60  ? 154 LEU A CA  1 
ATOM   1107 C C   . LEU A 1 140 ? 1.818   15.116  -8.439  1.00 38.37  ? 154 LEU A C   1 
ATOM   1108 O O   . LEU A 1 140 ? 2.561   15.653  -9.228  1.00 38.42  ? 154 LEU A O   1 
ATOM   1109 C CB  . LEU A 1 140 ? 0.289   13.747  -9.814  1.00 36.67  ? 154 LEU A CB  1 
ATOM   1110 C CG  . LEU A 1 140 ? -0.346  12.433  -10.246 1.00 39.99  ? 154 LEU A CG  1 
ATOM   1111 C CD1 . LEU A 1 140 ? -1.396  12.711  -11.297 1.00 43.39  ? 154 LEU A CD1 1 
ATOM   1112 C CD2 . LEU A 1 140 ? 0.665   11.448  -10.776 1.00 41.28  ? 154 LEU A CD2 1 
ATOM   1113 N N   . HIS A 1 141 ? 1.356   15.728  -7.351  1.00 39.81  ? 155 HIS A N   1 
ATOM   1114 C CA  . HIS A 1 141 ? 1.719   17.112  -6.966  1.00 40.76  ? 155 HIS A CA  1 
ATOM   1115 C C   . HIS A 1 141 ? 1.830   17.165  -5.458  1.00 41.20  ? 155 HIS A C   1 
ATOM   1116 O O   . HIS A 1 141 ? 1.075   17.871  -4.794  1.00 38.64  ? 155 HIS A O   1 
ATOM   1117 C CB  . HIS A 1 141 ? 0.635   18.085  -7.437  1.00 43.72  ? 155 HIS A CB  1 
ATOM   1118 C CG  . HIS A 1 141 ? 0.511   18.155  -8.922  1.00 45.97  ? 155 HIS A CG  1 
ATOM   1119 N ND1 . HIS A 1 141 ? 1.503   18.695  -9.719  1.00 47.84  ? 155 HIS A ND1 1 
ATOM   1120 C CD2 . HIS A 1 141 ? -0.447  17.702  -9.764  1.00 47.27  ? 155 HIS A CD2 1 
ATOM   1121 C CE1 . HIS A 1 141 ? 1.138   18.609  -10.987 1.00 51.95  ? 155 HIS A CE1 1 
ATOM   1122 N NE2 . HIS A 1 141 ? -0.043  18.014  -11.044 1.00 49.48  ? 155 HIS A NE2 1 
ATOM   1123 N N   . PRO A 1 142 ? 2.763   16.387  -4.905  1.00 40.99  ? 156 PRO A N   1 
ATOM   1124 C CA  . PRO A 1 142 ? 2.875   16.279  -3.466  1.00 44.15  ? 156 PRO A CA  1 
ATOM   1125 C C   . PRO A 1 142 ? 3.551   17.492  -2.859  1.00 46.64  ? 156 PRO A C   1 
ATOM   1126 O O   . PRO A 1 142 ? 4.243   18.200  -3.555  1.00 47.43  ? 156 PRO A O   1 
ATOM   1127 C CB  . PRO A 1 142 ? 3.799   15.064  -3.308  1.00 44.75  ? 156 PRO A CB  1 
ATOM   1128 C CG  . PRO A 1 142 ? 4.712   15.181  -4.502  1.00 41.95  ? 156 PRO A CG  1 
ATOM   1129 C CD  . PRO A 1 142 ? 3.824   15.626  -5.606  1.00 38.61  ? 156 PRO A CD  1 
ATOM   1130 N N   . GLN A 1 143 ? 3.368   17.689  -1.567  1.00 48.29  ? 157 GLN A N   1 
ATOM   1131 C CA  . GLN A 1 143 ? 4.104   18.676  -0.806  1.00 54.10  ? 157 GLN A CA  1 
ATOM   1132 C C   . GLN A 1 143 ? 5.397   18.036  -0.216  1.00 54.77  ? 157 GLN A C   1 
ATOM   1133 O O   . GLN A 1 143 ? 5.354   17.274  0.766   1.00 46.70  ? 157 GLN A O   1 
ATOM   1134 C CB  . GLN A 1 143 ? 3.210   19.296  0.278   1.00 59.03  ? 157 GLN A CB  1 
ATOM   1135 C CG  . GLN A 1 143 ? 3.772   20.582  0.860   1.00 71.53  ? 157 GLN A CG  1 
ATOM   1136 C CD  . GLN A 1 143 ? 2.934   21.134  2.006   1.00 85.33  ? 157 GLN A CD  1 
ATOM   1137 O OE1 . GLN A 1 143 ? 1.867   21.720  1.777   1.00 95.17  ? 157 GLN A OE1 1 
ATOM   1138 N NE2 . GLN A 1 143 ? 3.419   20.964  3.251   1.00 82.66  ? 157 GLN A NE2 1 
ATOM   1139 N N   . VAL A 1 144 ? 6.530   18.380  -0.837  1.00 54.24  ? 158 VAL A N   1 
ATOM   1140 C CA  . VAL A 1 144 ? 7.832   17.762  -0.593  1.00 58.71  ? 158 VAL A CA  1 
ATOM   1141 C C   . VAL A 1 144 ? 8.627   18.594  0.413   1.00 57.66  ? 158 VAL A C   1 
ATOM   1142 O O   . VAL A 1 144 ? 8.763   19.788  0.231   1.00 59.68  ? 158 VAL A O   1 
ATOM   1143 C CB  . VAL A 1 144 ? 8.640   17.660  -1.923  1.00 60.82  ? 158 VAL A CB  1 
ATOM   1144 C CG1 . VAL A 1 144 ? 10.039  17.100  -1.690  1.00 63.13  ? 158 VAL A CG1 1 
ATOM   1145 C CG2 . VAL A 1 144 ? 7.895   16.827  -2.951  1.00 58.21  ? 158 VAL A CG2 1 
ATOM   1146 N N   . HIS A 1 145 ? 9.124   17.950  1.466   1.00 66.72  ? 159 HIS A N   1 
ATOM   1147 C CA  . HIS A 1 145 ? 10.100  18.516  2.409   1.00 73.12  ? 159 HIS A CA  1 
ATOM   1148 C C   . HIS A 1 145 ? 11.374  17.690  2.298   1.00 74.36  ? 159 HIS A C   1 
ATOM   1149 O O   . HIS A 1 145 ? 11.302  16.468  2.185   1.00 72.93  ? 159 HIS A O   1 
ATOM   1150 C CB  . HIS A 1 145 ? 9.544   18.476  3.840   1.00 78.45  ? 159 HIS A CB  1 
ATOM   1151 C CG  . HIS A 1 145 ? 8.574   19.575  4.115   1.00 101.24 ? 159 HIS A CG  1 
ATOM   1152 N ND1 . HIS A 1 145 ? 7.513   19.854  3.274   1.00 107.65 ? 159 HIS A ND1 1 
ATOM   1153 C CD2 . HIS A 1 145 ? 8.526   20.502  5.102   1.00 116.02 ? 159 HIS A CD2 1 
ATOM   1154 C CE1 . HIS A 1 145 ? 6.843   20.892  3.742   1.00 111.96 ? 159 HIS A CE1 1 
ATOM   1155 N NE2 . HIS A 1 145 ? 7.435   21.304  4.850   1.00 122.71 ? 159 HIS A NE2 1 
ATOM   1156 N N   . ASP A 1 146 ? 12.535  18.343  2.297   1.00 78.06  ? 160 ASP A N   1 
ATOM   1157 C CA  . ASP A 1 146 ? 13.827  17.635  2.282   1.00 80.38  ? 160 ASP A CA  1 
ATOM   1158 C C   . ASP A 1 146 ? 14.368  17.534  3.721   1.00 79.91  ? 160 ASP A C   1 
ATOM   1159 O O   . ASP A 1 146 ? 14.583  18.559  4.363   1.00 71.59  ? 160 ASP A O   1 
ATOM   1160 C CB  . ASP A 1 146 ? 14.796  18.352  1.342   1.00 84.12  ? 160 ASP A CB  1 
ATOM   1161 C CG  . ASP A 1 146 ? 14.340  18.302  -0.123  1.00 89.31  ? 160 ASP A CG  1 
ATOM   1162 O OD1 . ASP A 1 146 ? 13.164  17.967  -0.387  1.00 92.41  ? 160 ASP A OD1 1 
ATOM   1163 O OD2 . ASP A 1 146 ? 15.160  18.597  -1.017  1.00 92.40  ? 160 ASP A OD2 1 
ATOM   1164 N N   . GLN A 1 147 ? 14.560  16.311  4.234   1.00 79.95  ? 161 GLN A N   1 
ATOM   1165 C CA  . GLN A 1 147 ? 14.839  16.097  5.674   1.00 82.77  ? 161 GLN A CA  1 
ATOM   1166 C C   . GLN A 1 147 ? 16.300  16.358  6.009   1.00 84.89  ? 161 GLN A C   1 
ATOM   1167 O O   . GLN A 1 147 ? 17.174  15.686  5.486   1.00 81.55  ? 161 GLN A O   1 
ATOM   1168 C CB  . GLN A 1 147 ? 14.460  14.673  6.113   1.00 79.59  ? 161 GLN A CB  1 
ATOM   1169 N N   . ILE A 1 158 ? 20.820  14.175  2.500   1.00 106.82 ? 172 ILE A N   1 
ATOM   1170 C CA  . ILE A 1 158 ? 19.469  14.757  2.590   1.00 119.70 ? 172 ILE A CA  1 
ATOM   1171 C C   . ILE A 1 158 ? 18.505  14.077  1.556   1.00 110.50 ? 172 ILE A C   1 
ATOM   1172 O O   . ILE A 1 158 ? 18.923  13.746  0.450   1.00 102.07 ? 172 ILE A O   1 
ATOM   1173 C CB  . ILE A 1 158 ? 19.524  16.338  2.533   1.00 121.37 ? 172 ILE A CB  1 
ATOM   1174 C CG1 . ILE A 1 158 ? 19.854  16.933  3.948   1.00 113.83 ? 172 ILE A CG1 1 
ATOM   1175 C CG2 . ILE A 1 158 ? 18.253  16.936  1.914   1.00 125.71 ? 172 ILE A CG2 1 
ATOM   1176 C CD1 . ILE A 1 158 ? 19.483  18.397  4.209   1.00 100.17 ? 172 ILE A CD1 1 
ATOM   1177 N N   . ASN A 1 159 ? 17.232  13.884  1.951   1.00 103.88 ? 173 ASN A N   1 
ATOM   1178 C CA  . ASN A 1 159 ? 16.237  13.022  1.242   1.00 91.60  ? 173 ASN A CA  1 
ATOM   1179 C C   . ASN A 1 159 ? 14.745  13.533  1.258   1.00 80.78  ? 173 ASN A C   1 
ATOM   1180 O O   . ASN A 1 159 ? 14.311  14.235  2.175   1.00 72.08  ? 173 ASN A O   1 
ATOM   1181 C CB  . ASN A 1 159 ? 16.319  11.575  1.790   1.00 87.45  ? 173 ASN A CB  1 
ATOM   1182 C CG  . ASN A 1 159 ? 15.336  11.296  2.935   1.00 87.35  ? 173 ASN A CG  1 
ATOM   1183 O OD1 . ASN A 1 159 ? 14.669  10.263  2.942   1.00 78.92  ? 173 ASN A OD1 1 
ATOM   1184 N ND2 . ASN A 1 159 ? 15.236  12.216  3.896   1.00 85.91  ? 173 ASN A ND2 1 
ATOM   1185 N N   . HIS A 1 160 ? 13.968  13.111  0.261   1.00 74.96  ? 174 HIS A N   1 
ATOM   1186 C CA  . HIS A 1 160 ? 12.614  13.637  -0.005  1.00 68.40  ? 174 HIS A CA  1 
ATOM   1187 C C   . HIS A 1 160 ? 11.444  12.988  0.804   1.00 63.27  ? 174 HIS A C   1 
ATOM   1188 O O   . HIS A 1 160 ? 11.222  11.772  0.764   1.00 61.53  ? 174 HIS A O   1 
ATOM   1189 C CB  . HIS A 1 160 ? 12.315  13.510  -1.505  1.00 74.22  ? 174 HIS A CB  1 
ATOM   1190 C CG  . HIS A 1 160 ? 13.260  14.263  -2.398  1.00 85.58  ? 174 HIS A CG  1 
ATOM   1191 N ND1 . HIS A 1 160 ? 13.816  15.478  -2.050  1.00 90.00  ? 174 HIS A ND1 1 
ATOM   1192 C CD2 . HIS A 1 160 ? 13.700  13.994  -3.654  1.00 86.21  ? 174 HIS A CD2 1 
ATOM   1193 C CE1 . HIS A 1 160 ? 14.573  15.912  -3.043  1.00 93.35  ? 174 HIS A CE1 1 
ATOM   1194 N NE2 . HIS A 1 160 ? 14.517  15.032  -4.028  1.00 90.96  ? 174 HIS A NE2 1 
ATOM   1195 N N   . ILE A 1 161 ? 10.670  13.830  1.482   1.00 55.76  ? 175 ILE A N   1 
ATOM   1196 C CA  . ILE A 1 161 ? 9.574   13.426  2.367   1.00 52.42  ? 175 ILE A CA  1 
ATOM   1197 C C   . ILE A 1 161 ? 8.299   14.110  1.858   1.00 51.85  ? 175 ILE A C   1 
ATOM   1198 O O   . ILE A 1 161 ? 8.330   15.300  1.599   1.00 47.92  ? 175 ILE A O   1 
ATOM   1199 C CB  . ILE A 1 161 ? 9.908   13.862  3.818   1.00 55.21  ? 175 ILE A CB  1 
ATOM   1200 C CG1 . ILE A 1 161 ? 10.953  12.899  4.408   1.00 64.79  ? 175 ILE A CG1 1 
ATOM   1201 C CG2 . ILE A 1 161 ? 8.687   13.941  4.725   1.00 55.23  ? 175 ILE A CG2 1 
ATOM   1202 C CD1 . ILE A 1 161 ? 11.371  13.205  5.844   1.00 66.76  ? 175 ILE A CD1 1 
ATOM   1203 N N   . PHE A 1 162 ? 7.191   13.370  1.710   1.00 46.40  ? 176 PHE A N   1 
ATOM   1204 C CA  . PHE A 1 162 ? 5.876   13.990  1.448   1.00 39.38  ? 176 PHE A CA  1 
ATOM   1205 C C   . PHE A 1 162 ? 5.123   14.338  2.737   1.00 37.83  ? 176 PHE A C   1 
ATOM   1206 O O   . PHE A 1 162 ? 5.147   13.571  3.679   1.00 39.98  ? 176 PHE A O   1 
ATOM   1207 C CB  . PHE A 1 162 ? 4.986   13.079  0.629   1.00 35.46  ? 176 PHE A CB  1 
ATOM   1208 C CG  . PHE A 1 162 ? 5.547   12.678  -0.682  1.00 37.76  ? 176 PHE A CG  1 
ATOM   1209 C CD1 . PHE A 1 162 ? 6.529   13.429  -1.336  1.00 40.33  ? 176 PHE A CD1 1 
ATOM   1210 C CD2 . PHE A 1 162 ? 5.071   11.552  -1.293  1.00 36.98  ? 176 PHE A CD2 1 
ATOM   1211 C CE1 . PHE A 1 162 ? 6.989   13.040  -2.579  1.00 39.75  ? 176 PHE A CE1 1 
ATOM   1212 C CE2 . PHE A 1 162 ? 5.537   11.167  -2.521  1.00 38.41  ? 176 PHE A CE2 1 
ATOM   1213 C CZ  . PHE A 1 162 ? 6.491   11.916  -3.170  1.00 39.12  ? 176 PHE A CZ  1 
ATOM   1214 N N   . GLU A 1 163 ? 4.464   15.496  2.751   1.00 39.43  ? 177 GLU A N   1 
ATOM   1215 C CA  . GLU A 1 163 ? 3.562   15.920  3.847   1.00 42.35  ? 177 GLU A CA  1 
ATOM   1216 C C   . GLU A 1 163 ? 2.159   16.074  3.291   1.00 36.25  ? 177 GLU A C   1 
ATOM   1217 O O   . GLU A 1 163 ? 1.940   16.836  2.349   1.00 33.74  ? 177 GLU A O   1 
ATOM   1218 C CB  . GLU A 1 163 ? 3.965   17.262  4.441   1.00 45.39  ? 177 GLU A CB  1 
ATOM   1219 C CG  . GLU A 1 163 ? 5.263   17.232  5.242   1.00 59.82  ? 177 GLU A CG  1 
ATOM   1220 C CD  . GLU A 1 163 ? 5.410   18.369  6.257   1.00 70.15  ? 177 GLU A CD  1 
ATOM   1221 O OE1 . GLU A 1 163 ? 4.513   19.264  6.338   1.00 66.94  ? 177 GLU A OE1 1 
ATOM   1222 O OE2 . GLU A 1 163 ? 6.448   18.346  6.978   1.00 80.60  ? 177 GLU A OE2 1 
ATOM   1223 N N   . TYR A 1 164 ? 1.240   15.329  3.860   1.00 32.33  ? 178 TYR A N   1 
ATOM   1224 C CA  . TYR A 1 164 ? -0.153  15.346  3.456   1.00 34.15  ? 178 TYR A CA  1 
ATOM   1225 C C   . TYR A 1 164 ? -0.970  15.763  4.673   1.00 34.30  ? 178 TYR A C   1 
ATOM   1226 O O   . TYR A 1 164 ? -0.852  15.173  5.767   1.00 33.89  ? 178 TYR A O   1 
ATOM   1227 C CB  . TYR A 1 164 ? -0.619  13.953  2.974   1.00 32.78  ? 178 TYR A CB  1 
ATOM   1228 C CG  . TYR A 1 164 ? -2.096  13.928  2.730   1.00 33.26  ? 178 TYR A CG  1 
ATOM   1229 C CD1 . TYR A 1 164 ? -2.626  14.530  1.595   1.00 36.40  ? 178 TYR A CD1 1 
ATOM   1230 C CD2 . TYR A 1 164 ? -2.984  13.380  3.654   1.00 32.10  ? 178 TYR A CD2 1 
ATOM   1231 C CE1 . TYR A 1 164 ? -3.989  14.576  1.379   1.00 36.98  ? 178 TYR A CE1 1 
ATOM   1232 C CE2 . TYR A 1 164 ? -4.351  13.401  3.430   1.00 30.08  ? 178 TYR A CE2 1 
ATOM   1233 C CZ  . TYR A 1 164 ? -4.846  14.010  2.306   1.00 35.19  ? 178 TYR A CZ  1 
ATOM   1234 O OH  . TYR A 1 164 ? -6.197  14.100  2.072   1.00 36.30  ? 178 TYR A OH  1 
ATOM   1235 N N   . THR A 1 165 ? -1.838  16.740  4.458   1.00 38.23  ? 179 THR A N   1 
ATOM   1236 C CA  . THR A 1 165 ? -2.732  17.242  5.486   1.00 34.95  ? 179 THR A CA  1 
ATOM   1237 C C   . THR A 1 165 ? -4.139  16.800  5.147   1.00 33.53  ? 179 THR A C   1 
ATOM   1238 O O   . THR A 1 165 ? -4.631  17.101  4.079   1.00 34.44  ? 179 THR A O   1 
ATOM   1239 C CB  . THR A 1 165 ? -2.647  18.782  5.523   1.00 38.81  ? 179 THR A CB  1 
ATOM   1240 O OG1 . THR A 1 165 ? -1.283  19.155  5.778   1.00 39.27  ? 179 THR A OG1 1 
ATOM   1241 C CG2 . THR A 1 165 ? -3.587  19.371  6.644   1.00 37.37  ? 179 THR A CG2 1 
ATOM   1242 N N   . ASN A 1 166 ? -4.786  16.061  6.035   1.00 32.82  ? 180 ASN A N   1 
ATOM   1243 C CA  . ASN A 1 166 ? -6.140  15.612  5.767   1.00 33.36  ? 180 ASN A CA  1 
ATOM   1244 C C   . ASN A 1 166 ? -7.067  16.840  5.940   1.00 38.18  ? 180 ASN A C   1 
ATOM   1245 O O   . ASN A 1 166 ? -7.114  17.406  7.012   1.00 35.94  ? 180 ASN A O   1 
ATOM   1246 C CB  . ASN A 1 166 ? -6.459  14.528  6.771   1.00 34.36  ? 180 ASN A CB  1 
ATOM   1247 C CG  . ASN A 1 166 ? -7.859  13.975  6.656   1.00 34.36  ? 180 ASN A CG  1 
ATOM   1248 O OD1 . ASN A 1 166 ? -8.684  14.430  5.872   1.00 34.48  ? 180 ASN A OD1 1 
ATOM   1249 N ND2 . ASN A 1 166 ? -8.135  12.964  7.484   1.00 38.73  ? 180 ASN A ND2 1 
ATOM   1250 N N   . PRO A 1 167 ? -7.787  17.252  4.891   1.00 38.77  ? 181 PRO A N   1 
ATOM   1251 C CA  . PRO A 1 167 ? -8.676  18.425  5.075   1.00 39.47  ? 181 PRO A CA  1 
ATOM   1252 C C   . PRO A 1 167 ? -9.905  18.185  6.006   1.00 40.16  ? 181 PRO A C   1 
ATOM   1253 O O   . PRO A 1 167 ? -10.544 19.137  6.423   1.00 39.62  ? 181 PRO A O   1 
ATOM   1254 C CB  . PRO A 1 167 ? -9.128  18.784  3.630   1.00 37.10  ? 181 PRO A CB  1 
ATOM   1255 C CG  . PRO A 1 167 ? -8.800  17.584  2.778   1.00 39.80  ? 181 PRO A CG  1 
ATOM   1256 C CD  . PRO A 1 167 ? -7.884  16.656  3.544   1.00 38.09  ? 181 PRO A CD  1 
ATOM   1257 N N   . GLU A 1 168 ? -10.242 16.934  6.287   1.00 42.94  ? 182 GLU A N   1 
ATOM   1258 C CA  . GLU A 1 168 ? -11.248 16.606  7.301   1.00 45.24  ? 182 GLU A CA  1 
ATOM   1259 C C   . GLU A 1 168 ? -10.940 17.159  8.720   1.00 43.37  ? 182 GLU A C   1 
ATOM   1260 O O   . GLU A 1 168 ? -11.852 17.665  9.412   1.00 40.46  ? 182 GLU A O   1 
ATOM   1261 C CB  . GLU A 1 168 ? -11.408 15.092  7.418   1.00 48.70  ? 182 GLU A CB  1 
ATOM   1262 C CG  . GLU A 1 168 ? -12.072 14.427  6.221   1.00 55.54  ? 182 GLU A CG  1 
ATOM   1263 C CD  . GLU A 1 168 ? -13.496 14.889  6.018   1.00 60.36  ? 182 GLU A CD  1 
ATOM   1264 O OE1 . GLU A 1 168 ? -14.407 14.521  6.851   1.00 59.46  ? 182 GLU A OE1 1 
ATOM   1265 O OE2 . GLU A 1 168 ? -13.678 15.643  5.028   1.00 65.40  ? 182 GLU A OE2 1 
ATOM   1266 N N   . ASP A 1 169 ? -9.671  17.073  9.126   1.00 37.58  ? 183 ASP A N   1 
ATOM   1267 C CA  . ASP A 1 169 ? -9.277  17.365  10.480  1.00 35.77  ? 183 ASP A CA  1 
ATOM   1268 C C   . ASP A 1 169 ? -7.978  18.163  10.675  1.00 34.30  ? 183 ASP A C   1 
ATOM   1269 O O   . ASP A 1 169 ? -7.565  18.416  11.817  1.00 37.15  ? 183 ASP A O   1 
ATOM   1270 C CB  . ASP A 1 169 ? -9.249  16.047  11.263  1.00 33.40  ? 183 ASP A CB  1 
ATOM   1271 C CG  . ASP A 1 169 ? -8.161  15.098  10.788  1.00 41.68  ? 183 ASP A CG  1 
ATOM   1272 O OD1 . ASP A 1 169 ? -7.293  15.536  9.977   1.00 38.95  ? 183 ASP A OD1 1 
ATOM   1273 O OD2 . ASP A 1 169 ? -8.155  13.922  11.263  1.00 43.79  ? 183 ASP A OD2 1 
ATOM   1274 N N   . GLY A 1 170 ? -7.334  18.579  9.589   1.00 39.22  ? 184 GLY A N   1 
ATOM   1275 C CA  . GLY A 1 170 ? -6.006  19.279  9.635   1.00 35.98  ? 184 GLY A CA  1 
ATOM   1276 C C   . GLY A 1 170 ? -4.793  18.474  10.105  1.00 35.93  ? 184 GLY A C   1 
ATOM   1277 O O   . GLY A 1 170 ? -3.670  19.022  10.257  1.00 36.79  ? 184 GLY A O   1 
ATOM   1278 N N   . VAL A 1 171 ? -4.976  17.174  10.316  1.00 36.01  ? 185 VAL A N   1 
ATOM   1279 C CA  . VAL A 1 171 ? -3.837  16.335  10.700  1.00 39.53  ? 185 VAL A CA  1 
ATOM   1280 C C   . VAL A 1 171 ? -2.846  16.162  9.542   1.00 38.07  ? 185 VAL A C   1 
ATOM   1281 O O   . VAL A 1 171 ? -3.234  15.805  8.425   1.00 38.38  ? 185 VAL A O   1 
ATOM   1282 C CB  . VAL A 1 171 ? -4.307  14.963  11.228  1.00 43.09  ? 185 VAL A CB  1 
ATOM   1283 C CG1 . VAL A 1 171 ? -3.113  14.093  11.656  1.00 42.85  ? 185 VAL A CG1 1 
ATOM   1284 C CG2 . VAL A 1 171 ? -5.253  15.164  12.423  1.00 46.71  ? 185 VAL A CG2 1 
ATOM   1285 N N   . THR A 1 172 ? -1.575  16.399  9.833   1.00 38.91  ? 186 THR A N   1 
ATOM   1286 C CA  . THR A 1 172 ? -0.510  16.223  8.875   1.00 39.77  ? 186 THR A CA  1 
ATOM   1287 C C   . THR A 1 172 ? 0.223   14.868  9.091   1.00 42.06  ? 186 THR A C   1 
ATOM   1288 O O   . THR A 1 172 ? 0.560   14.503  10.198  1.00 39.58  ? 186 THR A O   1 
ATOM   1289 C CB  . THR A 1 172 ? 0.426   17.458  8.870   1.00 43.71  ? 186 THR A CB  1 
ATOM   1290 O OG1 . THR A 1 172 ? -0.345  18.614  8.467   1.00 42.17  ? 186 THR A OG1 1 
ATOM   1291 C CG2 . THR A 1 172 ? 1.576   17.288  7.845   1.00 46.14  ? 186 THR A CG2 1 
ATOM   1292 N N   . TYR A 1 173 ? 0.420   14.126  8.001   1.00 36.97  ? 187 TYR A N   1 
ATOM   1293 C CA  . TYR A 1 173 ? 1.165   12.863  7.984   1.00 35.53  ? 187 TYR A CA  1 
ATOM   1294 C C   . TYR A 1 173 ? 2.400   13.025  7.096   1.00 35.01  ? 187 TYR A C   1 
ATOM   1295 O O   . TYR A 1 173 ? 2.360   13.717  6.028   1.00 32.91  ? 187 TYR A O   1 
ATOM   1296 C CB  . TYR A 1 173 ? 0.287   11.761  7.344   1.00 35.08  ? 187 TYR A CB  1 
ATOM   1297 C CG  . TYR A 1 173 ? -0.974  11.480  8.097   1.00 35.42  ? 187 TYR A CG  1 
ATOM   1298 C CD1 . TYR A 1 173 ? -0.982  10.546  9.116   1.00 33.04  ? 187 TYR A CD1 1 
ATOM   1299 C CD2 . TYR A 1 173 ? -2.147  12.194  7.835   1.00 38.19  ? 187 TYR A CD2 1 
ATOM   1300 C CE1 . TYR A 1 173 ? -2.115  10.302  9.845   1.00 38.22  ? 187 TYR A CE1 1 
ATOM   1301 C CE2 . TYR A 1 173 ? -3.328  11.954  8.544   1.00 36.07  ? 187 TYR A CE2 1 
ATOM   1302 C CZ  . TYR A 1 173 ? -3.313  11.005  9.557   1.00 40.93  ? 187 TYR A CZ  1 
ATOM   1303 O OH  . TYR A 1 173 ? -4.449  10.737  10.318  1.00 36.15  ? 187 TYR A OH  1 
ATOM   1304 N N   . GLN A 1 174 ? 3.469   12.362  7.512   1.00 36.81  ? 188 GLN A N   1 
ATOM   1305 C CA  . GLN A 1 174 ? 4.724   12.297  6.749   1.00 42.34  ? 188 GLN A CA  1 
ATOM   1306 C C   . GLN A 1 174 ? 4.832   10.922  6.150   1.00 38.89  ? 188 GLN A C   1 
ATOM   1307 O O   . GLN A 1 174 ? 4.669   9.927   6.848   1.00 36.16  ? 188 GLN A O   1 
ATOM   1308 C CB  . GLN A 1 174 ? 5.951   12.551  7.634   1.00 47.36  ? 188 GLN A CB  1 
ATOM   1309 C CG  . GLN A 1 174 ? 6.117   14.004  8.054   1.00 53.70  ? 188 GLN A CG  1 
ATOM   1310 C CD  . GLN A 1 174 ? 7.443   14.273  8.760   1.00 60.79  ? 188 GLN A CD  1 
ATOM   1311 O OE1 . GLN A 1 174 ? 8.172   13.354  9.183   1.00 68.49  ? 188 GLN A OE1 1 
ATOM   1312 N NE2 . GLN A 1 174 ? 7.766   15.543  8.875   1.00 64.34  ? 188 GLN A NE2 1 
ATOM   1313 N N   . ILE A 1 175 ? 5.113   10.894  4.858   1.00 35.86  ? 189 ILE A N   1 
ATOM   1314 C CA  . ILE A 1 175 ? 5.146   9.679   4.073   1.00 35.27  ? 189 ILE A CA  1 
ATOM   1315 C C   . ILE A 1 175 ? 6.509   9.666   3.391   1.00 36.85  ? 189 ILE A C   1 
ATOM   1316 O O   . ILE A 1 175 ? 6.872   10.643  2.705   1.00 32.02  ? 189 ILE A O   1 
ATOM   1317 C CB  . ILE A 1 175 ? 4.049   9.667   2.988   1.00 33.67  ? 189 ILE A CB  1 
ATOM   1318 C CG1 . ILE A 1 175 ? 2.677   9.948   3.597   1.00 36.38  ? 189 ILE A CG1 1 
ATOM   1319 C CG2 . ILE A 1 175 ? 4.003   8.323   2.294   1.00 31.92  ? 189 ILE A CG2 1 
ATOM   1320 C CD1 . ILE A 1 175 ? 1.510   10.020  2.604   1.00 35.47  ? 189 ILE A CD1 1 
ATOM   1321 N N   . LYS A 1 176 ? 7.254   8.577   3.579   1.00 34.46  ? 190 LYS A N   1 
ATOM   1322 C CA  . LYS A 1 176 ? 8.593   8.517   3.021   1.00 37.87  ? 190 LYS A CA  1 
ATOM   1323 C C   . LYS A 1 176 ? 9.034   7.122   2.605   1.00 34.28  ? 190 LYS A C   1 
ATOM   1324 O O   . LYS A 1 176 ? 8.272   6.143   2.709   1.00 31.45  ? 190 LYS A O   1 
ATOM   1325 C CB  . LYS A 1 176 ? 9.567   9.126   4.007   1.00 41.38  ? 190 LYS A CB  1 
ATOM   1326 C CG  . LYS A 1 176 ? 9.670   8.411   5.314   1.00 44.76  ? 190 LYS A CG  1 
ATOM   1327 C CD  . LYS A 1 176 ? 10.269  9.261   6.450   1.00 50.15  ? 190 LYS A CD  1 
ATOM   1328 C CE  . LYS A 1 176 ? 10.958  8.267   7.417   1.00 57.79  ? 190 LYS A CE  1 
ATOM   1329 N NZ  . LYS A 1 176 ? 11.431  8.798   8.734   1.00 63.58  ? 190 LYS A NZ  1 
ATOM   1330 N N   . GLY A 1 177 ? 10.250  7.066   2.065   1.00 34.84  ? 191 GLY A N   1 
ATOM   1331 C CA  . GLY A 1 177 ? 10.929  5.812   1.706   1.00 31.96  ? 191 GLY A CA  1 
ATOM   1332 C C   . GLY A 1 177 ? 10.146  4.991   0.695   1.00 30.99  ? 191 GLY A C   1 
ATOM   1333 O O   . GLY A 1 177 ? 9.541   5.510   -0.231  1.00 29.66  ? 191 GLY A O   1 
ATOM   1334 N N   . MET A 1 178 ? 10.130  3.695   0.921   1.00 30.76  ? 192 MET A N   1 
ATOM   1335 C CA  . MET A 1 178 ? 9.557   2.760   -0.018  1.00 30.43  ? 192 MET A CA  1 
ATOM   1336 C C   . MET A 1 178 ? 8.071   3.049   -0.186  1.00 27.74  ? 192 MET A C   1 
ATOM   1337 O O   . MET A 1 178 ? 7.523   2.933   -1.287  1.00 25.99  ? 192 MET A O   1 
ATOM   1338 C CB  . MET A 1 178 ? 9.747   1.349   0.532   1.00 30.77  ? 192 MET A CB  1 
ATOM   1339 C CG  . MET A 1 178 ? 9.233   0.236   -0.382  1.00 34.69  ? 192 MET A CG  1 
ATOM   1340 S SD  . MET A 1 178 ? 9.159   -1.359  0.481   1.00 41.82  ? 192 MET A SD  1 
ATOM   1341 C CE  . MET A 1 178 ? 7.856   -1.135  1.749   1.00 38.41  ? 192 MET A CE  1 
ATOM   1342 N N   . THR A 1 179 ? 7.434   3.394   0.928   1.00 27.69  ? 193 THR A N   1 
ATOM   1343 C CA  . THR A 1 179 ? 6.003   3.692   0.964   1.00 28.52  ? 193 THR A CA  1 
ATOM   1344 C C   . THR A 1 179 ? 5.715   4.833   0.049   1.00 26.63  ? 193 THR A C   1 
ATOM   1345 O O   . THR A 1 179 ? 4.878   4.710   -0.836  1.00 27.84  ? 193 THR A O   1 
ATOM   1346 C CB  . THR A 1 179 ? 5.527   4.014   2.392   1.00 30.22  ? 193 THR A CB  1 
ATOM   1347 O OG1 . THR A 1 179 ? 5.870   2.922   3.254   1.00 31.04  ? 193 THR A OG1 1 
ATOM   1348 C CG2 . THR A 1 179 ? 4.035   4.230   2.459   1.00 29.05  ? 193 THR A CG2 1 
ATOM   1349 N N   . ALA A 1 180 ? 6.410   5.942   0.217   1.00 27.46  ? 194 ALA A N   1 
ATOM   1350 C CA  . ALA A 1 180 ? 6.239   7.066   -0.727  1.00 27.16  ? 194 ALA A CA  1 
ATOM   1351 C C   . ALA A 1 180 ? 6.532   6.706   -2.160  1.00 27.47  ? 194 ALA A C   1 
ATOM   1352 O O   . ALA A 1 180 ? 5.832   7.171   -3.096  1.00 26.04  ? 194 ALA A O   1 
ATOM   1353 C CB  . ALA A 1 180 ? 7.075   8.256   -0.313  1.00 27.66  ? 194 ALA A CB  1 
ATOM   1354 N N   . ASN A 1 181 ? 7.534   5.853   -2.361  1.00 28.86  ? 195 ASN A N   1 
ATOM   1355 C CA  . ASN A 1 181 ? 7.899   5.458   -3.731  1.00 28.63  ? 195 ASN A CA  1 
ATOM   1356 C C   . ASN A 1 181 ? 6.829   4.647   -4.402  1.00 25.90  ? 195 ASN A C   1 
ATOM   1357 O O   . ASN A 1 181 ? 6.509   4.882   -5.567  1.00 26.54  ? 195 ASN A O   1 
ATOM   1358 C CB  . ASN A 1 181 ? 9.275   4.755   -3.775  1.00 30.18  ? 195 ASN A CB  1 
ATOM   1359 C CG  . ASN A 1 181 ? 10.433  5.755   -3.693  1.00 35.20  ? 195 ASN A CG  1 
ATOM   1360 O OD1 . ASN A 1 181 ? 10.997  6.141   -4.725  1.00 45.09  ? 195 ASN A OD1 1 
ATOM   1361 N ND2 . ASN A 1 181 ? 10.741  6.236   -2.516  1.00 34.98  ? 195 ASN A ND2 1 
ATOM   1362 N N   . LEU A 1 182 ? 6.273   3.679   -3.687  1.00 24.34  ? 196 LEU A N   1 
ATOM   1363 C CA  . LEU A 1 182 ? 5.219   2.830   -4.239  1.00 24.91  ? 196 LEU A CA  1 
ATOM   1364 C C   . LEU A 1 182 ? 3.929   3.625   -4.531  1.00 24.03  ? 196 LEU A C   1 
ATOM   1365 O O   . LEU A 1 182 ? 3.205   3.388   -5.511  1.00 22.34  ? 196 LEU A O   1 
ATOM   1366 C CB  . LEU A 1 182 ? 4.948   1.617   -3.306  1.00 25.97  ? 196 LEU A CB  1 
ATOM   1367 C CG  . LEU A 1 182 ? 6.089   0.570   -3.238  1.00 27.81  ? 196 LEU A CG  1 
ATOM   1368 C CD1 . LEU A 1 182 ? 5.929   -0.439  -2.113  1.00 28.74  ? 196 LEU A CD1 1 
ATOM   1369 C CD2 . LEU A 1 182 ? 6.272   -0.188  -4.541  1.00 26.38  ? 196 LEU A CD2 1 
ATOM   1370 N N   . ALA A 1 183 ? 3.645   4.591   -3.693  1.00 26.65  ? 197 ALA A N   1 
ATOM   1371 C CA  . ALA A 1 183 ? 2.445   5.425   -3.900  1.00 28.56  ? 197 ALA A CA  1 
ATOM   1372 C C   . ALA A 1 183 ? 2.556   6.216   -5.215  1.00 27.18  ? 197 ALA A C   1 
ATOM   1373 O O   . ALA A 1 183 ? 1.611   6.271   -5.986  1.00 27.73  ? 197 ALA A O   1 
ATOM   1374 C CB  . ALA A 1 183 ? 2.246   6.362   -2.699  1.00 27.80  ? 197 ALA A CB  1 
ATOM   1375 N N   . VAL A 1 184 ? 3.733   6.789   -5.479  1.00 27.30  ? 198 VAL A N   1 
ATOM   1376 C CA  . VAL A 1 184 ? 3.988   7.533   -6.728  1.00 26.74  ? 198 VAL A CA  1 
ATOM   1377 C C   . VAL A 1 184 ? 3.852   6.570   -7.913  1.00 26.62  ? 198 VAL A C   1 
ATOM   1378 O O   . VAL A 1 184 ? 3.149   6.841   -8.877  1.00 26.19  ? 198 VAL A O   1 
ATOM   1379 C CB  . VAL A 1 184 ? 5.393   8.220   -6.728  1.00 27.80  ? 198 VAL A CB  1 
ATOM   1380 C CG1 . VAL A 1 184 ? 5.754   8.768   -8.097  1.00 28.41  ? 198 VAL A CG1 1 
ATOM   1381 C CG2 . VAL A 1 184 ? 5.439   9.367   -5.736  1.00 29.56  ? 198 VAL A CG2 1 
ATOM   1382 N N   . LEU A 1 185 ? 4.457   5.409   -7.804  1.00 24.46  ? 199 LEU A N   1 
ATOM   1383 C CA  . LEU A 1 185 ? 4.318   4.425   -8.865  1.00 25.00  ? 199 LEU A CA  1 
ATOM   1384 C C   . LEU A 1 185 ? 2.857   4.094   -9.274  1.00 25.21  ? 199 LEU A C   1 
ATOM   1385 O O   . LEU A 1 185 ? 2.469   4.138   -10.466 1.00 26.89  ? 199 LEU A O   1 
ATOM   1386 C CB  . LEU A 1 185 ? 5.055   3.142   -8.452  1.00 24.15  ? 199 LEU A CB  1 
ATOM   1387 C CG  . LEU A 1 185 ? 4.884   1.944   -9.385  1.00 27.29  ? 199 LEU A CG  1 
ATOM   1388 C CD1 . LEU A 1 185 ? 5.369   2.256   -10.797 1.00 28.61  ? 199 LEU A CD1 1 
ATOM   1389 C CD2 . LEU A 1 185 ? 5.594   0.730   -8.816  1.00 27.33  ? 199 LEU A CD2 1 
ATOM   1390 N N   . VAL A 1 186 ? 2.062   3.742   -8.284  1.00 24.41  ? 200 VAL A N   1 
ATOM   1391 C CA  . VAL A 1 186 ? 0.614   3.439   -8.473  1.00 26.70  ? 200 VAL A CA  1 
ATOM   1392 C C   . VAL A 1 186 ? -0.139  4.640   -9.084  1.00 24.29  ? 200 VAL A C   1 
ATOM   1393 O O   . VAL A 1 186 ? -0.866  4.502   -10.056 1.00 24.90  ? 200 VAL A O   1 
ATOM   1394 C CB  . VAL A 1 186 ? -0.008  3.088   -7.110  1.00 27.81  ? 200 VAL A CB  1 
ATOM   1395 C CG1 . VAL A 1 186 ? -1.520  3.007   -7.184  1.00 32.45  ? 200 VAL A CG1 1 
ATOM   1396 C CG2 . VAL A 1 186 ? 0.529   1.763   -6.690  1.00 31.03  ? 200 VAL A CG2 1 
ATOM   1397 N N   . ALA A 1 187 ? 0.114   5.825   -8.552  1.00 23.84  ? 201 ALA A N   1 
ATOM   1398 C CA  . ALA A 1 187 ? -0.463  7.048   -9.152  1.00 26.87  ? 201 ALA A CA  1 
ATOM   1399 C C   . ALA A 1 187 ? -0.128  7.227   -10.640 1.00 26.50  ? 201 ALA A C   1 
ATOM   1400 O O   . ALA A 1 187 ? -1.012  7.533   -11.484 1.00 25.48  ? 201 ALA A O   1 
ATOM   1401 C CB  . ALA A 1 187 ? -0.012  8.265   -8.348  1.00 25.90  ? 201 ALA A CB  1 
ATOM   1402 N N   . PHE A 1 188 ? 1.152   7.051   -10.966 1.00 26.24  ? 202 PHE A N   1 
ATOM   1403 C CA  . PHE A 1 188 ? 1.578   7.152   -12.371 1.00 28.20  ? 202 PHE A CA  1 
ATOM   1404 C C   . PHE A 1 188 ? 0.875   6.104   -13.217 1.00 26.20  ? 202 PHE A C   1 
ATOM   1405 O O   . PHE A 1 188 ? 0.358   6.402   -14.286 1.00 26.86  ? 202 PHE A O   1 
ATOM   1406 C CB  . PHE A 1 188 ? 3.093   6.940   -12.550 1.00 29.12  ? 202 PHE A CB  1 
ATOM   1407 C CG  . PHE A 1 188 ? 3.965   8.083   -12.130 1.00 28.65  ? 202 PHE A CG  1 
ATOM   1408 C CD1 . PHE A 1 188 ? 3.466   9.333   -11.795 1.00 28.80  ? 202 PHE A CD1 1 
ATOM   1409 C CD2 . PHE A 1 188 ? 5.362   7.914   -12.169 1.00 31.33  ? 202 PHE A CD2 1 
ATOM   1410 C CE1 . PHE A 1 188 ? 4.326   10.376  -11.436 1.00 28.95  ? 202 PHE A CE1 1 
ATOM   1411 C CE2 . PHE A 1 188 ? 6.218   8.963   -11.832 1.00 32.08  ? 202 PHE A CE2 1 
ATOM   1412 C CZ  . PHE A 1 188 ? 5.687   10.212  -11.462 1.00 29.48  ? 202 PHE A CZ  1 
ATOM   1413 N N   . ILE A 1 189 ? 0.858   4.865   -12.745 1.00 27.69  ? 203 ILE A N   1 
ATOM   1414 C CA  . ILE A 1 189 ? 0.237   3.772   -13.540 1.00 26.19  ? 203 ILE A CA  1 
ATOM   1415 C C   . ILE A 1 189 ? -1.215  4.036   -13.879 1.00 24.14  ? 203 ILE A C   1 
ATOM   1416 O O   . ILE A 1 189 ? -1.663  3.827   -14.996 1.00 25.87  ? 203 ILE A O   1 
ATOM   1417 C CB  . ILE A 1 189 ? 0.334   2.444   -12.804 1.00 26.15  ? 203 ILE A CB  1 
ATOM   1418 C CG1 . ILE A 1 189 ? 1.810   1.965   -12.782 1.00 26.37  ? 203 ILE A CG1 1 
ATOM   1419 C CG2 . ILE A 1 189 ? -0.566  1.405   -13.466 1.00 24.17  ? 203 ILE A CG2 1 
ATOM   1420 C CD1 . ILE A 1 189 ? 2.054   0.771   -11.837 1.00 26.67  ? 203 ILE A CD1 1 
ATOM   1421 N N   . ILE A 1 190 ? -1.952  4.474   -12.883 1.00 26.17  ? 204 ILE A N   1 
ATOM   1422 C CA  . ILE A 1 190 ? -3.402  4.612   -12.989 1.00 26.21  ? 204 ILE A CA  1 
ATOM   1423 C C   . ILE A 1 190 ? -3.837  5.967   -13.587 1.00 25.72  ? 204 ILE A C   1 
ATOM   1424 O O   . ILE A 1 190 ? -4.844  6.025   -14.264 1.00 25.54  ? 204 ILE A O   1 
ATOM   1425 C CB  . ILE A 1 190 ? -4.029  4.428   -11.560 1.00 27.38  ? 204 ILE A CB  1 
ATOM   1426 C CG1 . ILE A 1 190 ? -3.874  2.962   -11.108 1.00 27.03  ? 204 ILE A CG1 1 
ATOM   1427 C CG2 . ILE A 1 190 ? -5.496  4.836   -11.523 1.00 26.35  ? 204 ILE A CG2 1 
ATOM   1428 C CD1 . ILE A 1 190 ? -4.375  2.712   -9.707  1.00 28.42  ? 204 ILE A CD1 1 
ATOM   1429 N N   . LEU A 1 191 ? -3.117  7.048   -13.292 1.00 26.48  ? 205 LEU A N   1 
ATOM   1430 C CA  . LEU A 1 191 ? -3.595  8.404   -13.617 1.00 28.26  ? 205 LEU A CA  1 
ATOM   1431 C C   . LEU A 1 191 ? -2.942  9.054   -14.851 1.00 31.94  ? 205 LEU A C   1 
ATOM   1432 O O   . LEU A 1 191 ? -3.461  10.057  -15.348 1.00 36.10  ? 205 LEU A O   1 
ATOM   1433 C CB  . LEU A 1 191 ? -3.434  9.319   -12.398 1.00 26.47  ? 205 LEU A CB  1 
ATOM   1434 C CG  . LEU A 1 191 ? -4.313  8.961   -11.177 1.00 28.60  ? 205 LEU A CG  1 
ATOM   1435 C CD1 . LEU A 1 191 ? -4.112  9.950   -10.037 1.00 29.04  ? 205 LEU A CD1 1 
ATOM   1436 C CD2 . LEU A 1 191 ? -5.781  8.970   -11.571 1.00 29.48  ? 205 LEU A CD2 1 
ATOM   1437 N N   . GLU A 1 192 ? -1.820  8.519   -15.326 1.00 32.55  ? 206 GLU A N   1 
ATOM   1438 C CA  . GLU A 1 192 ? -1.128  9.138   -16.457 1.00 39.28  ? 206 GLU A CA  1 
ATOM   1439 C C   . GLU A 1 192 ? -1.971  9.086   -17.691 1.00 38.01  ? 206 GLU A C   1 
ATOM   1440 O O   . GLU A 1 192 ? -2.683  8.108   -17.921 1.00 33.11  ? 206 GLU A O   1 
ATOM   1441 C CB  . GLU A 1 192 ? 0.213   8.493   -16.787 1.00 38.51  ? 206 GLU A CB  1 
ATOM   1442 C CG  . GLU A 1 192 ? 0.120   7.111   -17.375 1.00 42.59  ? 206 GLU A CG  1 
ATOM   1443 C CD  . GLU A 1 192 ? 1.457   6.558   -17.891 1.00 55.24  ? 206 GLU A CD  1 
ATOM   1444 O OE1 . GLU A 1 192 ? 2.456   7.342   -18.064 1.00 50.63  ? 206 GLU A OE1 1 
ATOM   1445 O OE2 . GLU A 1 192 ? 1.456   5.320   -18.175 1.00 51.57  ? 206 GLU A OE2 1 
ATOM   1446 N N   . LYS A 1 193 ? -1.869  10.138  -18.485 1.00 40.01  ? 207 LYS A N   1 
ATOM   1447 C CA  . LYS A 1 193 ? -2.542  10.196  -19.774 1.00 47.35  ? 207 LYS A CA  1 
ATOM   1448 C C   . LYS A 1 193 ? -4.024  9.865   -19.670 1.00 44.48  ? 207 LYS A C   1 
ATOM   1449 O O   . LYS A 1 193 ? -4.462  8.901   -20.257 1.00 47.95  ? 207 LYS A O   1 
ATOM   1450 C CB  . LYS A 1 193 ? -1.881  9.254   -20.792 1.00 53.46  ? 207 LYS A CB  1 
ATOM   1451 C CG  . LYS A 1 193 ? -0.456  9.591   -21.188 1.00 65.38  ? 207 LYS A CG  1 
ATOM   1452 C CD  . LYS A 1 193 ? 0.095   8.467   -22.088 1.00 78.96  ? 207 LYS A CD  1 
ATOM   1453 C CE  . LYS A 1 193 ? 1.587   8.176   -21.875 1.00 86.39  ? 207 LYS A CE  1 
ATOM   1454 N NZ  . LYS A 1 193 ? 1.938   6.739   -22.115 1.00 91.65  ? 207 LYS A NZ  1 
ATOM   1455 N N   . LYS A 1 194 ? -4.789  10.656  -18.929 1.00 50.34  ? 208 LYS A N   1 
ATOM   1456 C CA  . LYS A 1 194 ? -6.252  10.472  -18.831 1.00 57.98  ? 208 LYS A CA  1 
ATOM   1457 C C   . LYS A 1 194 ? -6.959  11.712  -19.347 1.00 57.79  ? 208 LYS A C   1 
ATOM   1458 O O   . LYS A 1 194 ? -6.637  12.817  -18.899 1.00 47.78  ? 208 LYS A O   1 
ATOM   1459 C CB  . LYS A 1 194 ? -6.690  10.227  -17.376 1.00 64.69  ? 208 LYS A CB  1 
ATOM   1460 C CG  . LYS A 1 194 ? -6.436  8.806   -16.892 1.00 75.44  ? 208 LYS A CG  1 
ATOM   1461 C CD  . LYS A 1 194 ? -7.700  8.036   -16.538 1.00 79.91  ? 208 LYS A CD  1 
ATOM   1462 C CE  . LYS A 1 194 ? -8.280  8.556   -15.235 1.00 83.40  ? 208 LYS A CE  1 
ATOM   1463 N NZ  . LYS A 1 194 ? -9.008  7.459   -14.558 1.00 91.93  ? 208 LYS A NZ  1 
ATOM   1464 N N   . PRO A 1 195 ? -7.939  11.531  -20.264 1.00 67.49  ? 209 PRO A N   1 
ATOM   1465 C CA  . PRO A 1 195 ? -8.849  12.639  -20.633 1.00 74.13  ? 209 PRO A CA  1 
ATOM   1466 C C   . PRO A 1 195 ? -9.683  13.200  -19.453 1.00 80.40  ? 209 PRO A C   1 
ATOM   1467 O O   . PRO A 1 195 ? -9.902  12.489  -18.461 1.00 82.52  ? 209 PRO A O   1 
ATOM   1468 C CB  . PRO A 1 195 ? -9.772  12.007  -21.690 1.00 74.42  ? 209 PRO A CB  1 
ATOM   1469 C CG  . PRO A 1 195 ? -9.069  10.773  -22.180 1.00 74.84  ? 209 PRO A CG  1 
ATOM   1470 C CD  . PRO A 1 195 ? -8.191  10.306  -21.064 1.00 70.47  ? 209 PRO A CD  1 
ATOM   1471 N N   . THR A 1 196 ? -10.111 14.465  -19.564 1.00 89.79  ? 210 THR A N   1 
ATOM   1472 C CA  . THR A 1 196 ? -11.105 15.072  -18.647 1.00 93.27  ? 210 THR A CA  1 
ATOM   1473 C C   . THR A 1 196 ? -12.343 15.566  -19.409 1.00 95.73  ? 210 THR A C   1 
ATOM   1474 O O   . THR A 1 196 ? -13.233 14.785  -19.745 1.00 95.43  ? 210 THR A O   1 
ATOM   1475 C CB  . THR A 1 196 ? -10.512 16.255  -17.843 1.00 87.61  ? 210 THR A CB  1 
ATOM   1476 O OG1 . THR A 1 196 ? -9.784  17.128  -18.714 1.00 76.76  ? 210 THR A OG1 1 
ATOM   1477 C CG2 . THR A 1 196 ? -9.601  15.748  -16.748 1.00 86.05  ? 210 THR A CG2 1 
HETATM 1478 C C   . ACT B 2 .   ? 3.715   10.401  10.830  1.00 58.39  ? 301 ACT A C   1 
HETATM 1479 O O   . ACT B 2 .   ? 2.731   9.686   11.086  1.00 60.90  ? 301 ACT A O   1 
HETATM 1480 O OXT . ACT B 2 .   ? 3.555   11.483  10.241  1.00 46.93  ? 301 ACT A OXT 1 
HETATM 1481 C CH3 . ACT B 2 .   ? 5.095   9.956   11.242  1.00 59.74  ? 301 ACT A CH3 1 
HETATM 1482 C C   . ACT C 2 .   ? -12.974 -10.547 -4.761  1.00 71.19  ? 302 ACT A C   1 
HETATM 1483 O O   . ACT C 2 .   ? -11.986 -11.059 -4.226  1.00 73.36  ? 302 ACT A O   1 
HETATM 1484 O OXT . ACT C 2 .   ? -13.623 -9.674  -4.140  1.00 75.12  ? 302 ACT A OXT 1 
HETATM 1485 C CH3 . ACT C 2 .   ? -13.363 -10.997 -6.144  1.00 72.94  ? 302 ACT A CH3 1 
HETATM 1486 S S   . DMS D 3 .   ? -15.129 -4.481  8.328   1.00 80.73  ? 303 DMS A S   1 
HETATM 1487 O O   . DMS D 3 .   ? -15.610 -3.643  7.170   1.00 45.60  ? 303 DMS A O   1 
HETATM 1488 C C1  . DMS D 3 .   ? -14.790 -6.134  7.972   1.00 65.77  ? 303 DMS A C1  1 
HETATM 1489 C C2  . DMS D 3 .   ? -13.541 -4.093  8.894   1.00 72.43  ? 303 DMS A C2  1 
HETATM 1490 S S   . DMS E 3 .   ? -17.313 -3.041  -4.664  1.00 65.86  ? 304 DMS A S   1 
HETATM 1491 O O   . DMS E 3 .   ? -16.933 -1.822  -3.864  1.00 44.51  ? 304 DMS A O   1 
HETATM 1492 C C1  . DMS E 3 .   ? -18.998 -3.197  -4.839  1.00 58.49  ? 304 DMS A C1  1 
HETATM 1493 C C2  . DMS E 3 .   ? -16.840 -2.827  -6.299  1.00 67.65  ? 304 DMS A C2  1 
HETATM 1494 C C4  . H2M F 4 .   ? 12.024  -3.208  6.001   0.44 33.25  ? 305 H2M A C4  1 
HETATM 1495 C C5  . H2M F 4 .   ? 13.349  -3.599  6.036   0.44 31.40  ? 305 H2M A C5  1 
HETATM 1496 C C6  . H2M F 4 .   ? 13.645  -4.923  6.294   0.44 32.92  ? 305 H2M A C6  1 
HETATM 1497 C C7  . H2M F 4 .   ? 12.630  -5.851  6.495   0.44 31.38  ? 305 H2M A C7  1 
HETATM 1498 C C8  . H2M F 4 .   ? 11.318  -5.431  6.453   0.44 31.85  ? 305 H2M A C8  1 
HETATM 1499 C C10 . H2M F 4 .   ? 9.676   -3.635  6.437   0.44 32.53  ? 305 H2M A C10 1 
HETATM 1500 C C13 . H2M F 4 .   ? 7.182   -2.796  7.214   0.44 32.91  ? 305 H2M A C13 1 
HETATM 1501 C C15 . H2M F 4 .   ? 8.585   -4.248  5.896   0.44 31.43  ? 305 H2M A C15 1 
HETATM 1502 O O   . H2M F 4 .   ? 12.747  -0.780  7.312   0.44 45.04  ? 305 H2M A O   1 
HETATM 1503 C C2  . H2M F 4 .   ? 12.044  -0.751  6.345   0.44 39.60  ? 305 H2M A C2  1 
HETATM 1504 C C1  . H2M F 4 .   ? 11.442  0.478   5.684   0.44 39.97  ? 305 H2M A C1  1 
HETATM 1505 N N   . H2M F 4 .   ? 11.633  -1.892  5.658   0.44 36.49  ? 305 H2M A N   1 
HETATM 1506 C C3  . H2M F 4 .   ? 10.748  -1.590  4.516   0.44 36.01  ? 305 H2M A C3  1 
HETATM 1507 C C   . H2M F 4 .   ? 10.472  -0.050  4.599   0.44 36.28  ? 305 H2M A C   1 
HETATM 1508 C C9  . H2M F 4 .   ? 11.025  -4.115  6.240   0.44 32.94  ? 305 H2M A C9  1 
HETATM 1509 C C14 . H2M F 4 .   ? 7.366   -3.813  6.309   0.44 32.26  ? 305 H2M A C14 1 
HETATM 1510 C C16 . H2M F 4 .   ? 6.189   -4.524  5.828   0.44 32.51  ? 305 H2M A C16 1 
HETATM 1511 F F2  . H2M F 4 .   ? 5.744   -5.274  6.726   0.44 37.68  ? 305 H2M A F2  1 
HETATM 1512 F F1  . H2M F 4 .   ? 5.093   -3.746  5.590   0.44 34.98  ? 305 H2M A F1  1 
HETATM 1513 F F   . H2M F 4 .   ? 6.425   -5.296  4.791   0.44 27.79  ? 305 H2M A F   1 
HETATM 1514 C C12 . H2M F 4 .   ? 8.291   -2.162  7.728   0.44 33.44  ? 305 H2M A C12 1 
HETATM 1515 C C11 . H2M F 4 .   ? 9.542   -2.574  7.330   0.44 33.16  ? 305 H2M A C11 1 
HETATM 1516 O O   . HOH G 5 .   ? 8.799   -18.252 -8.588  1.00 59.61  ? 401 HOH A O   1 
HETATM 1517 O O   . HOH G 5 .   ? 11.139  -16.397 -8.696  1.00 41.65  ? 402 HOH A O   1 
HETATM 1518 O O   . HOH G 5 .   ? 19.080  -9.159  -3.546  1.00 38.46  ? 403 HOH A O   1 
HETATM 1519 O O   . HOH G 5 .   ? -21.275 -0.278  4.589   1.00 59.56  ? 404 HOH A O   1 
HETATM 1520 O O   . HOH G 5 .   ? -1.205  1.575   18.737  1.00 43.69  ? 405 HOH A O   1 
HETATM 1521 O O   . HOH G 5 .   ? -18.999 -5.966  -3.160  1.00 47.77  ? 406 HOH A O   1 
HETATM 1522 O O   . HOH G 5 .   ? 11.806  9.364   1.270   1.00 46.97  ? 407 HOH A O   1 
HETATM 1523 O O   . HOH G 5 .   ? 9.209   -15.345 6.400   1.00 78.96  ? 408 HOH A O   1 
HETATM 1524 O O   . HOH G 5 .   ? -1.434  17.668  -4.397  1.00 52.17  ? 409 HOH A O   1 
HETATM 1525 O O   . HOH G 5 .   ? -4.871  -4.556  -19.234 1.00 41.55  ? 410 HOH A O   1 
HETATM 1526 O O   . HOH G 5 .   ? -6.598  12.012  9.711   1.00 47.25  ? 411 HOH A O   1 
HETATM 1527 O O   . HOH G 5 .   ? -16.765 -0.197  -12.083 1.00 53.62  ? 412 HOH A O   1 
HETATM 1528 O O   . HOH G 5 .   ? -9.146  -5.123  13.576  1.00 42.74  ? 413 HOH A O   1 
HETATM 1529 O O   . HOH G 5 .   ? 7.575   -19.878 -6.575  1.00 48.34  ? 414 HOH A O   1 
HETATM 1530 O O   . HOH G 5 .   ? -11.144 6.369   -15.547 1.00 53.40  ? 415 HOH A O   1 
HETATM 1531 O O   . HOH G 5 .   ? 6.599   6.577   5.545   1.00 28.96  ? 416 HOH A O   1 
HETATM 1532 O O   . HOH G 5 .   ? 4.305   -19.722 3.064   1.00 29.76  ? 417 HOH A O   1 
HETATM 1533 O O   . HOH G 5 .   ? 2.325   -4.936  12.042  1.00 52.97  ? 418 HOH A O   1 
HETATM 1534 O O   . HOH G 5 .   ? -0.148  3.457   -17.302 1.00 36.11  ? 419 HOH A O   1 
HETATM 1535 O O   . HOH G 5 .   ? -10.743 -3.859  -16.298 1.00 48.52  ? 420 HOH A O   1 
HETATM 1536 O O   . HOH G 5 .   ? 10.866  6.582   -7.297  1.00 38.84  ? 421 HOH A O   1 
HETATM 1537 O O   . HOH G 5 .   ? 4.152   -5.594  9.588   1.00 42.63  ? 422 HOH A O   1 
HETATM 1538 O O   . HOH G 5 .   ? 11.333  -14.397 -3.675  1.00 27.63  ? 423 HOH A O   1 
HETATM 1539 O O   . HOH G 5 .   ? -6.735  15.811  0.121   1.00 49.49  ? 424 HOH A O   1 
HETATM 1540 O O   . HOH G 5 .   ? 13.113  -15.772 6.352   1.00 40.88  ? 425 HOH A O   1 
HETATM 1541 O O   . HOH G 5 .   ? -13.469 -5.708  -6.956  1.00 41.62  ? 426 HOH A O   1 
HETATM 1542 O O   . HOH G 5 .   ? 6.335   -12.298 0.639   1.00 32.95  ? 427 HOH A O   1 
HETATM 1543 O O   . HOH G 5 .   ? 12.793  -17.730 0.950   1.00 36.53  ? 428 HOH A O   1 
HETATM 1544 O O   . HOH G 5 .   ? -20.229 -4.735  -0.148  1.00 30.41  ? 429 HOH A O   1 
HETATM 1545 O O   . HOH G 5 .   ? -2.543  16.469  -7.624  1.00 56.85  ? 430 HOH A O   1 
HETATM 1546 O O   . HOH G 5 .   ? 14.801  11.412  -1.659  1.00 83.21  ? 431 HOH A O   1 
HETATM 1547 O O   . HOH G 5 .   ? -5.590  19.694  13.156  1.00 36.50  ? 432 HOH A O   1 
HETATM 1548 O O   . HOH G 5 .   ? -14.005 1.302   -3.125  1.00 37.24  ? 433 HOH A O   1 
HETATM 1549 O O   . HOH G 5 .   ? 1.120   -1.415  9.192   1.00 39.19  ? 434 HOH A O   1 
HETATM 1550 O O   . HOH G 5 .   ? -6.482  -11.436 11.789  1.00 53.82  ? 435 HOH A O   1 
HETATM 1551 O O   . HOH G 5 .   ? -9.653  0.833   16.566  1.00 43.63  ? 436 HOH A O   1 
HETATM 1552 O O   . HOH G 5 .   ? -9.442  5.078   -12.908 1.00 37.68  ? 437 HOH A O   1 
HETATM 1553 O O   . HOH G 5 .   ? 6.871   -15.495 9.617   1.00 56.04  ? 438 HOH A O   1 
HETATM 1554 O O   . HOH G 5 .   ? 8.485   3.097   4.024   1.00 35.58  ? 439 HOH A O   1 
HETATM 1555 O O   . HOH G 5 .   ? 6.235   8.149   8.217   1.00 39.40  ? 440 HOH A O   1 
HETATM 1556 O O   . HOH G 5 .   ? 8.671   -11.239 -1.015  1.00 30.83  ? 441 HOH A O   1 
HETATM 1557 O O   . HOH G 5 .   ? -5.857  -9.035  -12.412 1.00 44.59  ? 442 HOH A O   1 
HETATM 1558 O O   . HOH G 5 .   ? -10.463 11.865  8.451   1.00 50.44  ? 443 HOH A O   1 
HETATM 1559 O O   . HOH G 5 .   ? -6.893  13.501  -16.245 1.00 49.43  ? 444 HOH A O   1 
HETATM 1560 O O   . HOH G 5 .   ? 3.195   9.964   -18.481 1.00 44.90  ? 445 HOH A O   1 
HETATM 1561 O O   . HOH G 5 .   ? 3.640   19.727  -8.314  1.00 55.83  ? 446 HOH A O   1 
HETATM 1562 O O   . HOH G 5 .   ? -7.240  4.747   -14.762 1.00 37.27  ? 447 HOH A O   1 
HETATM 1563 O O   . HOH G 5 .   ? -2.526  -16.879 4.548   1.00 32.17  ? 448 HOH A O   1 
HETATM 1564 O O   . HOH G 5 .   ? -11.773 2.794   6.681   1.00 50.17  ? 449 HOH A O   1 
HETATM 1565 O O   . HOH G 5 .   ? 4.063   -12.694 9.770   1.00 46.19  ? 450 HOH A O   1 
HETATM 1566 O O   . HOH G 5 .   ? 18.909  -1.907  1.164   1.00 45.97  ? 451 HOH A O   1 
HETATM 1567 O O   . HOH G 5 .   ? 7.214   -18.390 -3.656  1.00 72.50  ? 452 HOH A O   1 
HETATM 1568 O O   . HOH G 5 .   ? -6.805  11.516  5.295   1.00 63.00  ? 453 HOH A O   1 
HETATM 1569 O O   . HOH G 5 .   ? 0.625   19.189  3.753   1.00 53.78  ? 454 HOH A O   1 
HETATM 1570 O O   . HOH G 5 .   ? -7.326  -9.322  3.891   1.00 38.43  ? 455 HOH A O   1 
HETATM 1571 O O   . HOH G 5 .   ? -0.499  -17.152 10.809  1.00 36.78  ? 456 HOH A O   1 
HETATM 1572 O O   . HOH G 5 .   ? 7.611   -11.459 -5.834  1.00 46.52  ? 457 HOH A O   1 
HETATM 1573 O O   . HOH G 5 .   ? -12.484 -8.197  10.422  1.00 47.37  ? 458 HOH A O   1 
HETATM 1574 O O   . HOH G 5 .   ? 13.540  -10.919 8.037   1.00 56.37  ? 459 HOH A O   1 
HETATM 1575 O O   . HOH G 5 .   ? 5.711   -9.225  9.946   1.00 43.66  ? 460 HOH A O   1 
HETATM 1576 O O   . HOH G 5 .   ? -3.134  -18.051 6.946   1.00 39.78  ? 461 HOH A O   1 
HETATM 1577 O O   . HOH G 5 .   ? 3.307   14.498  10.827  1.00 51.31  ? 462 HOH A O   1 
HETATM 1578 O O   . HOH G 5 .   ? 1.324   3.106   19.224  1.00 52.97  ? 463 HOH A O   1 
HETATM 1579 O O   . HOH G 5 .   ? 7.207   -11.932 -8.285  1.00 44.89  ? 464 HOH A O   1 
HETATM 1580 O O   . HOH G 5 .   ? -4.191  -14.822 3.559   1.00 31.52  ? 465 HOH A O   1 
HETATM 1581 O O   . HOH G 5 .   ? -13.912 1.465   2.150   1.00 50.16  ? 466 HOH A O   1 
HETATM 1582 O O   . HOH G 5 .   ? -5.249  2.214   16.981  1.00 31.44  ? 467 HOH A O   1 
HETATM 1583 O O   . HOH G 5 .   ? 2.529   -5.411  -20.257 1.00 60.05  ? 468 HOH A O   1 
HETATM 1584 O O   . HOH G 5 .   ? -1.835  9.755   13.688  1.00 53.12  ? 469 HOH A O   1 
HETATM 1585 O O   . HOH G 5 .   ? 23.415  -11.085 2.650   1.00 53.50  ? 470 HOH A O   1 
HETATM 1586 O O   . HOH G 5 .   ? 10.897  -16.715 -12.927 1.00 49.71  ? 471 HOH A O   1 
HETATM 1587 O O   . HOH G 5 .   ? -9.646  13.806  13.706  1.00 45.01  ? 472 HOH A O   1 
HETATM 1588 O O   . HOH G 5 .   ? 5.081   12.958  -8.663  1.00 35.69  ? 473 HOH A O   1 
HETATM 1589 O O   . HOH G 5 .   ? -5.700  15.240  -20.144 1.00 31.66  ? 474 HOH A O   1 
HETATM 1590 O O   . HOH G 5 .   ? 0.424   -17.798 -6.682  1.00 62.05  ? 475 HOH A O   1 
HETATM 1591 O O   . HOH G 5 .   ? -7.673  1.679   -18.606 1.00 53.45  ? 476 HOH A O   1 
HETATM 1592 O O   . HOH G 5 .   ? -7.312  10.795  -6.755  1.00 29.59  ? 477 HOH A O   1 
HETATM 1593 O O   . HOH G 5 .   ? 12.704  7.836   -1.119  1.00 47.40  ? 478 HOH A O   1 
HETATM 1594 O O   . HOH G 5 .   ? 4.792   18.619  -6.365  1.00 53.24  ? 479 HOH A O   1 
HETATM 1595 O O   . HOH G 5 .   ? 6.658   20.406  -2.937  1.00 48.65  ? 480 HOH A O   1 
HETATM 1596 O O   . HOH G 5 .   ? -0.604  17.383  12.415  1.00 52.62  ? 481 HOH A O   1 
HETATM 1597 O O   . HOH G 5 .   ? 4.482   -19.710 -3.224  1.00 59.48  ? 482 HOH A O   1 
HETATM 1598 O O   . HOH G 5 .   ? -9.047  8.863   -9.328  1.00 37.14  ? 483 HOH A O   1 
HETATM 1599 O O   . HOH G 5 .   ? -16.573 5.792   -13.472 1.00 48.43  ? 484 HOH A O   1 
HETATM 1600 O O   . HOH G 5 .   ? -8.261  -11.372 -4.561  1.00 41.62  ? 485 HOH A O   1 
HETATM 1601 O O   . HOH G 5 .   ? 1.864   -2.498  11.632  1.00 39.56  ? 486 HOH A O   1 
HETATM 1602 O O   . HOH G 5 .   ? -13.187 -5.147  -4.308  1.00 44.00  ? 487 HOH A O   1 
HETATM 1603 O O   . HOH G 5 .   ? -3.615  -15.772 -2.238  1.00 52.28  ? 488 HOH A O   1 
HETATM 1604 O O   . HOH G 5 .   ? -5.840  11.464  -14.257 1.00 39.86  ? 489 HOH A O   1 
HETATM 1605 O O   . HOH G 5 .   ? -10.465 13.115  -0.559  1.00 45.55  ? 490 HOH A O   1 
HETATM 1606 O O   . HOH G 5 .   ? -9.279  -11.919 -1.861  1.00 41.38  ? 491 HOH A O   1 
HETATM 1607 O O   . HOH G 5 .   ? 11.073  -15.591 4.397   1.00 41.04  ? 492 HOH A O   1 
HETATM 1608 O O   . HOH G 5 .   ? -4.992  -5.664  20.218  1.00 53.72  ? 493 HOH A O   1 
HETATM 1609 O O   . HOH G 5 .   ? -8.685  9.219   6.264   1.00 33.05  ? 494 HOH A O   1 
HETATM 1610 O O   . HOH G 5 .   ? -9.784  -14.954 6.568   1.00 62.74  ? 495 HOH A O   1 
HETATM 1611 O O   . HOH G 5 .   ? 14.668  -2.806  -5.600  1.00 43.46  ? 496 HOH A O   1 
HETATM 1612 O O   . HOH G 5 .   ? -17.921 -5.593  2.760   1.00 35.93  ? 497 HOH A O   1 
HETATM 1613 O O   . HOH G 5 .   ? -7.979  -7.364  13.228  1.00 41.67  ? 498 HOH A O   1 
HETATM 1614 O O   . HOH G 5 .   ? -5.243  -12.620 9.664   1.00 54.84  ? 499 HOH A O   1 
HETATM 1615 O O   . HOH G 5 .   ? -0.049  -11.165 -9.263  1.00 58.45  ? 500 HOH A O   1 
HETATM 1616 O O   . HOH G 5 .   ? -8.191  13.372  -6.125  1.00 52.46  ? 501 HOH A O   1 
HETATM 1617 O O   . HOH G 5 .   ? 11.933  2.734   3.248   1.00 38.35  ? 502 HOH A O   1 
HETATM 1618 O O   . HOH G 5 .   ? -1.887  18.226  1.735   1.00 39.17  ? 503 HOH A O   1 
HETATM 1619 O O   . HOH G 5 .   ? -14.353 -13.711 6.594   1.00 47.60  ? 504 HOH A O   1 
HETATM 1620 O O   . HOH G 5 .   ? 1.032   -14.461 -4.956  1.00 39.37  ? 505 HOH A O   1 
HETATM 1621 O O   . HOH G 5 .   ? 4.149   -16.127 -4.536  1.00 39.89  ? 506 HOH A O   1 
HETATM 1622 O O   . HOH G 5 .   ? -6.292  -13.911 5.039   1.00 49.18  ? 507 HOH A O   1 
HETATM 1623 O O   . HOH G 5 .   ? 4.462   13.999  -11.134 1.00 55.72  ? 508 HOH A O   1 
HETATM 1624 O O   . HOH G 5 .   ? -14.484 -6.799  -3.099  1.00 54.01  ? 509 HOH A O   1 
HETATM 1625 O O   . HOH G 5 .   ? -9.551  7.662   -11.409 1.00 52.08  ? 510 HOH A O   1 
HETATM 1626 O O   . HOH G 5 .   ? 22.068  -12.533 0.872   1.00 43.72  ? 511 HOH A O   1 
HETATM 1627 O O   . HOH G 5 .   ? 9.373   -18.996 -1.940  1.00 55.94  ? 512 HOH A O   1 
HETATM 1628 O O   . HOH G 5 .   ? 11.603  -18.603 -1.138  1.00 53.98  ? 513 HOH A O   1 
HETATM 1629 O O   . HOH G 5 .   ? -13.438 18.752  4.154   1.00 56.42  ? 514 HOH A O   1 
HETATM 1630 O O   . HOH G 5 .   ? 19.721  -17.484 0.545   1.00 54.90  ? 515 HOH A O   1 
HETATM 1631 O O   . HOH G 5 .   ? -6.181  -14.494 7.367   1.00 50.00  ? 516 HOH A O   1 
HETATM 1632 O O   . HOH G 5 .   ? -20.470 2.892   0.883   1.00 59.58  ? 517 HOH A O   1 
HETATM 1633 O O   . HOH G 5 .   ? 1.867   0.146   -20.092 1.00 53.56  ? 518 HOH A O   1 
HETATM 1634 O O   . HOH G 5 .   ? 7.763   -19.204 6.168   1.00 44.00  ? 519 HOH A O   1 
HETATM 1635 O O   . HOH G 5 .   ? 3.573   -13.442 -6.549  1.00 50.97  ? 520 HOH A O   1 
HETATM 1636 O O   . HOH G 5 .   ? -7.435  -5.957  -18.660 1.00 52.44  ? 521 HOH A O   1 
HETATM 1637 O O   . HOH G 5 .   ? -14.148 -13.258 3.936   1.00 50.57  ? 522 HOH A O   1 
HETATM 1638 O O   . HOH G 5 .   ? 8.201   9.199   9.625   1.00 68.83  ? 523 HOH A O   1 
HETATM 1639 O O   . HOH G 5 .   ? 18.059  -1.912  -4.143  1.00 45.62  ? 524 HOH A O   1 
HETATM 1640 O O   . HOH G 5 .   ? 19.208  -14.381 1.551   1.00 61.95  ? 525 HOH A O   1 
HETATM 1641 O O   . HOH G 5 .   ? -2.141  -20.252 -4.298  1.00 65.50  ? 526 HOH A O   1 
HETATM 1642 O O   . HOH G 5 .   ? -7.765  4.464   -17.578 1.00 51.54  ? 527 HOH A O   1 
HETATM 1643 O O   . HOH G 5 .   ? -23.340 1.938   0.884   1.00 47.79  ? 528 HOH A O   1 
HETATM 1644 O O   . HOH G 5 .   ? -2.957  -13.742 11.128  1.00 57.86  ? 529 HOH A O   1 
HETATM 1645 O O   . HOH G 5 .   ? 10.865  -17.518 2.785   1.00 51.66  ? 530 HOH A O   1 
HETATM 1646 O O   . HOH G 5 .   ? -0.677  -14.589 11.955  1.00 46.15  ? 531 HOH A O   1 
HETATM 1647 O O   . HOH G 5 .   ? 4.001   20.684  -11.406 1.00 67.86  ? 532 HOH A O   1 
HETATM 1648 O O   . HOH G 5 .   ? -19.265 -7.193  0.960   1.00 33.45  ? 533 HOH A O   1 
HETATM 1649 O O   . HOH G 5 .   ? -7.810  16.044  -21.870 1.00 52.98  ? 534 HOH A O   1 
HETATM 1650 O O   . HOH G 5 .   ? -8.673  21.952  9.154   1.00 51.35  ? 535 HOH A O   1 
HETATM 1651 O O   . HOH G 5 .   ? -8.108  18.446  -21.710 1.00 49.15  ? 536 HOH A O   1 
HETATM 1652 O O   . HOH G 5 .   ? -9.694  15.411  -1.011  1.00 50.43  ? 537 HOH A O   1 
HETATM 1653 O O   . HOH G 5 .   ? -2.712  -10.906 -8.880  1.00 48.66  ? 538 HOH A O   1 
HETATM 1654 O O   . HOH G 5 .   ? -18.903 -11.467 -0.798  1.00 46.42  ? 539 HOH A O   1 
HETATM 1655 O O   . HOH G 5 .   ? -5.587  0.166   -20.039 1.00 58.73  ? 540 HOH A O   1 
HETATM 1656 O O   . HOH G 5 .   ? -3.016  -6.514  -19.338 1.00 63.51  ? 541 HOH A O   1 
HETATM 1657 O O   . HOH G 5 .   ? -6.026  15.529  -4.496  1.00 44.78  ? 542 HOH A O   1 
HETATM 1658 O O   . HOH G 5 .   ? 13.412  1.452   -0.553  1.00 67.70  ? 543 HOH A O   1 
HETATM 1659 O O   . HOH G 5 .   ? -7.802  10.968  -9.364  1.00 54.08  ? 544 HOH A O   1 
HETATM 1660 O O   . HOH G 5 .   ? -5.011  15.835  -2.493  1.00 40.92  ? 545 HOH A O   1 
HETATM 1661 O O   . HOH G 5 .   ? -3.273  17.988  -3.038  1.00 52.64  ? 546 HOH A O   1 
HETATM 1662 O O   . HOH G 5 .   ? -1.446  -11.707 -7.444  1.00 55.32  ? 547 HOH A O   1 
HETATM 1663 O O   . HOH G 5 .   ? -2.284  -19.078 11.691  1.00 51.58  ? 548 HOH A O   1 
HETATM 1664 O O   . HOH G 5 .   ? -8.539  14.658  -8.379  1.00 58.36  ? 549 HOH A O   1 
HETATM 1665 O O   . HOH G 5 .   ? -5.716  12.704  -11.769 1.00 40.56  ? 550 HOH A O   1 
HETATM 1666 O O   . HOH G 5 .   ? -5.247  -13.377 -3.639  1.00 57.45  ? 551 HOH A O   1 
HETATM 1667 O O   . HOH G 5 .   ? -6.822  15.979  -9.411  1.00 41.59  ? 552 HOH A O   1 
# 
loop_
_pdbx_poly_seq_scheme.asym_id 
_pdbx_poly_seq_scheme.entity_id 
_pdbx_poly_seq_scheme.seq_id 
_pdbx_poly_seq_scheme.mon_id 
_pdbx_poly_seq_scheme.ndb_seq_num 
_pdbx_poly_seq_scheme.pdb_seq_num 
_pdbx_poly_seq_scheme.auth_seq_num 
_pdbx_poly_seq_scheme.pdb_mon_id 
_pdbx_poly_seq_scheme.auth_mon_id 
_pdbx_poly_seq_scheme.pdb_strand_id 
_pdbx_poly_seq_scheme.pdb_ins_code 
_pdbx_poly_seq_scheme.hetero 
A 1 1   SER 1   15  15  SER SER A . n 
A 1 2   MET 2   16  16  MET MET A . n 
A 1 3   LEU 3   17  17  LEU LEU A . n 
A 1 4   ASP 4   18  18  ASP ASP A . n 
A 1 5   ASP 5   19  19  ASP ASP A . n 
A 1 6   ALA 6   20  20  ALA ALA A . n 
A 1 7   LYS 7   21  21  LYS LYS A . n 
A 1 8   ALA 8   22  22  ALA ALA A . n 
A 1 9   ARG 9   23  23  ARG ARG A . n 
A 1 10  LEU 10  24  24  LEU LEU A . n 
A 1 11  ARG 11  25  25  ARG ARG A . n 
A 1 12  LYS 12  26  26  LYS LYS A . n 
A 1 13  TYR 13  27  27  TYR TYR A . n 
A 1 14  ASP 14  28  28  ASP ASP A . n 
A 1 15  ILE 15  29  29  ILE ILE A . n 
A 1 16  GLY 16  30  30  GLY GLY A . n 
A 1 17  GLY 17  31  31  GLY GLY A . n 
A 1 18  LYS 18  32  32  LYS LYS A . n 
A 1 19  TYR 19  33  33  TYR TYR A . n 
A 1 20  SER 20  34  34  SER SER A . n 
A 1 21  HIS 21  35  35  HIS HIS A . n 
A 1 22  LEU 22  36  36  LEU LEU A . n 
A 1 23  PRO 23  37  37  PRO PRO A . n 
A 1 24  TYR 24  38  38  TYR TYR A . n 
A 1 25  ASN 25  39  39  ASN ASN A . n 
A 1 26  LYS 26  40  40  LYS LYS A . n 
A 1 27  TYR 27  41  41  TYR TYR A . n 
A 1 28  SER 28  42  42  SER SER A . n 
A 1 29  VAL 29  43  43  VAL VAL A . n 
A 1 30  LEU 30  44  44  LEU LEU A . n 
A 1 31  LEU 31  45  45  LEU LEU A . n 
A 1 32  PRO 32  46  46  PRO PRO A . n 
A 1 33  LEU 33  47  47  LEU LEU A . n 
A 1 34  VAL 34  48  48  VAL VAL A . n 
A 1 35  ALA 35  49  49  ALA ALA A . n 
A 1 36  LYS 36  50  50  LYS LYS A . n 
A 1 37  GLU 37  51  51  GLU GLU A . n 
A 1 38  GLY 38  52  52  GLY GLY A . n 
A 1 39  LYS 39  53  53  LYS LYS A . n 
A 1 40  LEU 40  54  54  LEU LEU A . n 
A 1 41  HIS 41  55  55  HIS HIS A . n 
A 1 42  LEU 42  56  56  LEU LEU A . n 
A 1 43  LEU 43  57  57  LEU LEU A . n 
A 1 44  PHE 44  58  58  PHE PHE A . n 
A 1 45  THR 45  59  59  THR THR A . n 
A 1 46  VAL 46  60  60  VAL VAL A . n 
A 1 47  ARG 47  61  61  ARG ARG A . n 
A 1 48  SER 48  62  62  SER SER A . n 
A 1 49  GLU 49  63  63  GLU GLU A . n 
A 1 50  LYS 50  64  64  LYS LYS A . n 
A 1 51  LEU 51  65  65  LEU LEU A . n 
A 1 52  ARG 52  66  66  ARG ARG A . n 
A 1 53  ARG 53  67  67  ARG ARG A . n 
A 1 54  ALA 54  68  68  ALA ALA A . n 
A 1 55  PRO 55  69  69  PRO PRO A . n 
A 1 56  GLY 56  70  70  GLY GLY A . n 
A 1 57  GLU 57  71  71  GLU GLU A . n 
A 1 58  VAL 58  72  72  VAL VAL A . n 
A 1 59  CYS 59  73  73  CYS CYS A . n 
A 1 60  PHE 60  74  74  PHE PHE A . n 
A 1 61  PRO 61  75  75  PRO PRO A . n 
A 1 62  GLY 62  76  76  GLY GLY A . n 
A 1 63  GLY 63  77  77  GLY GLY A . n 
A 1 64  LYS 64  78  78  LYS LYS A . n 
A 1 65  ARG 65  79  79  ARG ARG A . n 
A 1 66  ASP 66  80  80  ASP ASP A . n 
A 1 67  PRO 67  81  81  PRO PRO A . n 
A 1 68  THR 68  82  82  THR THR A . n 
A 1 69  ASP 69  83  83  ASP ASP A . n 
A 1 70  MET 70  84  84  MET MET A . n 
A 1 71  ASP 71  85  85  ASP ASP A . n 
A 1 72  ASP 72  86  86  ASP ASP A . n 
A 1 73  ALA 73  87  87  ALA ALA A . n 
A 1 74  ALA 74  88  88  ALA ALA A . n 
A 1 75  THR 75  89  89  THR THR A . n 
A 1 76  ALA 76  90  90  ALA ALA A . n 
A 1 77  LEU 77  91  91  LEU LEU A . n 
A 1 78  ARG 78  92  92  ARG ARG A . n 
A 1 79  GLU 79  93  93  GLU GLU A . n 
A 1 80  ALA 80  94  94  ALA ALA A . n 
A 1 81  GLN 81  95  95  GLN GLN A . n 
A 1 82  GLU 82  96  96  GLU GLU A . n 
A 1 83  GLU 83  97  97  GLU GLU A . n 
A 1 84  VAL 84  98  98  VAL VAL A . n 
A 1 85  GLY 85  99  99  GLY GLY A . n 
A 1 86  LEU 86  100 100 LEU LEU A . n 
A 1 87  ARG 87  101 101 ARG ARG A . n 
A 1 88  HYP 88  102 102 HYP HYP A . n 
A 1 89  HIS 89  103 103 HIS HIS A . n 
A 1 90  GLN 90  104 104 GLN GLN A . n 
A 1 91  VAL 91  105 105 VAL VAL A . n 
A 1 92  GLU 92  106 106 GLU GLU A . n 
A 1 93  VAL 93  107 107 VAL VAL A . n 
A 1 94  VAL 94  108 108 VAL VAL A . n 
A 1 95  CSO 95  109 109 CSO CSO A . n 
A 1 96  CYS 96  110 110 CYS CYS A . n 
A 1 97  LEU 97  111 111 LEU LEU A . n 
A 1 98  VAL 98  112 112 VAL VAL A . n 
A 1 99  PRO 99  113 113 PRO PRO A . n 
A 1 100 CYS 100 114 114 CYS CYS A . n 
A 1 101 LEU 101 115 115 LEU LEU A . n 
A 1 102 ILE 102 116 116 ILE ILE A . n 
A 1 103 ASP 103 117 117 ASP ASP A . n 
A 1 104 THR 104 118 118 THR THR A . n 
A 1 105 ASP 105 119 119 ASP ASP A . n 
A 1 106 THR 106 120 120 THR THR A . n 
A 1 107 LEU 107 121 121 LEU LEU A . n 
A 1 108 ILE 108 122 122 ILE ILE A . n 
A 1 109 THR 109 123 123 THR THR A . n 
A 1 110 PRO 110 124 124 PRO PRO A . n 
A 1 111 PHE 111 125 125 PHE PHE A . n 
A 1 112 VAL 112 126 126 VAL VAL A . n 
A 1 113 GLY 113 127 127 GLY GLY A . n 
A 1 114 LEU 114 128 128 LEU LEU A . n 
A 1 115 ILE 115 129 129 ILE ILE A . n 
A 1 116 ASP 116 130 130 ASP ASP A . n 
A 1 117 HIS 117 131 131 HIS HIS A . n 
A 1 118 ASN 118 132 132 ASN ASN A . n 
A 1 119 PHE 119 133 133 PHE PHE A . n 
A 1 120 GLN 120 134 134 GLN GLN A . n 
A 1 121 ALA 121 135 135 ALA ALA A . n 
A 1 122 GLN 122 136 136 GLN GLN A . n 
A 1 123 PRO 123 137 137 PRO PRO A . n 
A 1 124 ASN 124 138 138 ASN ASN A . n 
A 1 125 PRO 125 139 139 PRO PRO A . n 
A 1 126 ALA 126 140 140 ALA ALA A . n 
A 1 127 GLU 127 141 141 GLU GLU A . n 
A 1 128 VAL 128 142 142 VAL VAL A . n 
A 1 129 LYS 129 143 143 LYS LYS A . n 
A 1 130 ASP 130 144 144 ASP ASP A . n 
A 1 131 VAL 131 145 145 VAL VAL A . n 
A 1 132 PHE 132 146 146 PHE PHE A . n 
A 1 133 LEU 133 147 147 LEU LEU A . n 
A 1 134 VAL 134 148 148 VAL VAL A . n 
A 1 135 PRO 135 149 149 PRO PRO A . n 
A 1 136 LEU 136 150 150 LEU LEU A . n 
A 1 137 ALA 137 151 151 ALA ALA A . n 
A 1 138 TYR 138 152 152 TYR TYR A . n 
A 1 139 PHE 139 153 153 PHE PHE A . n 
A 1 140 LEU 140 154 154 LEU LEU A . n 
A 1 141 HIS 141 155 155 HIS HIS A . n 
A 1 142 PRO 142 156 156 PRO PRO A . n 
A 1 143 GLN 143 157 157 GLN GLN A . n 
A 1 144 VAL 144 158 158 VAL VAL A . n 
A 1 145 HIS 145 159 159 HIS HIS A . n 
A 1 146 ASP 146 160 160 ASP ASP A . n 
A 1 147 GLN 147 161 161 GLN GLN A . n 
A 1 148 HIS 148 162 ?   ?   ?   A . n 
A 1 149 TYR 149 163 ?   ?   ?   A . n 
A 1 150 VAL 150 164 ?   ?   ?   A . n 
A 1 151 THR 151 165 ?   ?   ?   A . n 
A 1 152 ARG 152 166 ?   ?   ?   A . n 
A 1 153 LEU 153 167 ?   ?   ?   A . n 
A 1 154 GLY 154 168 ?   ?   ?   A . n 
A 1 155 HIS 155 169 ?   ?   ?   A . n 
A 1 156 ARG 156 170 ?   ?   ?   A . n 
A 1 157 PHE 157 171 ?   ?   ?   A . n 
A 1 158 ILE 158 172 172 ILE ILE A . n 
A 1 159 ASN 159 173 173 ASN ASN A . n 
A 1 160 HIS 160 174 174 HIS HIS A . n 
A 1 161 ILE 161 175 175 ILE ILE A . n 
A 1 162 PHE 162 176 176 PHE PHE A . n 
A 1 163 GLU 163 177 177 GLU GLU A . n 
A 1 164 TYR 164 178 178 TYR TYR A . n 
A 1 165 THR 165 179 179 THR THR A . n 
A 1 166 ASN 166 180 180 ASN ASN A . n 
A 1 167 PRO 167 181 181 PRO PRO A . n 
A 1 168 GLU 168 182 182 GLU GLU A . n 
A 1 169 ASP 169 183 183 ASP ASP A . n 
A 1 170 GLY 170 184 184 GLY GLY A . n 
A 1 171 VAL 171 185 185 VAL VAL A . n 
A 1 172 THR 172 186 186 THR THR A . n 
A 1 173 TYR 173 187 187 TYR TYR A . n 
A 1 174 GLN 174 188 188 GLN GLN A . n 
A 1 175 ILE 175 189 189 ILE ILE A . n 
A 1 176 LYS 176 190 190 LYS LYS A . n 
A 1 177 GLY 177 191 191 GLY GLY A . n 
A 1 178 MET 178 192 192 MET MET A . n 
A 1 179 THR 179 193 193 THR THR A . n 
A 1 180 ALA 180 194 194 ALA ALA A . n 
A 1 181 ASN 181 195 195 ASN ASN A . n 
A 1 182 LEU 182 196 196 LEU LEU A . n 
A 1 183 ALA 183 197 197 ALA ALA A . n 
A 1 184 VAL 184 198 198 VAL VAL A . n 
A 1 185 LEU 185 199 199 LEU LEU A . n 
A 1 186 VAL 186 200 200 VAL VAL A . n 
A 1 187 ALA 187 201 201 ALA ALA A . n 
A 1 188 PHE 188 202 202 PHE PHE A . n 
A 1 189 ILE 189 203 203 ILE ILE A . n 
A 1 190 ILE 190 204 204 ILE ILE A . n 
A 1 191 LEU 191 205 205 LEU LEU A . n 
A 1 192 GLU 192 206 206 GLU GLU A . n 
A 1 193 LYS 193 207 207 LYS LYS A . n 
A 1 194 LYS 194 208 208 LYS LYS A . n 
A 1 195 PRO 195 209 209 PRO PRO A . n 
A 1 196 THR 196 210 210 THR THR A . n 
# 
loop_
_pdbx_nonpoly_scheme.asym_id 
_pdbx_nonpoly_scheme.entity_id 
_pdbx_nonpoly_scheme.mon_id 
_pdbx_nonpoly_scheme.ndb_seq_num 
_pdbx_nonpoly_scheme.pdb_seq_num 
_pdbx_nonpoly_scheme.auth_seq_num 
_pdbx_nonpoly_scheme.pdb_mon_id 
_pdbx_nonpoly_scheme.auth_mon_id 
_pdbx_nonpoly_scheme.pdb_strand_id 
_pdbx_nonpoly_scheme.pdb_ins_code 
B 2 ACT 1   301 1   ACT ACT A . 
C 2 ACT 1   302 2   ACT ACT A . 
D 3 DMS 1   303 1   DMS DMS A . 
E 3 DMS 1   304 2   DMS DMS A . 
F 4 H2M 1   305 1   H2M LIG A . 
G 5 HOH 1   401 202 HOH HOH A . 
G 5 HOH 2   402 9   HOH HOH A . 
G 5 HOH 3   403 53  HOH HOH A . 
G 5 HOH 4   404 71  HOH HOH A . 
G 5 HOH 5   405 48  HOH HOH A . 
G 5 HOH 6   406 143 HOH HOH A . 
G 5 HOH 7   407 124 HOH HOH A . 
G 5 HOH 8   408 157 HOH HOH A . 
G 5 HOH 9   409 117 HOH HOH A . 
G 5 HOH 10  410 109 HOH HOH A . 
G 5 HOH 11  411 134 HOH HOH A . 
G 5 HOH 12  412 199 HOH HOH A . 
G 5 HOH 13  413 69  HOH HOH A . 
G 5 HOH 14  414 203 HOH HOH A . 
G 5 HOH 15  415 166 HOH HOH A . 
G 5 HOH 16  416 97  HOH HOH A . 
G 5 HOH 17  417 10  HOH HOH A . 
G 5 HOH 18  418 196 HOH HOH A . 
G 5 HOH 19  419 105 HOH HOH A . 
G 5 HOH 20  420 113 HOH HOH A . 
G 5 HOH 21  421 64  HOH HOH A . 
G 5 HOH 22  422 51  HOH HOH A . 
G 5 HOH 23  423 2   HOH HOH A . 
G 5 HOH 24  424 103 HOH HOH A . 
G 5 HOH 25  425 140 HOH HOH A . 
G 5 HOH 26  426 85  HOH HOH A . 
G 5 HOH 27  427 14  HOH HOH A . 
G 5 HOH 28  428 36  HOH HOH A . 
G 5 HOH 29  429 13  HOH HOH A . 
G 5 HOH 30  430 197 HOH HOH A . 
G 5 HOH 31  431 162 HOH HOH A . 
G 5 HOH 32  432 193 HOH HOH A . 
G 5 HOH 33  433 108 HOH HOH A . 
G 5 HOH 34  434 11  HOH HOH A . 
G 5 HOH 35  435 66  HOH HOH A . 
G 5 HOH 36  436 110 HOH HOH A . 
G 5 HOH 37  437 101 HOH HOH A . 
G 5 HOH 38  438 42  HOH HOH A . 
G 5 HOH 39  439 208 HOH HOH A . 
G 5 HOH 40  440 102 HOH HOH A . 
G 5 HOH 41  441 8   HOH HOH A . 
G 5 HOH 42  442 49  HOH HOH A . 
G 5 HOH 43  443 200 HOH HOH A . 
G 5 HOH 44  444 24  HOH HOH A . 
G 5 HOH 45  445 94  HOH HOH A . 
G 5 HOH 46  446 167 HOH HOH A . 
G 5 HOH 47  447 99  HOH HOH A . 
G 5 HOH 48  448 6   HOH HOH A . 
G 5 HOH 49  449 159 HOH HOH A . 
G 5 HOH 50  450 79  HOH HOH A . 
G 5 HOH 51  451 43  HOH HOH A . 
G 5 HOH 52  452 75  HOH HOH A . 
G 5 HOH 53  453 179 HOH HOH A . 
G 5 HOH 54  454 158 HOH HOH A . 
G 5 HOH 55  455 39  HOH HOH A . 
G 5 HOH 56  456 26  HOH HOH A . 
G 5 HOH 57  457 59  HOH HOH A . 
G 5 HOH 58  458 35  HOH HOH A . 
G 5 HOH 59  459 141 HOH HOH A . 
G 5 HOH 60  460 56  HOH HOH A . 
G 5 HOH 61  461 19  HOH HOH A . 
G 5 HOH 62  462 186 HOH HOH A . 
G 5 HOH 63  463 46  HOH HOH A . 
G 5 HOH 64  464 38  HOH HOH A . 
G 5 HOH 65  465 1   HOH HOH A . 
G 5 HOH 66  466 58  HOH HOH A . 
G 5 HOH 67  467 15  HOH HOH A . 
G 5 HOH 68  468 146 HOH HOH A . 
G 5 HOH 69  469 80  HOH HOH A . 
G 5 HOH 70  470 72  HOH HOH A . 
G 5 HOH 71  471 25  HOH HOH A . 
G 5 HOH 72  472 116 HOH HOH A . 
G 5 HOH 73  473 104 HOH HOH A . 
G 5 HOH 74  474 12  HOH HOH A . 
G 5 HOH 75  475 78  HOH HOH A . 
G 5 HOH 76  476 153 HOH HOH A . 
G 5 HOH 77  477 98  HOH HOH A . 
G 5 HOH 78  478 125 HOH HOH A . 
G 5 HOH 79  479 118 HOH HOH A . 
G 5 HOH 80  480 139 HOH HOH A . 
G 5 HOH 81  481 154 HOH HOH A . 
G 5 HOH 82  482 63  HOH HOH A . 
G 5 HOH 83  483 170 HOH HOH A . 
G 5 HOH 84  484 137 HOH HOH A . 
G 5 HOH 85  485 37  HOH HOH A . 
G 5 HOH 86  486 40  HOH HOH A . 
G 5 HOH 87  487 28  HOH HOH A . 
G 5 HOH 88  488 34  HOH HOH A . 
G 5 HOH 89  489 45  HOH HOH A . 
G 5 HOH 90  490 176 HOH HOH A . 
G 5 HOH 91  491 22  HOH HOH A . 
G 5 HOH 92  492 17  HOH HOH A . 
G 5 HOH 93  493 61  HOH HOH A . 
G 5 HOH 94  494 96  HOH HOH A . 
G 5 HOH 95  495 182 HOH HOH A . 
G 5 HOH 96  496 7   HOH HOH A . 
G 5 HOH 97  497 27  HOH HOH A . 
G 5 HOH 98  498 5   HOH HOH A . 
G 5 HOH 99  499 55  HOH HOH A . 
G 5 HOH 100 500 62  HOH HOH A . 
G 5 HOH 101 501 106 HOH HOH A . 
G 5 HOH 102 502 30  HOH HOH A . 
G 5 HOH 103 503 121 HOH HOH A . 
G 5 HOH 104 504 88  HOH HOH A . 
G 5 HOH 105 505 21  HOH HOH A . 
G 5 HOH 106 506 31  HOH HOH A . 
G 5 HOH 107 507 191 HOH HOH A . 
G 5 HOH 108 508 147 HOH HOH A . 
G 5 HOH 109 509 145 HOH HOH A . 
G 5 HOH 110 510 127 HOH HOH A . 
G 5 HOH 111 511 138 HOH HOH A . 
G 5 HOH 112 512 173 HOH HOH A . 
G 5 HOH 113 513 149 HOH HOH A . 
G 5 HOH 114 514 204 HOH HOH A . 
G 5 HOH 115 515 152 HOH HOH A . 
G 5 HOH 116 516 169 HOH HOH A . 
G 5 HOH 117 517 122 HOH HOH A . 
G 5 HOH 118 518 119 HOH HOH A . 
G 5 HOH 119 519 129 HOH HOH A . 
G 5 HOH 120 520 44  HOH HOH A . 
G 5 HOH 121 521 126 HOH HOH A . 
G 5 HOH 122 522 111 HOH HOH A . 
G 5 HOH 123 523 150 HOH HOH A . 
G 5 HOH 124 524 23  HOH HOH A . 
G 5 HOH 125 525 194 HOH HOH A . 
G 5 HOH 126 526 205 HOH HOH A . 
G 5 HOH 127 527 161 HOH HOH A . 
G 5 HOH 128 528 155 HOH HOH A . 
G 5 HOH 129 529 131 HOH HOH A . 
G 5 HOH 130 530 144 HOH HOH A . 
G 5 HOH 131 531 50  HOH HOH A . 
G 5 HOH 132 532 177 HOH HOH A . 
G 5 HOH 133 533 16  HOH HOH A . 
G 5 HOH 134 534 57  HOH HOH A . 
G 5 HOH 135 535 172 HOH HOH A . 
G 5 HOH 136 536 174 HOH HOH A . 
G 5 HOH 137 537 184 HOH HOH A . 
G 5 HOH 138 538 190 HOH HOH A . 
G 5 HOH 139 539 29  HOH HOH A . 
G 5 HOH 140 540 123 HOH HOH A . 
G 5 HOH 141 541 168 HOH HOH A . 
G 5 HOH 142 542 192 HOH HOH A . 
G 5 HOH 143 543 195 HOH HOH A . 
G 5 HOH 144 544 171 HOH HOH A . 
G 5 HOH 145 545 188 HOH HOH A . 
G 5 HOH 146 546 130 HOH HOH A . 
G 5 HOH 147 547 132 HOH HOH A . 
G 5 HOH 148 548 165 HOH HOH A . 
G 5 HOH 149 549 148 HOH HOH A . 
G 5 HOH 150 550 68  HOH HOH A . 
G 5 HOH 151 551 164 HOH HOH A . 
G 5 HOH 152 552 115 HOH HOH A . 
# 
loop_
_pdbx_struct_mod_residue.id 
_pdbx_struct_mod_residue.label_asym_id 
_pdbx_struct_mod_residue.label_comp_id 
_pdbx_struct_mod_residue.label_seq_id 
_pdbx_struct_mod_residue.auth_asym_id 
_pdbx_struct_mod_residue.auth_comp_id 
_pdbx_struct_mod_residue.auth_seq_id 
_pdbx_struct_mod_residue.PDB_ins_code 
_pdbx_struct_mod_residue.parent_comp_id 
_pdbx_struct_mod_residue.details 
1 A HYP 88 A HYP 102 ? PRO 'modified residue' 
2 A CSO 95 A CSO 109 ? CYS 'modified residue' 
# 
_pdbx_struct_assembly.id                   1 
_pdbx_struct_assembly.details              author_and_software_defined_assembly 
_pdbx_struct_assembly.method_details       PISA 
_pdbx_struct_assembly.oligomeric_details   monomeric 
_pdbx_struct_assembly.oligomeric_count     1 
# 
_pdbx_struct_assembly_gen.assembly_id       1 
_pdbx_struct_assembly_gen.oper_expression   1 
_pdbx_struct_assembly_gen.asym_id_list      A,B,C,D,E,F,G 
# 
loop_
_pdbx_struct_assembly_prop.biol_id 
_pdbx_struct_assembly_prop.type 
_pdbx_struct_assembly_prop.value 
_pdbx_struct_assembly_prop.details 
1 'ABSA (A^2)' 750   ? 
1 MORE         5     ? 
1 'SSA (A^2)'  10270 ? 
# 
_pdbx_struct_oper_list.id                   1 
_pdbx_struct_oper_list.type                 'identity operation' 
_pdbx_struct_oper_list.name                 1_555 
_pdbx_struct_oper_list.symmetry_operation   x,y,z 
_pdbx_struct_oper_list.matrix[1][1]         1.0000000000 
_pdbx_struct_oper_list.matrix[1][2]         0.0000000000 
_pdbx_struct_oper_list.matrix[1][3]         0.0000000000 
_pdbx_struct_oper_list.vector[1]            0.0000000000 
_pdbx_struct_oper_list.matrix[2][1]         0.0000000000 
_pdbx_struct_oper_list.matrix[2][2]         1.0000000000 
_pdbx_struct_oper_list.matrix[2][3]         0.0000000000 
_pdbx_struct_oper_list.vector[2]            0.0000000000 
_pdbx_struct_oper_list.matrix[3][1]         0.0000000000 
_pdbx_struct_oper_list.matrix[3][2]         0.0000000000 
_pdbx_struct_oper_list.matrix[3][3]         1.0000000000 
_pdbx_struct_oper_list.vector[3]            0.0000000000 
# 
loop_
_pdbx_audit_revision_history.ordinal 
_pdbx_audit_revision_history.data_content_type 
_pdbx_audit_revision_history.major_revision 
_pdbx_audit_revision_history.minor_revision 
_pdbx_audit_revision_history.revision_date 
1 'Structure model' 1 0 2019-03-27 
2 'Structure model' 1 1 2023-11-15 
# 
_pdbx_audit_revision_details.ordinal             1 
_pdbx_audit_revision_details.revision_ordinal    1 
_pdbx_audit_revision_details.data_content_type   'Structure model' 
_pdbx_audit_revision_details.provider            repository 
_pdbx_audit_revision_details.type                'Initial release' 
_pdbx_audit_revision_details.description         ? 
_pdbx_audit_revision_details.details             ? 
# 
loop_
_pdbx_audit_revision_group.ordinal 
_pdbx_audit_revision_group.revision_ordinal 
_pdbx_audit_revision_group.data_content_type 
_pdbx_audit_revision_group.group 
1 2 'Structure model' 'Data collection'     
2 2 'Structure model' 'Database references' 
# 
loop_
_pdbx_audit_revision_category.ordinal 
_pdbx_audit_revision_category.revision_ordinal 
_pdbx_audit_revision_category.data_content_type 
_pdbx_audit_revision_category.category 
1 2 'Structure model' chem_comp_atom 
2 2 'Structure model' chem_comp_bond 
3 2 'Structure model' database_2     
# 
loop_
_pdbx_audit_revision_item.ordinal 
_pdbx_audit_revision_item.revision_ordinal 
_pdbx_audit_revision_item.data_content_type 
_pdbx_audit_revision_item.item 
1 2 'Structure model' '_database_2.pdbx_DOI'                
2 2 'Structure model' '_database_2.pdbx_database_accession' 
# 
_phasing.method   MR 
# 
loop_
_software.pdbx_ordinal 
_software.name 
_software.version 
_software.date 
_software.type 
_software.contact_author 
_software.contact_author_email 
_software.classification 
_software.location 
_software.language 
_software.citation_id 
1 REFMAC      5.8.0189 ?               program 'Garib N. Murshudov' garib@ysbl.york.ac.uk    refinement        
http://www.ccp4.ac.uk/dist/html/refmac5.html        Fortran_77 ? 
2 Aimless     0.5.32   29/03/17        program 'Phil Evans'         ?                        'data scaling'    
http://www.mrc-lmb.cam.ac.uk/harry/pre/aimless.html ?          ? 
3 PDB_EXTRACT 3.23     'SEP. 23, 2016' package PDB                  deposit@deposit.rcsb.org 'data extraction' 
http://sw-tools.pdb.org/apps/PDB_EXTRACT/           C++        ? 
4 XDS         .        ?               program ?                    ?                        'data reduction'  ? ?          ? 
5 REFMAC      .        ?               program ?                    ?                        phasing           ? ?          ? 
# 
loop_
_pdbx_validate_close_contact.id 
_pdbx_validate_close_contact.PDB_model_num 
_pdbx_validate_close_contact.auth_atom_id_1 
_pdbx_validate_close_contact.auth_asym_id_1 
_pdbx_validate_close_contact.auth_comp_id_1 
_pdbx_validate_close_contact.auth_seq_id_1 
_pdbx_validate_close_contact.PDB_ins_code_1 
_pdbx_validate_close_contact.label_alt_id_1 
_pdbx_validate_close_contact.auth_atom_id_2 
_pdbx_validate_close_contact.auth_asym_id_2 
_pdbx_validate_close_contact.auth_comp_id_2 
_pdbx_validate_close_contact.auth_seq_id_2 
_pdbx_validate_close_contact.PDB_ins_code_2 
_pdbx_validate_close_contact.label_alt_id_2 
_pdbx_validate_close_contact.dist 
1 1 ND1 A HIS 35  ? B O A HOH 401 ? ? 2.07 
2 1 O   A HOH 538 ? ? O A HOH 547 ? ? 2.08 
# 
loop_
_pdbx_validate_rmsd_angle.id 
_pdbx_validate_rmsd_angle.PDB_model_num 
_pdbx_validate_rmsd_angle.auth_atom_id_1 
_pdbx_validate_rmsd_angle.auth_asym_id_1 
_pdbx_validate_rmsd_angle.auth_comp_id_1 
_pdbx_validate_rmsd_angle.auth_seq_id_1 
_pdbx_validate_rmsd_angle.PDB_ins_code_1 
_pdbx_validate_rmsd_angle.label_alt_id_1 
_pdbx_validate_rmsd_angle.auth_atom_id_2 
_pdbx_validate_rmsd_angle.auth_asym_id_2 
_pdbx_validate_rmsd_angle.auth_comp_id_2 
_pdbx_validate_rmsd_angle.auth_seq_id_2 
_pdbx_validate_rmsd_angle.PDB_ins_code_2 
_pdbx_validate_rmsd_angle.label_alt_id_2 
_pdbx_validate_rmsd_angle.auth_atom_id_3 
_pdbx_validate_rmsd_angle.auth_asym_id_3 
_pdbx_validate_rmsd_angle.auth_comp_id_3 
_pdbx_validate_rmsd_angle.auth_seq_id_3 
_pdbx_validate_rmsd_angle.PDB_ins_code_3 
_pdbx_validate_rmsd_angle.label_alt_id_3 
_pdbx_validate_rmsd_angle.angle_value 
_pdbx_validate_rmsd_angle.angle_target_value 
_pdbx_validate_rmsd_angle.angle_deviation 
_pdbx_validate_rmsd_angle.angle_standard_deviation 
_pdbx_validate_rmsd_angle.linker_flag 
1 1 CB A ASP 28 ? ? CG A ASP 28 ? ? OD1 A ASP 28 ? ? 124.64 118.30 6.34 0.90 N 
2 1 CB A ASP 80 ? ? CG A ASP 80 ? ? OD1 A ASP 80 ? ? 124.64 118.30 6.34 0.90 N 
# 
_pdbx_validate_torsion.id              1 
_pdbx_validate_torsion.PDB_model_num   1 
_pdbx_validate_torsion.auth_comp_id    THR 
_pdbx_validate_torsion.auth_asym_id    A 
_pdbx_validate_torsion.auth_seq_id     118 
_pdbx_validate_torsion.PDB_ins_code    ? 
_pdbx_validate_torsion.label_alt_id    ? 
_pdbx_validate_torsion.phi             76.23 
_pdbx_validate_torsion.psi             -20.63 
# 
loop_
_pdbx_unobs_or_zero_occ_atoms.id 
_pdbx_unobs_or_zero_occ_atoms.PDB_model_num 
_pdbx_unobs_or_zero_occ_atoms.polymer_flag 
_pdbx_unobs_or_zero_occ_atoms.occupancy_flag 
_pdbx_unobs_or_zero_occ_atoms.auth_asym_id 
_pdbx_unobs_or_zero_occ_atoms.auth_comp_id 
_pdbx_unobs_or_zero_occ_atoms.auth_seq_id 
_pdbx_unobs_or_zero_occ_atoms.PDB_ins_code 
_pdbx_unobs_or_zero_occ_atoms.auth_atom_id 
_pdbx_unobs_or_zero_occ_atoms.label_alt_id 
_pdbx_unobs_or_zero_occ_atoms.label_asym_id 
_pdbx_unobs_or_zero_occ_atoms.label_comp_id 
_pdbx_unobs_or_zero_occ_atoms.label_seq_id 
_pdbx_unobs_or_zero_occ_atoms.label_atom_id 
1 1 Y 1 A GLN 161 ? CG  ? A GLN 147 CG  
2 1 Y 1 A GLN 161 ? CD  ? A GLN 147 CD  
3 1 Y 1 A GLN 161 ? OE1 ? A GLN 147 OE1 
4 1 Y 1 A GLN 161 ? NE2 ? A GLN 147 NE2 
# 
loop_
_pdbx_unobs_or_zero_occ_residues.id 
_pdbx_unobs_or_zero_occ_residues.PDB_model_num 
_pdbx_unobs_or_zero_occ_residues.polymer_flag 
_pdbx_unobs_or_zero_occ_residues.occupancy_flag 
_pdbx_unobs_or_zero_occ_residues.auth_asym_id 
_pdbx_unobs_or_zero_occ_residues.auth_comp_id 
_pdbx_unobs_or_zero_occ_residues.auth_seq_id 
_pdbx_unobs_or_zero_occ_residues.PDB_ins_code 
_pdbx_unobs_or_zero_occ_residues.label_asym_id 
_pdbx_unobs_or_zero_occ_residues.label_comp_id 
_pdbx_unobs_or_zero_occ_residues.label_seq_id 
1  1 Y 1 A HIS 162 ? A HIS 148 
2  1 Y 1 A TYR 163 ? A TYR 149 
3  1 Y 1 A VAL 164 ? A VAL 150 
4  1 Y 1 A THR 165 ? A THR 151 
5  1 Y 1 A ARG 166 ? A ARG 152 
6  1 Y 1 A LEU 167 ? A LEU 153 
7  1 Y 1 A GLY 168 ? A GLY 154 
8  1 Y 1 A HIS 169 ? A HIS 155 
9  1 Y 1 A ARG 170 ? A ARG 156 
10 1 Y 1 A PHE 171 ? A PHE 157 
# 
loop_
_chem_comp_atom.comp_id 
_chem_comp_atom.atom_id 
_chem_comp_atom.type_symbol 
_chem_comp_atom.pdbx_aromatic_flag 
_chem_comp_atom.pdbx_stereo_config 
_chem_comp_atom.pdbx_ordinal 
ACT C    C N N 1   
ACT O    O N N 2   
ACT OXT  O N N 3   
ACT CH3  C N N 4   
ACT H1   H N N 5   
ACT H2   H N N 6   
ACT H3   H N N 7   
ALA N    N N N 8   
ALA CA   C N S 9   
ALA C    C N N 10  
ALA O    O N N 11  
ALA CB   C N N 12  
ALA OXT  O N N 13  
ALA H    H N N 14  
ALA H2   H N N 15  
ALA HA   H N N 16  
ALA HB1  H N N 17  
ALA HB2  H N N 18  
ALA HB3  H N N 19  
ALA HXT  H N N 20  
ARG N    N N N 21  
ARG CA   C N S 22  
ARG C    C N N 23  
ARG O    O N N 24  
ARG CB   C N N 25  
ARG CG   C N N 26  
ARG CD   C N N 27  
ARG NE   N N N 28  
ARG CZ   C N N 29  
ARG NH1  N N N 30  
ARG NH2  N N N 31  
ARG OXT  O N N 32  
ARG H    H N N 33  
ARG H2   H N N 34  
ARG HA   H N N 35  
ARG HB2  H N N 36  
ARG HB3  H N N 37  
ARG HG2  H N N 38  
ARG HG3  H N N 39  
ARG HD2  H N N 40  
ARG HD3  H N N 41  
ARG HE   H N N 42  
ARG HH11 H N N 43  
ARG HH12 H N N 44  
ARG HH21 H N N 45  
ARG HH22 H N N 46  
ARG HXT  H N N 47  
ASN N    N N N 48  
ASN CA   C N S 49  
ASN C    C N N 50  
ASN O    O N N 51  
ASN CB   C N N 52  
ASN CG   C N N 53  
ASN OD1  O N N 54  
ASN ND2  N N N 55  
ASN OXT  O N N 56  
ASN H    H N N 57  
ASN H2   H N N 58  
ASN HA   H N N 59  
ASN HB2  H N N 60  
ASN HB3  H N N 61  
ASN HD21 H N N 62  
ASN HD22 H N N 63  
ASN HXT  H N N 64  
ASP N    N N N 65  
ASP CA   C N S 66  
ASP C    C N N 67  
ASP O    O N N 68  
ASP CB   C N N 69  
ASP CG   C N N 70  
ASP OD1  O N N 71  
ASP OD2  O N N 72  
ASP OXT  O N N 73  
ASP H    H N N 74  
ASP H2   H N N 75  
ASP HA   H N N 76  
ASP HB2  H N N 77  
ASP HB3  H N N 78  
ASP HD2  H N N 79  
ASP HXT  H N N 80  
CSO N    N N N 81  
CSO CA   C N R 82  
CSO CB   C N N 83  
CSO SG   S N N 84  
CSO C    C N N 85  
CSO O    O N N 86  
CSO OXT  O N N 87  
CSO OD   O N N 88  
CSO H    H N N 89  
CSO H2   H N N 90  
CSO HA   H N N 91  
CSO HB2  H N N 92  
CSO HB3  H N N 93  
CSO HXT  H N N 94  
CSO HD   H N N 95  
CYS N    N N N 96  
CYS CA   C N R 97  
CYS C    C N N 98  
CYS O    O N N 99  
CYS CB   C N N 100 
CYS SG   S N N 101 
CYS OXT  O N N 102 
CYS H    H N N 103 
CYS H2   H N N 104 
CYS HA   H N N 105 
CYS HB2  H N N 106 
CYS HB3  H N N 107 
CYS HG   H N N 108 
CYS HXT  H N N 109 
DMS S    S N N 110 
DMS O    O N N 111 
DMS C1   C N N 112 
DMS C2   C N N 113 
DMS H11  H N N 114 
DMS H12  H N N 115 
DMS H13  H N N 116 
DMS H21  H N N 117 
DMS H22  H N N 118 
DMS H23  H N N 119 
GLN N    N N N 120 
GLN CA   C N S 121 
GLN C    C N N 122 
GLN O    O N N 123 
GLN CB   C N N 124 
GLN CG   C N N 125 
GLN CD   C N N 126 
GLN OE1  O N N 127 
GLN NE2  N N N 128 
GLN OXT  O N N 129 
GLN H    H N N 130 
GLN H2   H N N 131 
GLN HA   H N N 132 
GLN HB2  H N N 133 
GLN HB3  H N N 134 
GLN HG2  H N N 135 
GLN HG3  H N N 136 
GLN HE21 H N N 137 
GLN HE22 H N N 138 
GLN HXT  H N N 139 
GLU N    N N N 140 
GLU CA   C N S 141 
GLU C    C N N 142 
GLU O    O N N 143 
GLU CB   C N N 144 
GLU CG   C N N 145 
GLU CD   C N N 146 
GLU OE1  O N N 147 
GLU OE2  O N N 148 
GLU OXT  O N N 149 
GLU H    H N N 150 
GLU H2   H N N 151 
GLU HA   H N N 152 
GLU HB2  H N N 153 
GLU HB3  H N N 154 
GLU HG2  H N N 155 
GLU HG3  H N N 156 
GLU HE2  H N N 157 
GLU HXT  H N N 158 
GLY N    N N N 159 
GLY CA   C N N 160 
GLY C    C N N 161 
GLY O    O N N 162 
GLY OXT  O N N 163 
GLY H    H N N 164 
GLY H2   H N N 165 
GLY HA2  H N N 166 
GLY HA3  H N N 167 
GLY HXT  H N N 168 
H2M C4   C Y N 169 
H2M C5   C Y N 170 
H2M C6   C Y N 171 
H2M C7   C Y N 172 
H2M C8   C Y N 173 
H2M C10  C Y N 174 
H2M C13  C Y N 175 
H2M C15  C Y N 176 
H2M O    O N N 177 
H2M C2   C N N 178 
H2M C1   C N N 179 
H2M N    N N N 180 
H2M C3   C N N 181 
H2M C    C N N 182 
H2M C9   C Y N 183 
H2M C14  C Y N 184 
H2M C16  C N N 185 
H2M F2   F N N 186 
H2M F1   F N N 187 
H2M F    F N N 188 
H2M C12  C Y N 189 
H2M C11  C Y N 190 
H2M H1   H N N 191 
H2M H2   H N N 192 
H2M H3   H N N 193 
H2M H4   H N N 194 
H2M H5   H N N 195 
H2M H6   H N N 196 
H2M H7   H N N 197 
H2M H8   H N N 198 
H2M H9   H N N 199 
H2M H10  H N N 200 
H2M H11  H N N 201 
H2M H12  H N N 202 
HIS N    N N N 203 
HIS CA   C N S 204 
HIS C    C N N 205 
HIS O    O N N 206 
HIS CB   C N N 207 
HIS CG   C Y N 208 
HIS ND1  N Y N 209 
HIS CD2  C Y N 210 
HIS CE1  C Y N 211 
HIS NE2  N Y N 212 
HIS OXT  O N N 213 
HIS H    H N N 214 
HIS H2   H N N 215 
HIS HA   H N N 216 
HIS HB2  H N N 217 
HIS HB3  H N N 218 
HIS HD1  H N N 219 
HIS HD2  H N N 220 
HIS HE1  H N N 221 
HIS HE2  H N N 222 
HIS HXT  H N N 223 
HOH O    O N N 224 
HOH H1   H N N 225 
HOH H2   H N N 226 
HYP N    N N N 227 
HYP CA   C N S 228 
HYP C    C N N 229 
HYP O    O N N 230 
HYP CB   C N N 231 
HYP CG   C N R 232 
HYP CD   C N N 233 
HYP OD1  O N N 234 
HYP OXT  O N N 235 
HYP H    H N N 236 
HYP HA   H N N 237 
HYP HB2  H N N 238 
HYP HB3  H N N 239 
HYP HG   H N N 240 
HYP HD22 H N N 241 
HYP HD23 H N N 242 
HYP HD1  H N N 243 
HYP HXT  H N N 244 
ILE N    N N N 245 
ILE CA   C N S 246 
ILE C    C N N 247 
ILE O    O N N 248 
ILE CB   C N S 249 
ILE CG1  C N N 250 
ILE CG2  C N N 251 
ILE CD1  C N N 252 
ILE OXT  O N N 253 
ILE H    H N N 254 
ILE H2   H N N 255 
ILE HA   H N N 256 
ILE HB   H N N 257 
ILE HG12 H N N 258 
ILE HG13 H N N 259 
ILE HG21 H N N 260 
ILE HG22 H N N 261 
ILE HG23 H N N 262 
ILE HD11 H N N 263 
ILE HD12 H N N 264 
ILE HD13 H N N 265 
ILE HXT  H N N 266 
LEU N    N N N 267 
LEU CA   C N S 268 
LEU C    C N N 269 
LEU O    O N N 270 
LEU CB   C N N 271 
LEU CG   C N N 272 
LEU CD1  C N N 273 
LEU CD2  C N N 274 
LEU OXT  O N N 275 
LEU H    H N N 276 
LEU H2   H N N 277 
LEU HA   H N N 278 
LEU HB2  H N N 279 
LEU HB3  H N N 280 
LEU HG   H N N 281 
LEU HD11 H N N 282 
LEU HD12 H N N 283 
LEU HD13 H N N 284 
LEU HD21 H N N 285 
LEU HD22 H N N 286 
LEU HD23 H N N 287 
LEU HXT  H N N 288 
LYS N    N N N 289 
LYS CA   C N S 290 
LYS C    C N N 291 
LYS O    O N N 292 
LYS CB   C N N 293 
LYS CG   C N N 294 
LYS CD   C N N 295 
LYS CE   C N N 296 
LYS NZ   N N N 297 
LYS OXT  O N N 298 
LYS H    H N N 299 
LYS H2   H N N 300 
LYS HA   H N N 301 
LYS HB2  H N N 302 
LYS HB3  H N N 303 
LYS HG2  H N N 304 
LYS HG3  H N N 305 
LYS HD2  H N N 306 
LYS HD3  H N N 307 
LYS HE2  H N N 308 
LYS HE3  H N N 309 
LYS HZ1  H N N 310 
LYS HZ2  H N N 311 
LYS HZ3  H N N 312 
LYS HXT  H N N 313 
MET N    N N N 314 
MET CA   C N S 315 
MET C    C N N 316 
MET O    O N N 317 
MET CB   C N N 318 
MET CG   C N N 319 
MET SD   S N N 320 
MET CE   C N N 321 
MET OXT  O N N 322 
MET H    H N N 323 
MET H2   H N N 324 
MET HA   H N N 325 
MET HB2  H N N 326 
MET HB3  H N N 327 
MET HG2  H N N 328 
MET HG3  H N N 329 
MET HE1  H N N 330 
MET HE2  H N N 331 
MET HE3  H N N 332 
MET HXT  H N N 333 
PHE N    N N N 334 
PHE CA   C N S 335 
PHE C    C N N 336 
PHE O    O N N 337 
PHE CB   C N N 338 
PHE CG   C Y N 339 
PHE CD1  C Y N 340 
PHE CD2  C Y N 341 
PHE CE1  C Y N 342 
PHE CE2  C Y N 343 
PHE CZ   C Y N 344 
PHE OXT  O N N 345 
PHE H    H N N 346 
PHE H2   H N N 347 
PHE HA   H N N 348 
PHE HB2  H N N 349 
PHE HB3  H N N 350 
PHE HD1  H N N 351 
PHE HD2  H N N 352 
PHE HE1  H N N 353 
PHE HE2  H N N 354 
PHE HZ   H N N 355 
PHE HXT  H N N 356 
PRO N    N N N 357 
PRO CA   C N S 358 
PRO C    C N N 359 
PRO O    O N N 360 
PRO CB   C N N 361 
PRO CG   C N N 362 
PRO CD   C N N 363 
PRO OXT  O N N 364 
PRO H    H N N 365 
PRO HA   H N N 366 
PRO HB2  H N N 367 
PRO HB3  H N N 368 
PRO HG2  H N N 369 
PRO HG3  H N N 370 
PRO HD2  H N N 371 
PRO HD3  H N N 372 
PRO HXT  H N N 373 
SER N    N N N 374 
SER CA   C N S 375 
SER C    C N N 376 
SER O    O N N 377 
SER CB   C N N 378 
SER OG   O N N 379 
SER OXT  O N N 380 
SER H    H N N 381 
SER H2   H N N 382 
SER HA   H N N 383 
SER HB2  H N N 384 
SER HB3  H N N 385 
SER HG   H N N 386 
SER HXT  H N N 387 
THR N    N N N 388 
THR CA   C N S 389 
THR C    C N N 390 
THR O    O N N 391 
THR CB   C N R 392 
THR OG1  O N N 393 
THR CG2  C N N 394 
THR OXT  O N N 395 
THR H    H N N 396 
THR H2   H N N 397 
THR HA   H N N 398 
THR HB   H N N 399 
THR HG1  H N N 400 
THR HG21 H N N 401 
THR HG22 H N N 402 
THR HG23 H N N 403 
THR HXT  H N N 404 
TYR N    N N N 405 
TYR CA   C N S 406 
TYR C    C N N 407 
TYR O    O N N 408 
TYR CB   C N N 409 
TYR CG   C Y N 410 
TYR CD1  C Y N 411 
TYR CD2  C Y N 412 
TYR CE1  C Y N 413 
TYR CE2  C Y N 414 
TYR CZ   C Y N 415 
TYR OH   O N N 416 
TYR OXT  O N N 417 
TYR H    H N N 418 
TYR H2   H N N 419 
TYR HA   H N N 420 
TYR HB2  H N N 421 
TYR HB3  H N N 422 
TYR HD1  H N N 423 
TYR HD2  H N N 424 
TYR HE1  H N N 425 
TYR HE2  H N N 426 
TYR HH   H N N 427 
TYR HXT  H N N 428 
VAL N    N N N 429 
VAL CA   C N S 430 
VAL C    C N N 431 
VAL O    O N N 432 
VAL CB   C N N 433 
VAL CG1  C N N 434 
VAL CG2  C N N 435 
VAL OXT  O N N 436 
VAL H    H N N 437 
VAL H2   H N N 438 
VAL HA   H N N 439 
VAL HB   H N N 440 
VAL HG11 H N N 441 
VAL HG12 H N N 442 
VAL HG13 H N N 443 
VAL HG21 H N N 444 
VAL HG22 H N N 445 
VAL HG23 H N N 446 
VAL HXT  H N N 447 
# 
loop_
_chem_comp_bond.comp_id 
_chem_comp_bond.atom_id_1 
_chem_comp_bond.atom_id_2 
_chem_comp_bond.value_order 
_chem_comp_bond.pdbx_aromatic_flag 
_chem_comp_bond.pdbx_stereo_config 
_chem_comp_bond.pdbx_ordinal 
ACT C   O    doub N N 1   
ACT C   OXT  sing N N 2   
ACT C   CH3  sing N N 3   
ACT CH3 H1   sing N N 4   
ACT CH3 H2   sing N N 5   
ACT CH3 H3   sing N N 6   
ALA N   CA   sing N N 7   
ALA N   H    sing N N 8   
ALA N   H2   sing N N 9   
ALA CA  C    sing N N 10  
ALA CA  CB   sing N N 11  
ALA CA  HA   sing N N 12  
ALA C   O    doub N N 13  
ALA C   OXT  sing N N 14  
ALA CB  HB1  sing N N 15  
ALA CB  HB2  sing N N 16  
ALA CB  HB3  sing N N 17  
ALA OXT HXT  sing N N 18  
ARG N   CA   sing N N 19  
ARG N   H    sing N N 20  
ARG N   H2   sing N N 21  
ARG CA  C    sing N N 22  
ARG CA  CB   sing N N 23  
ARG CA  HA   sing N N 24  
ARG C   O    doub N N 25  
ARG C   OXT  sing N N 26  
ARG CB  CG   sing N N 27  
ARG CB  HB2  sing N N 28  
ARG CB  HB3  sing N N 29  
ARG CG  CD   sing N N 30  
ARG CG  HG2  sing N N 31  
ARG CG  HG3  sing N N 32  
ARG CD  NE   sing N N 33  
ARG CD  HD2  sing N N 34  
ARG CD  HD3  sing N N 35  
ARG NE  CZ   sing N N 36  
ARG NE  HE   sing N N 37  
ARG CZ  NH1  sing N N 38  
ARG CZ  NH2  doub N N 39  
ARG NH1 HH11 sing N N 40  
ARG NH1 HH12 sing N N 41  
ARG NH2 HH21 sing N N 42  
ARG NH2 HH22 sing N N 43  
ARG OXT HXT  sing N N 44  
ASN N   CA   sing N N 45  
ASN N   H    sing N N 46  
ASN N   H2   sing N N 47  
ASN CA  C    sing N N 48  
ASN CA  CB   sing N N 49  
ASN CA  HA   sing N N 50  
ASN C   O    doub N N 51  
ASN C   OXT  sing N N 52  
ASN CB  CG   sing N N 53  
ASN CB  HB2  sing N N 54  
ASN CB  HB3  sing N N 55  
ASN CG  OD1  doub N N 56  
ASN CG  ND2  sing N N 57  
ASN ND2 HD21 sing N N 58  
ASN ND2 HD22 sing N N 59  
ASN OXT HXT  sing N N 60  
ASP N   CA   sing N N 61  
ASP N   H    sing N N 62  
ASP N   H2   sing N N 63  
ASP CA  C    sing N N 64  
ASP CA  CB   sing N N 65  
ASP CA  HA   sing N N 66  
ASP C   O    doub N N 67  
ASP C   OXT  sing N N 68  
ASP CB  CG   sing N N 69  
ASP CB  HB2  sing N N 70  
ASP CB  HB3  sing N N 71  
ASP CG  OD1  doub N N 72  
ASP CG  OD2  sing N N 73  
ASP OD2 HD2  sing N N 74  
ASP OXT HXT  sing N N 75  
CSO N   CA   sing N N 76  
CSO N   H    sing N N 77  
CSO N   H2   sing N N 78  
CSO CA  CB   sing N N 79  
CSO CA  C    sing N N 80  
CSO CA  HA   sing N N 81  
CSO CB  SG   sing N N 82  
CSO CB  HB2  sing N N 83  
CSO CB  HB3  sing N N 84  
CSO SG  OD   sing N N 85  
CSO C   O    doub N N 86  
CSO C   OXT  sing N N 87  
CSO OXT HXT  sing N N 88  
CSO OD  HD   sing N N 89  
CYS N   CA   sing N N 90  
CYS N   H    sing N N 91  
CYS N   H2   sing N N 92  
CYS CA  C    sing N N 93  
CYS CA  CB   sing N N 94  
CYS CA  HA   sing N N 95  
CYS C   O    doub N N 96  
CYS C   OXT  sing N N 97  
CYS CB  SG   sing N N 98  
CYS CB  HB2  sing N N 99  
CYS CB  HB3  sing N N 100 
CYS SG  HG   sing N N 101 
CYS OXT HXT  sing N N 102 
DMS S   O    doub N N 103 
DMS S   C1   sing N N 104 
DMS S   C2   sing N N 105 
DMS C1  H11  sing N N 106 
DMS C1  H12  sing N N 107 
DMS C1  H13  sing N N 108 
DMS C2  H21  sing N N 109 
DMS C2  H22  sing N N 110 
DMS C2  H23  sing N N 111 
GLN N   CA   sing N N 112 
GLN N   H    sing N N 113 
GLN N   H2   sing N N 114 
GLN CA  C    sing N N 115 
GLN CA  CB   sing N N 116 
GLN CA  HA   sing N N 117 
GLN C   O    doub N N 118 
GLN C   OXT  sing N N 119 
GLN CB  CG   sing N N 120 
GLN CB  HB2  sing N N 121 
GLN CB  HB3  sing N N 122 
GLN CG  CD   sing N N 123 
GLN CG  HG2  sing N N 124 
GLN CG  HG3  sing N N 125 
GLN CD  OE1  doub N N 126 
GLN CD  NE2  sing N N 127 
GLN NE2 HE21 sing N N 128 
GLN NE2 HE22 sing N N 129 
GLN OXT HXT  sing N N 130 
GLU N   CA   sing N N 131 
GLU N   H    sing N N 132 
GLU N   H2   sing N N 133 
GLU CA  C    sing N N 134 
GLU CA  CB   sing N N 135 
GLU CA  HA   sing N N 136 
GLU C   O    doub N N 137 
GLU C   OXT  sing N N 138 
GLU CB  CG   sing N N 139 
GLU CB  HB2  sing N N 140 
GLU CB  HB3  sing N N 141 
GLU CG  CD   sing N N 142 
GLU CG  HG2  sing N N 143 
GLU CG  HG3  sing N N 144 
GLU CD  OE1  doub N N 145 
GLU CD  OE2  sing N N 146 
GLU OE2 HE2  sing N N 147 
GLU OXT HXT  sing N N 148 
GLY N   CA   sing N N 149 
GLY N   H    sing N N 150 
GLY N   H2   sing N N 151 
GLY CA  C    sing N N 152 
GLY CA  HA2  sing N N 153 
GLY CA  HA3  sing N N 154 
GLY C   O    doub N N 155 
GLY C   OXT  sing N N 156 
GLY OXT HXT  sing N N 157 
H2M C7  C8   doub Y N 158 
H2M C7  C6   sing Y N 159 
H2M C8  C9   sing Y N 160 
H2M C6  C5   doub Y N 161 
H2M F2  C16  sing N N 162 
H2M C9  C10  sing N N 163 
H2M C9  C4   doub Y N 164 
H2M F   C16  sing N N 165 
H2M C16 C14  sing N N 166 
H2M C16 F1   sing N N 167 
H2M C15 C10  doub Y N 168 
H2M C15 C14  sing Y N 169 
H2M C5  C4   sing Y N 170 
H2M C10 C11  sing Y N 171 
H2M C14 C13  doub Y N 172 
H2M C11 C12  doub Y N 173 
H2M C4  N    sing N N 174 
H2M C13 C12  sing Y N 175 
H2M O   C2   doub N N 176 
H2M N   C2   sing N N 177 
H2M N   C3   sing N N 178 
H2M C2  C1   sing N N 179 
H2M C3  C    doub N N 180 
H2M C1  C    sing N N 181 
H2M C5  H1   sing N N 182 
H2M C6  H2   sing N N 183 
H2M C7  H3   sing N N 184 
H2M C8  H4   sing N N 185 
H2M C13 H5   sing N N 186 
H2M C15 H6   sing N N 187 
H2M C1  H7   sing N N 188 
H2M C1  H8   sing N N 189 
H2M C3  H9   sing N N 190 
H2M C   H10  sing N N 191 
H2M C12 H11  sing N N 192 
H2M C11 H12  sing N N 193 
HIS N   CA   sing N N 194 
HIS N   H    sing N N 195 
HIS N   H2   sing N N 196 
HIS CA  C    sing N N 197 
HIS CA  CB   sing N N 198 
HIS CA  HA   sing N N 199 
HIS C   O    doub N N 200 
HIS C   OXT  sing N N 201 
HIS CB  CG   sing N N 202 
HIS CB  HB2  sing N N 203 
HIS CB  HB3  sing N N 204 
HIS CG  ND1  sing Y N 205 
HIS CG  CD2  doub Y N 206 
HIS ND1 CE1  doub Y N 207 
HIS ND1 HD1  sing N N 208 
HIS CD2 NE2  sing Y N 209 
HIS CD2 HD2  sing N N 210 
HIS CE1 NE2  sing Y N 211 
HIS CE1 HE1  sing N N 212 
HIS NE2 HE2  sing N N 213 
HIS OXT HXT  sing N N 214 
HOH O   H1   sing N N 215 
HOH O   H2   sing N N 216 
HYP N   CA   sing N N 217 
HYP N   CD   sing N N 218 
HYP N   H    sing N N 219 
HYP CA  C    sing N N 220 
HYP CA  CB   sing N N 221 
HYP CA  HA   sing N N 222 
HYP C   O    doub N N 223 
HYP C   OXT  sing N N 224 
HYP CB  CG   sing N N 225 
HYP CB  HB2  sing N N 226 
HYP CB  HB3  sing N N 227 
HYP CG  CD   sing N N 228 
HYP CG  OD1  sing N N 229 
HYP CG  HG   sing N N 230 
HYP CD  HD22 sing N N 231 
HYP CD  HD23 sing N N 232 
HYP OD1 HD1  sing N N 233 
HYP OXT HXT  sing N N 234 
ILE N   CA   sing N N 235 
ILE N   H    sing N N 236 
ILE N   H2   sing N N 237 
ILE CA  C    sing N N 238 
ILE CA  CB   sing N N 239 
ILE CA  HA   sing N N 240 
ILE C   O    doub N N 241 
ILE C   OXT  sing N N 242 
ILE CB  CG1  sing N N 243 
ILE CB  CG2  sing N N 244 
ILE CB  HB   sing N N 245 
ILE CG1 CD1  sing N N 246 
ILE CG1 HG12 sing N N 247 
ILE CG1 HG13 sing N N 248 
ILE CG2 HG21 sing N N 249 
ILE CG2 HG22 sing N N 250 
ILE CG2 HG23 sing N N 251 
ILE CD1 HD11 sing N N 252 
ILE CD1 HD12 sing N N 253 
ILE CD1 HD13 sing N N 254 
ILE OXT HXT  sing N N 255 
LEU N   CA   sing N N 256 
LEU N   H    sing N N 257 
LEU N   H2   sing N N 258 
LEU CA  C    sing N N 259 
LEU CA  CB   sing N N 260 
LEU CA  HA   sing N N 261 
LEU C   O    doub N N 262 
LEU C   OXT  sing N N 263 
LEU CB  CG   sing N N 264 
LEU CB  HB2  sing N N 265 
LEU CB  HB3  sing N N 266 
LEU CG  CD1  sing N N 267 
LEU CG  CD2  sing N N 268 
LEU CG  HG   sing N N 269 
LEU CD1 HD11 sing N N 270 
LEU CD1 HD12 sing N N 271 
LEU CD1 HD13 sing N N 272 
LEU CD2 HD21 sing N N 273 
LEU CD2 HD22 sing N N 274 
LEU CD2 HD23 sing N N 275 
LEU OXT HXT  sing N N 276 
LYS N   CA   sing N N 277 
LYS N   H    sing N N 278 
LYS N   H2   sing N N 279 
LYS CA  C    sing N N 280 
LYS CA  CB   sing N N 281 
LYS CA  HA   sing N N 282 
LYS C   O    doub N N 283 
LYS C   OXT  sing N N 284 
LYS CB  CG   sing N N 285 
LYS CB  HB2  sing N N 286 
LYS CB  HB3  sing N N 287 
LYS CG  CD   sing N N 288 
LYS CG  HG2  sing N N 289 
LYS CG  HG3  sing N N 290 
LYS CD  CE   sing N N 291 
LYS CD  HD2  sing N N 292 
LYS CD  HD3  sing N N 293 
LYS CE  NZ   sing N N 294 
LYS CE  HE2  sing N N 295 
LYS CE  HE3  sing N N 296 
LYS NZ  HZ1  sing N N 297 
LYS NZ  HZ2  sing N N 298 
LYS NZ  HZ3  sing N N 299 
LYS OXT HXT  sing N N 300 
MET N   CA   sing N N 301 
MET N   H    sing N N 302 
MET N   H2   sing N N 303 
MET CA  C    sing N N 304 
MET CA  CB   sing N N 305 
MET CA  HA   sing N N 306 
MET C   O    doub N N 307 
MET C   OXT  sing N N 308 
MET CB  CG   sing N N 309 
MET CB  HB2  sing N N 310 
MET CB  HB3  sing N N 311 
MET CG  SD   sing N N 312 
MET CG  HG2  sing N N 313 
MET CG  HG3  sing N N 314 
MET SD  CE   sing N N 315 
MET CE  HE1  sing N N 316 
MET CE  HE2  sing N N 317 
MET CE  HE3  sing N N 318 
MET OXT HXT  sing N N 319 
PHE N   CA   sing N N 320 
PHE N   H    sing N N 321 
PHE N   H2   sing N N 322 
PHE CA  C    sing N N 323 
PHE CA  CB   sing N N 324 
PHE CA  HA   sing N N 325 
PHE C   O    doub N N 326 
PHE C   OXT  sing N N 327 
PHE CB  CG   sing N N 328 
PHE CB  HB2  sing N N 329 
PHE CB  HB3  sing N N 330 
PHE CG  CD1  doub Y N 331 
PHE CG  CD2  sing Y N 332 
PHE CD1 CE1  sing Y N 333 
PHE CD1 HD1  sing N N 334 
PHE CD2 CE2  doub Y N 335 
PHE CD2 HD2  sing N N 336 
PHE CE1 CZ   doub Y N 337 
PHE CE1 HE1  sing N N 338 
PHE CE2 CZ   sing Y N 339 
PHE CE2 HE2  sing N N 340 
PHE CZ  HZ   sing N N 341 
PHE OXT HXT  sing N N 342 
PRO N   CA   sing N N 343 
PRO N   CD   sing N N 344 
PRO N   H    sing N N 345 
PRO CA  C    sing N N 346 
PRO CA  CB   sing N N 347 
PRO CA  HA   sing N N 348 
PRO C   O    doub N N 349 
PRO C   OXT  sing N N 350 
PRO CB  CG   sing N N 351 
PRO CB  HB2  sing N N 352 
PRO CB  HB3  sing N N 353 
PRO CG  CD   sing N N 354 
PRO CG  HG2  sing N N 355 
PRO CG  HG3  sing N N 356 
PRO CD  HD2  sing N N 357 
PRO CD  HD3  sing N N 358 
PRO OXT HXT  sing N N 359 
SER N   CA   sing N N 360 
SER N   H    sing N N 361 
SER N   H2   sing N N 362 
SER CA  C    sing N N 363 
SER CA  CB   sing N N 364 
SER CA  HA   sing N N 365 
SER C   O    doub N N 366 
SER C   OXT  sing N N 367 
SER CB  OG   sing N N 368 
SER CB  HB2  sing N N 369 
SER CB  HB3  sing N N 370 
SER OG  HG   sing N N 371 
SER OXT HXT  sing N N 372 
THR N   CA   sing N N 373 
THR N   H    sing N N 374 
THR N   H2   sing N N 375 
THR CA  C    sing N N 376 
THR CA  CB   sing N N 377 
THR CA  HA   sing N N 378 
THR C   O    doub N N 379 
THR C   OXT  sing N N 380 
THR CB  OG1  sing N N 381 
THR CB  CG2  sing N N 382 
THR CB  HB   sing N N 383 
THR OG1 HG1  sing N N 384 
THR CG2 HG21 sing N N 385 
THR CG2 HG22 sing N N 386 
THR CG2 HG23 sing N N 387 
THR OXT HXT  sing N N 388 
TYR N   CA   sing N N 389 
TYR N   H    sing N N 390 
TYR N   H2   sing N N 391 
TYR CA  C    sing N N 392 
TYR CA  CB   sing N N 393 
TYR CA  HA   sing N N 394 
TYR C   O    doub N N 395 
TYR C   OXT  sing N N 396 
TYR CB  CG   sing N N 397 
TYR CB  HB2  sing N N 398 
TYR CB  HB3  sing N N 399 
TYR CG  CD1  doub Y N 400 
TYR CG  CD2  sing Y N 401 
TYR CD1 CE1  sing Y N 402 
TYR CD1 HD1  sing N N 403 
TYR CD2 CE2  doub Y N 404 
TYR CD2 HD2  sing N N 405 
TYR CE1 CZ   doub Y N 406 
TYR CE1 HE1  sing N N 407 
TYR CE2 CZ   sing Y N 408 
TYR CE2 HE2  sing N N 409 
TYR CZ  OH   sing N N 410 
TYR OH  HH   sing N N 411 
TYR OXT HXT  sing N N 412 
VAL N   CA   sing N N 413 
VAL N   H    sing N N 414 
VAL N   H2   sing N N 415 
VAL CA  C    sing N N 416 
VAL CA  CB   sing N N 417 
VAL CA  HA   sing N N 418 
VAL C   O    doub N N 419 
VAL C   OXT  sing N N 420 
VAL CB  CG1  sing N N 421 
VAL CB  CG2  sing N N 422 
VAL CB  HB   sing N N 423 
VAL CG1 HG11 sing N N 424 
VAL CG1 HG12 sing N N 425 
VAL CG1 HG13 sing N N 426 
VAL CG2 HG21 sing N N 427 
VAL CG2 HG22 sing N N 428 
VAL CG2 HG23 sing N N 429 
VAL OXT HXT  sing N N 430 
# 
_pdbx_deposit_group.group_id            G_1002045 
_pdbx_deposit_group.group_description   
;human NUDT7 screened against the 3D-Fragment Consortium Library by X-ray Crystallography at the XChem facility of Diamond Light Source beamline I04-1
;
_pdbx_deposit_group.group_title         'PanDDA analysis group deposition of models with modelled events (e.g. bound ligands)' 
_pdbx_deposit_group.group_type          'changed state' 
# 
loop_
_pdbx_entity_nonpoly.entity_id 
_pdbx_entity_nonpoly.name 
_pdbx_entity_nonpoly.comp_id 
2 'ACETATE ION'                                                              ACT 
3 'DIMETHYL SULFOXIDE'                                                       DMS 
4 "1-[3'-(trifluoromethyl)[1,1'-biphenyl]-2-yl]-1,3-dihydro-2H-pyrrol-2-one" H2M 
5 water                                                                      HOH 
# 
_pdbx_related_exp_data_set.ordinal              1 
_pdbx_related_exp_data_set.data_reference       10.5281/zenodo.1244111 
_pdbx_related_exp_data_set.metadata_reference   10.5281/zenodo.1244111 
_pdbx_related_exp_data_set.data_set_type        'other data' 
_pdbx_related_exp_data_set.details              'Complete PanDDA analysis' 
# 
